data_5H41
#
_entry.id   5H41
#
_cell.length_a   86.692
_cell.length_b   94.877
_cell.length_c   157.357
_cell.angle_alpha   90.00
_cell.angle_beta   100.81
_cell.angle_gamma   90.00
#
_symmetry.space_group_name_H-M   'P 1 21 1'
#
loop_
_entity.id
_entity.type
_entity.pdbx_description
1 polymer 'Uncharacterized protein'
2 branched beta-D-glucopyranose-(1-2)-alpha-D-glucopyranose
3 non-polymer 5-HYDROXYMETHYL-3,4-DIHYDROXYPIPERIDINE
4 non-polymer 'SULFATE ION'
5 water water
#
_entity_poly.entity_id   1
_entity_poly.type   'polypeptide(L)'
_entity_poly.pdbx_seq_one_letter_code
;MGILKTLSAPIILENSNSTFTFLPGGDNFEWIHESIMINAFQGNTLDGSTNNLYLRIYKDNSLAFYPLIGMNSKSTIKSG
TSTLIFEGTAEDISYTVTFRLTPYGIWFWDISLSGNCNKADIIYSQDIGVGTKGSVNSNELYLAQYLGHSIFQGDYGYVI
CSRQNMAQGDLFPYLQQGSLGIRSIAYSTDGTQFFGLSYKKTNIPEALYGDLPSKNKQYELAHTALQTEAFSLSGTKQFS
FYGICKTNHPEVIREIEYIQELEKAYAYHESGEILPVNVPTLQNIGAPYASSRWDAKQVEHYFPKRLLEEKEEEALLSFF
TPEKSHVVLQDKELTTERPHGHILMTNFDVTKVPQGVVSSTNYMYGAFNCQFVVGNTTYNKLLSNHRGLLNIQKDSGQRI
FIKIGDCYRQLTLPAAYEMNVAGSTWYYQLDEDVLIITSFAMYNRPEIVLKVQSLGHKKYDFIVTHQLTVGPNEYENEIK
LTREGNILQLSPTDPVVTNHFYPELSFRMRIPEDCTLSDDSIFFHNNTTINPSLLSIEILQKSSFDIVMQGFDTGNVIPF
LDQYDYKEQLEAYRIYYDQLVCNFKLSAPDKIPLSAEKLNAIIHWYAHDALIHFASPHGLEQSGGAAWGTRDVCQGPIEF
FLTTGHFDLVRHILITLYSHQIEGGFEWPQWFMFDHYPIHQEDCHGDVVFWPLKAISDYIQATGDTSILNELVDYRTAKD
ALPTNQPETILIHIKRAVTTIKNRYLSGTALISYAGGDWDDTLQPANSELKENLVSAWTQALAEQTLELLCSAIKGIDHD
FSKELSHMANDIRTSFYQYLIKDGVIAGFLYRESEEHMKYMLHPDDTESSIHYRLLPLTRSIIAQLADFKLATRNLEIID
EHLACPDGVRLMDHPASYSGGISKIFLRAEQAANVGREISLQYVHAHIRYIEALATMGLSKKAWDALMRINPILLTDYVP
NALTRQSNVYFSSSEGCFDDRYEYAKNFDKLRTGDINVKGGWRLYSSGPGIYIRRIIADLLGIRFGHNVIHIDPVVTKEL
DGVTLQFTCFGKTVFFTYHVDDTMDKHICVKSNNNILPGDNLNNIYRDGGIQIAKDVFLSAAMSDNNFHIYVKNLEHHHH
HH
;
_entity_poly.pdbx_strand_id   A,B
#
# COMPACT_ATOMS: atom_id res chain seq x y z
N GLY A 2 -16.27 -26.46 -48.67
CA GLY A 2 -16.13 -25.01 -48.43
C GLY A 2 -14.72 -24.71 -47.95
N ILE A 3 -14.18 -23.60 -48.42
CA ILE A 3 -12.85 -23.13 -48.07
C ILE A 3 -13.14 -21.94 -47.17
N LEU A 4 -12.64 -21.97 -45.94
CA LEU A 4 -12.67 -20.77 -45.09
C LEU A 4 -11.45 -19.91 -45.36
N LYS A 5 -11.69 -18.69 -45.79
CA LYS A 5 -10.63 -17.71 -45.99
C LYS A 5 -10.03 -17.29 -44.65
N THR A 6 -8.92 -16.57 -44.74
CA THR A 6 -8.22 -16.03 -43.60
C THR A 6 -8.73 -14.60 -43.32
N LEU A 7 -8.78 -14.22 -42.06
CA LEU A 7 -9.01 -12.81 -41.70
C LEU A 7 -7.83 -11.94 -42.17
N SER A 8 -8.12 -10.86 -42.89
CA SER A 8 -7.16 -9.81 -43.19
C SER A 8 -7.73 -8.50 -42.66
N ALA A 9 -6.93 -7.74 -41.95
CA ALA A 9 -7.39 -6.45 -41.44
C ALA A 9 -7.67 -5.57 -42.64
N PRO A 10 -8.89 -5.03 -42.77
CA PRO A 10 -9.20 -4.23 -43.95
C PRO A 10 -8.72 -2.75 -43.89
N ILE A 11 -8.37 -2.21 -42.73
CA ILE A 11 -7.91 -0.86 -42.66
C ILE A 11 -6.39 -0.91 -42.54
N ILE A 12 -5.70 -0.42 -43.56
CA ILE A 12 -4.26 -0.60 -43.67
C ILE A 12 -3.61 0.77 -43.78
N LEU A 13 -2.94 1.21 -42.74
CA LEU A 13 -2.30 2.53 -42.75
C LEU A 13 -0.81 2.33 -42.94
N GLU A 14 -0.20 3.15 -43.82
CA GLU A 14 1.20 2.97 -44.17
C GLU A 14 1.91 4.28 -44.19
N ASN A 15 3.16 4.22 -43.79
CA ASN A 15 4.07 5.34 -43.97
C ASN A 15 5.48 4.80 -43.77
N SER A 16 6.49 5.65 -43.89
CA SER A 16 7.85 5.12 -44.00
C SER A 16 8.17 4.16 -42.87
N ASN A 17 8.51 2.95 -43.29
CA ASN A 17 8.94 1.89 -42.39
C ASN A 17 7.85 1.41 -41.40
N SER A 18 6.58 1.71 -41.67
CA SER A 18 5.48 1.41 -40.75
C SER A 18 4.23 0.95 -41.45
N THR A 19 3.65 -0.11 -40.90
CA THR A 19 2.33 -0.60 -41.35
C THR A 19 1.49 -0.85 -40.12
N PHE A 20 0.42 -0.07 -39.96
CA PHE A 20 -0.48 -0.18 -38.82
C PHE A 20 -1.81 -0.57 -39.40
N THR A 21 -2.30 -1.76 -39.01
CA THR A 21 -3.59 -2.26 -39.46
C THR A 21 -4.65 -2.29 -38.33
N PHE A 22 -5.91 -2.13 -38.76
CA PHE A 22 -7.06 -2.06 -37.88
C PHE A 22 -8.22 -2.89 -38.47
N LEU A 23 -9.07 -3.40 -37.59
CA LEU A 23 -10.31 -4.04 -37.94
C LEU A 23 -11.35 -2.99 -38.23
N PRO A 24 -12.51 -3.37 -38.79
CA PRO A 24 -13.38 -2.32 -39.37
C PRO A 24 -13.99 -1.33 -38.37
N GLY A 25 -14.08 -1.72 -37.10
CA GLY A 25 -14.49 -0.82 -36.03
C GLY A 25 -13.39 0.09 -35.52
N GLY A 26 -12.22 0.02 -36.15
CA GLY A 26 -11.11 0.84 -35.77
C GLY A 26 -10.31 0.25 -34.61
N ASP A 27 -10.46 -1.05 -34.38
CA ASP A 27 -9.72 -1.73 -33.33
C ASP A 27 -8.34 -2.09 -33.83
N ASN A 28 -7.33 -1.96 -32.99
CA ASN A 28 -5.98 -2.27 -33.40
C ASN A 28 -5.90 -3.74 -33.81
N PHE A 29 -5.19 -3.99 -34.91
CA PHE A 29 -4.91 -5.36 -35.31
C PHE A 29 -3.41 -5.61 -35.15
N GLU A 30 -2.58 -5.11 -36.07
CA GLU A 30 -1.12 -5.22 -35.96
C GLU A 30 -0.49 -3.86 -36.29
N TRP A 31 0.23 -3.31 -35.32
CA TRP A 31 0.98 -2.09 -35.46
C TRP A 31 2.46 -2.48 -35.56
N ILE A 32 3.02 -2.35 -36.78
CA ILE A 32 4.37 -2.75 -37.08
C ILE A 32 5.19 -1.54 -37.50
N HIS A 33 6.34 -1.38 -36.86
CA HIS A 33 7.36 -0.45 -37.31
C HIS A 33 8.65 -1.22 -37.53
N GLU A 34 9.10 -1.29 -38.78
CA GLU A 34 10.30 -2.07 -39.19
C GLU A 34 10.42 -3.41 -38.47
N SER A 35 9.56 -4.37 -38.69
CA SER A 35 9.82 -5.64 -37.96
C SER A 35 9.47 -5.65 -36.44
N ILE A 36 9.22 -4.51 -35.81
CA ILE A 36 8.83 -4.48 -34.37
C ILE A 36 7.32 -4.32 -34.25
N MET A 37 6.69 -5.27 -33.63
CA MET A 37 5.25 -5.15 -33.31
C MET A 37 5.08 -4.34 -32.04
N ILE A 38 4.24 -3.30 -32.12
CA ILE A 38 4.13 -2.33 -31.06
C ILE A 38 3.07 -2.76 -30.03
N ASN A 39 1.88 -3.16 -30.49
CA ASN A 39 0.82 -3.63 -29.61
C ASN A 39 1.12 -5.06 -29.15
N ALA A 40 0.49 -5.49 -28.09
CA ALA A 40 0.67 -6.83 -27.53
C ALA A 40 -0.33 -7.86 -28.00
N PHE A 41 -1.55 -7.43 -28.23
CA PHE A 41 -2.65 -8.29 -28.61
C PHE A 41 -3.30 -7.77 -29.89
N GLN A 42 -3.57 -8.70 -30.82
CA GLN A 42 -4.34 -8.38 -31.99
C GLN A 42 -5.75 -8.28 -31.51
N GLY A 43 -6.49 -7.27 -32.02
CA GLY A 43 -7.90 -7.19 -31.80
C GLY A 43 -8.63 -8.37 -32.46
N ASN A 44 -9.86 -8.64 -32.03
CA ASN A 44 -10.70 -9.63 -32.70
C ASN A 44 -12.04 -8.95 -32.99
N THR A 45 -12.82 -9.58 -33.85
CA THR A 45 -14.00 -8.95 -34.44
C THR A 45 -15.20 -8.81 -33.48
N LEU A 46 -15.23 -9.60 -32.43
CA LEU A 46 -16.32 -9.53 -31.42
C LEU A 46 -16.01 -8.67 -30.21
N ASP A 47 -14.74 -8.57 -29.80
CA ASP A 47 -14.35 -7.81 -28.56
C ASP A 47 -13.71 -6.50 -28.90
N GLY A 48 -13.21 -6.38 -30.10
CA GLY A 48 -12.28 -5.28 -30.44
C GLY A 48 -10.88 -5.58 -29.91
N SER A 49 -10.20 -4.52 -29.48
CA SER A 49 -8.82 -4.60 -29.08
C SER A 49 -8.74 -4.18 -27.60
N THR A 50 -7.57 -4.36 -27.02
CA THR A 50 -7.35 -4.10 -25.58
C THR A 50 -7.10 -2.61 -25.28
N ASN A 51 -6.65 -1.88 -26.29
CA ASN A 51 -6.37 -0.44 -26.17
C ASN A 51 -7.66 0.34 -26.34
N ASN A 52 -7.65 1.57 -25.85
CA ASN A 52 -8.74 2.49 -26.10
C ASN A 52 -8.38 3.93 -25.64
N LEU A 53 -9.34 4.82 -25.82
CA LEU A 53 -9.30 6.18 -25.28
C LEU A 53 -10.65 6.45 -24.67
N TYR A 54 -10.69 6.78 -23.35
CA TYR A 54 -11.97 6.86 -22.63
C TYR A 54 -12.23 8.29 -22.18
N LEU A 55 -13.42 8.77 -22.49
CA LEU A 55 -13.90 10.05 -22.01
C LEU A 55 -14.70 9.79 -20.76
N ARG A 56 -14.32 10.43 -19.68
CA ARG A 56 -15.10 10.34 -18.45
C ARG A 56 -15.77 11.67 -18.12
N ILE A 57 -16.99 11.57 -17.64
CA ILE A 57 -17.80 12.74 -17.34
C ILE A 57 -18.23 12.59 -15.87
N TYR A 58 -17.89 13.59 -15.09
CA TYR A 58 -18.19 13.60 -13.64
C TYR A 58 -19.39 14.49 -13.36
N LYS A 59 -20.37 13.96 -12.62
CA LYS A 59 -21.51 14.74 -12.12
C LYS A 59 -21.68 14.54 -10.65
N ASP A 60 -22.59 15.30 -10.07
CA ASP A 60 -22.75 15.29 -8.63
C ASP A 60 -23.16 13.92 -8.14
N ASN A 61 -23.79 13.09 -8.98
CA ASN A 61 -24.26 11.78 -8.56
C ASN A 61 -23.77 10.65 -9.42
N SER A 62 -22.77 10.89 -10.25
CA SER A 62 -22.33 9.81 -11.15
C SER A 62 -21.01 10.08 -11.76
N LEU A 63 -20.41 8.98 -12.18
CA LEU A 63 -19.25 9.04 -13.06
C LEU A 63 -19.58 8.16 -14.22
N ALA A 64 -19.33 8.67 -15.42
CA ALA A 64 -19.61 7.93 -16.65
C ALA A 64 -18.35 7.88 -17.48
N PHE A 65 -18.21 6.79 -18.24
CA PHE A 65 -17.00 6.54 -19.00
C PHE A 65 -17.41 6.00 -20.37
N TYR A 66 -16.80 6.53 -21.44
CA TYR A 66 -17.15 6.12 -22.82
C TYR A 66 -15.93 5.88 -23.65
N PRO A 67 -15.83 4.70 -24.24
CA PRO A 67 -14.73 4.46 -25.21
C PRO A 67 -14.92 5.32 -26.48
N LEU A 68 -13.88 6.00 -26.92
CA LEU A 68 -13.94 6.83 -28.14
C LEU A 68 -13.56 6.13 -29.46
N ILE A 69 -12.82 5.02 -29.35
CA ILE A 69 -12.34 4.29 -30.49
C ILE A 69 -12.80 2.86 -30.43
N GLY A 70 -12.66 2.20 -31.55
CA GLY A 70 -12.96 0.77 -31.65
C GLY A 70 -14.42 0.44 -31.70
N MET A 71 -14.71 -0.83 -31.81
CA MET A 71 -16.07 -1.24 -32.19
C MET A 71 -17.10 -0.99 -31.07
N ASN A 72 -16.62 -0.90 -29.83
CA ASN A 72 -17.48 -0.52 -28.71
C ASN A 72 -17.77 1.00 -28.62
N SER A 73 -17.09 1.87 -29.36
CA SER A 73 -17.42 3.30 -29.37
C SER A 73 -18.68 3.42 -30.25
N LYS A 74 -19.32 4.56 -30.28
CA LYS A 74 -20.35 4.73 -31.33
C LYS A 74 -19.73 5.55 -32.47
N SER A 75 -18.47 5.31 -32.83
CA SER A 75 -17.77 6.16 -33.80
C SER A 75 -18.05 5.76 -35.27
N THR A 76 -18.23 6.76 -36.14
CA THR A 76 -18.08 6.55 -37.58
C THR A 76 -16.64 6.74 -37.86
N ILE A 77 -16.19 6.26 -39.00
CA ILE A 77 -14.78 6.27 -39.34
C ILE A 77 -14.60 6.72 -40.78
N LYS A 78 -13.55 7.53 -40.94
CA LYS A 78 -12.96 7.83 -42.26
C LYS A 78 -11.47 7.49 -42.26
N SER A 79 -10.96 7.02 -43.41
CA SER A 79 -9.55 6.70 -43.57
C SER A 79 -8.89 7.30 -44.81
N GLY A 80 -7.61 7.57 -44.66
CA GLY A 80 -6.74 7.88 -45.79
C GLY A 80 -5.62 6.84 -45.78
N THR A 81 -4.50 7.16 -46.37
CA THR A 81 -3.40 6.22 -46.47
C THR A 81 -2.63 6.10 -45.10
N SER A 82 -2.66 7.17 -44.29
CA SER A 82 -1.95 7.16 -43.01
C SER A 82 -2.71 7.85 -41.87
N THR A 83 -4.03 7.95 -42.00
CA THR A 83 -4.85 8.72 -41.12
C THR A 83 -6.19 8.00 -40.94
N LEU A 84 -6.67 7.96 -39.69
CA LEU A 84 -8.06 7.61 -39.40
C LEU A 84 -8.73 8.73 -38.62
N ILE A 85 -10.01 8.96 -38.91
CA ILE A 85 -10.80 9.96 -38.20
C ILE A 85 -12.05 9.25 -37.67
N PHE A 86 -12.16 9.20 -36.32
CA PHE A 86 -13.35 8.69 -35.60
C PHE A 86 -14.19 9.91 -35.19
N GLU A 87 -15.50 9.84 -35.37
CA GLU A 87 -16.40 10.92 -34.95
C GLU A 87 -17.60 10.33 -34.27
N GLY A 88 -18.06 11.01 -33.22
CA GLY A 88 -19.24 10.62 -32.52
C GLY A 88 -19.60 11.56 -31.43
N THR A 89 -20.53 11.11 -30.63
CA THR A 89 -20.90 11.86 -29.45
C THR A 89 -20.95 10.94 -28.22
N ALA A 90 -20.73 11.53 -27.07
CA ALA A 90 -20.86 10.84 -25.78
C ALA A 90 -21.63 11.79 -24.91
N GLU A 91 -22.84 11.36 -24.53
CA GLU A 91 -23.82 12.24 -23.93
C GLU A 91 -24.01 13.44 -24.87
N ASP A 92 -23.71 14.65 -24.41
CA ASP A 92 -23.85 15.82 -25.28
C ASP A 92 -22.45 16.48 -25.50
N ILE A 93 -21.44 15.60 -25.55
CA ILE A 93 -20.09 16.02 -26.03
C ILE A 93 -19.93 15.43 -27.41
N SER A 94 -19.49 16.27 -28.34
CA SER A 94 -19.14 15.82 -29.69
C SER A 94 -17.66 15.64 -29.71
N TYR A 95 -17.20 14.55 -30.32
CA TYR A 95 -15.75 14.34 -30.35
C TYR A 95 -15.25 13.94 -31.73
N THR A 96 -14.01 14.28 -31.97
CA THR A 96 -13.29 13.66 -33.07
C THR A 96 -11.98 13.14 -32.53
N VAL A 97 -11.64 11.94 -32.96
CA VAL A 97 -10.32 11.40 -32.73
C VAL A 97 -9.64 11.16 -34.09
N THR A 98 -8.48 11.80 -34.27
CA THR A 98 -7.68 11.62 -35.47
C THR A 98 -6.42 10.81 -35.18
N PHE A 99 -6.37 9.63 -35.77
CA PHE A 99 -5.15 8.84 -35.71
C PHE A 99 -4.21 9.22 -36.87
N ARG A 100 -2.97 9.57 -36.57
CA ARG A 100 -1.95 9.78 -37.57
C ARG A 100 -0.77 8.86 -37.44
N LEU A 101 -0.43 8.19 -38.53
CA LEU A 101 0.81 7.48 -38.65
C LEU A 101 1.77 8.34 -39.47
N THR A 102 2.84 8.80 -38.85
CA THR A 102 3.77 9.72 -39.53
C THR A 102 4.91 8.91 -40.12
N PRO A 103 5.81 9.53 -40.90
CA PRO A 103 6.99 8.81 -41.40
C PRO A 103 8.06 8.49 -40.38
N TYR A 104 7.95 9.03 -39.18
CA TYR A 104 9.05 8.97 -38.20
C TYR A 104 8.98 7.83 -37.19
N GLY A 105 8.16 6.83 -37.45
CA GLY A 105 7.92 5.79 -36.45
C GLY A 105 7.19 6.39 -35.23
N ILE A 106 6.43 7.43 -35.48
CA ILE A 106 5.70 8.19 -34.47
C ILE A 106 4.28 8.25 -34.92
N TRP A 107 3.37 8.02 -33.98
CA TRP A 107 1.92 8.18 -34.22
C TRP A 107 1.25 9.09 -33.24
N PHE A 108 0.09 9.62 -33.58
CA PHE A 108 -0.64 10.53 -32.73
C PHE A 108 -2.09 10.15 -32.68
N TRP A 109 -2.68 10.34 -31.51
CA TRP A 109 -4.13 10.35 -31.39
C TRP A 109 -4.48 11.80 -31.01
N ASP A 110 -5.05 12.52 -31.96
CA ASP A 110 -5.44 13.95 -31.79
C ASP A 110 -6.91 13.96 -31.40
N ILE A 111 -7.20 14.47 -30.21
CA ILE A 111 -8.54 14.43 -29.68
C ILE A 111 -9.08 15.85 -29.77
N SER A 112 -10.33 15.95 -30.18
CA SER A 112 -11.05 17.22 -30.17
C SER A 112 -12.42 17.01 -29.59
N LEU A 113 -12.74 17.85 -28.64
CA LEU A 113 -13.99 17.74 -27.88
C LEU A 113 -14.74 19.06 -27.97
N SER A 114 -16.05 18.96 -28.18
CA SER A 114 -16.98 20.10 -28.33
C SER A 114 -18.22 19.84 -27.54
N GLY A 115 -18.50 20.78 -26.64
CA GLY A 115 -19.73 20.71 -25.86
C GLY A 115 -19.61 21.49 -24.58
N ASN A 116 -20.50 21.18 -23.68
CA ASN A 116 -20.57 21.89 -22.48
C ASN A 116 -20.81 20.98 -21.31
N CYS A 117 -19.75 20.84 -20.52
CA CYS A 117 -19.81 20.08 -19.30
C CYS A 117 -18.81 20.62 -18.24
N ASN A 118 -19.20 20.33 -17.03
CA ASN A 118 -18.54 20.82 -15.87
C ASN A 118 -17.17 20.17 -15.58
N LYS A 119 -17.07 18.86 -15.71
CA LYS A 119 -15.85 18.18 -15.36
C LYS A 119 -15.78 16.89 -16.18
N ALA A 120 -14.69 16.80 -16.92
CA ALA A 120 -14.34 15.66 -17.74
C ALA A 120 -12.89 15.35 -17.66
N ASP A 121 -12.53 14.09 -17.94
CA ASP A 121 -11.15 13.77 -18.23
C ASP A 121 -11.02 12.73 -19.33
N ILE A 122 -9.78 12.47 -19.70
CA ILE A 122 -9.45 11.40 -20.68
C ILE A 122 -8.47 10.42 -20.07
N ILE A 123 -8.74 9.14 -20.35
CA ILE A 123 -7.79 8.08 -20.12
C ILE A 123 -7.32 7.43 -21.42
N TYR A 124 -6.01 7.50 -21.62
CA TYR A 124 -5.29 6.81 -22.71
C TYR A 124 -4.90 5.43 -22.17
N SER A 125 -5.15 4.41 -23.00
CA SER A 125 -4.94 2.99 -22.64
C SER A 125 -4.33 2.20 -23.81
N GLN A 126 -3.15 1.64 -23.63
CA GLN A 126 -2.45 0.99 -24.73
C GLN A 126 -1.65 -0.19 -24.28
N ASP A 127 -2.07 -1.38 -24.72
CA ASP A 127 -1.27 -2.58 -24.53
C ASP A 127 -0.04 -2.52 -25.45
N ILE A 128 1.10 -2.92 -24.91
CA ILE A 128 2.36 -2.83 -25.66
C ILE A 128 3.18 -4.11 -25.65
N GLY A 129 3.64 -4.51 -26.84
CA GLY A 129 4.46 -5.70 -27.07
C GLY A 129 5.94 -5.37 -27.11
N VAL A 130 6.34 -4.69 -28.18
CA VAL A 130 7.70 -4.20 -28.36
C VAL A 130 8.66 -5.36 -28.55
N GLY A 131 8.34 -6.14 -29.55
CA GLY A 131 9.14 -7.26 -29.97
C GLY A 131 8.83 -7.63 -31.39
N THR A 132 9.60 -8.57 -31.92
CA THR A 132 9.22 -9.07 -33.22
C THR A 132 7.84 -9.68 -33.11
N LYS A 133 7.16 -9.72 -34.24
CA LYS A 133 5.84 -10.36 -34.34
C LYS A 133 5.84 -11.79 -33.79
N GLY A 134 6.91 -12.54 -34.09
CA GLY A 134 7.09 -13.89 -33.57
C GLY A 134 7.18 -13.99 -32.04
N SER A 135 7.94 -13.09 -31.41
CA SER A 135 8.08 -13.10 -29.95
C SER A 135 6.76 -12.76 -29.29
N VAL A 136 6.07 -11.76 -29.85
CA VAL A 136 4.78 -11.30 -29.30
C VAL A 136 3.79 -12.44 -29.36
N ASN A 137 3.66 -13.02 -30.55
CA ASN A 137 2.74 -14.18 -30.75
C ASN A 137 3.07 -15.44 -29.89
N SER A 138 4.37 -15.69 -29.72
CA SER A 138 4.82 -16.88 -29.03
C SER A 138 4.46 -16.82 -27.53
N ASN A 139 4.69 -15.68 -26.91
CA ASN A 139 4.35 -15.52 -25.51
C ASN A 139 4.44 -14.02 -25.10
N GLU A 140 3.27 -13.40 -25.00
CA GLU A 140 3.13 -11.99 -24.58
C GLU A 140 3.63 -11.72 -23.16
N LEU A 141 3.38 -12.70 -22.28
CA LEU A 141 3.74 -12.59 -20.87
C LEU A 141 5.26 -12.54 -20.71
N TYR A 142 5.93 -13.47 -21.36
CA TYR A 142 7.36 -13.56 -21.36
C TYR A 142 8.00 -12.29 -21.91
N LEU A 143 7.51 -11.84 -23.06
CA LEU A 143 8.04 -10.61 -23.69
C LEU A 143 7.95 -9.38 -22.73
N ALA A 144 6.80 -9.26 -22.07
CA ALA A 144 6.55 -8.19 -21.08
C ALA A 144 7.51 -8.16 -19.89
N GLN A 145 7.93 -9.33 -19.46
CA GLN A 145 8.88 -9.44 -18.36
C GLN A 145 10.20 -8.74 -18.58
N TYR A 146 10.58 -8.58 -19.85
CA TYR A 146 11.85 -7.99 -20.26
C TYR A 146 11.67 -6.56 -20.76
N LEU A 147 10.44 -6.03 -20.67
CA LEU A 147 10.14 -4.68 -21.17
C LEU A 147 10.20 -3.73 -20.00
N GLY A 148 11.30 -3.00 -19.90
CA GLY A 148 11.60 -2.16 -18.75
C GLY A 148 11.11 -0.74 -18.94
N HIS A 149 10.24 -0.27 -18.05
CA HIS A 149 9.65 1.07 -18.15
C HIS A 149 10.41 2.07 -17.27
N SER A 150 10.66 3.25 -17.81
CA SER A 150 11.24 4.41 -17.14
C SER A 150 10.26 5.57 -17.21
N ILE A 151 9.99 6.17 -16.08
CA ILE A 151 8.92 7.17 -15.96
C ILE A 151 9.54 8.57 -15.79
N PHE A 152 9.12 9.53 -16.57
CA PHE A 152 9.67 10.89 -16.47
C PHE A 152 8.54 11.90 -16.52
N GLN A 153 8.88 13.12 -16.11
CA GLN A 153 7.99 14.31 -16.30
C GLN A 153 8.49 15.11 -17.47
N GLY A 154 7.67 15.32 -18.47
CA GLY A 154 8.04 16.24 -19.55
C GLY A 154 7.31 17.56 -19.40
N ASP A 155 7.11 18.24 -20.52
CA ASP A 155 6.30 19.47 -20.56
C ASP A 155 4.83 19.31 -20.19
N TYR A 156 4.30 18.09 -20.39
CA TYR A 156 2.91 17.80 -20.21
C TYR A 156 2.66 16.57 -19.27
N GLY A 157 3.42 16.55 -18.20
CA GLY A 157 3.33 15.56 -17.10
C GLY A 157 3.97 14.27 -17.53
N TYR A 158 3.34 13.14 -17.23
CA TYR A 158 3.99 11.85 -17.31
C TYR A 158 4.30 11.43 -18.76
N VAL A 159 5.52 10.98 -18.94
CA VAL A 159 5.94 10.30 -20.16
C VAL A 159 6.62 8.97 -19.81
N ILE A 160 6.18 7.94 -20.53
CA ILE A 160 6.57 6.57 -20.28
C ILE A 160 7.51 6.12 -21.41
N CYS A 161 8.76 5.80 -21.06
CA CYS A 161 9.73 5.29 -22.00
C CYS A 161 10.00 3.82 -21.64
N SER A 162 10.07 2.95 -22.64
CA SER A 162 10.16 1.49 -22.41
C SER A 162 11.29 0.92 -23.28
N ARG A 163 12.20 0.16 -22.70
CA ARG A 163 13.24 -0.53 -23.49
C ARG A 163 13.05 -2.06 -23.38
N GLN A 164 12.97 -2.73 -24.51
CA GLN A 164 12.90 -4.17 -24.56
C GLN A 164 14.32 -4.73 -24.34
N ASN A 165 14.55 -5.39 -23.23
CA ASN A 165 15.91 -5.84 -22.86
C ASN A 165 16.34 -7.21 -23.47
N MET A 166 15.36 -7.95 -23.97
CA MET A 166 15.64 -9.23 -24.53
C MET A 166 15.78 -8.96 -25.99
N ALA A 167 16.88 -9.40 -26.55
CA ALA A 167 17.27 -9.13 -27.94
C ALA A 167 16.22 -9.63 -28.94
N GLN A 168 15.85 -8.77 -29.87
CA GLN A 168 14.84 -9.02 -30.88
C GLN A 168 15.57 -8.94 -32.19
N GLY A 169 15.87 -10.13 -32.73
CA GLY A 169 16.92 -10.32 -33.70
C GLY A 169 18.19 -9.93 -32.95
N ASP A 170 18.82 -8.86 -33.40
CA ASP A 170 19.97 -8.31 -32.71
C ASP A 170 19.66 -7.01 -31.96
N LEU A 171 18.39 -6.62 -31.95
CA LEU A 171 17.96 -5.26 -31.62
C LEU A 171 17.34 -5.16 -30.22
N PHE A 172 17.45 -3.97 -29.63
CA PHE A 172 16.81 -3.67 -28.35
C PHE A 172 15.81 -2.54 -28.59
N PRO A 173 14.56 -2.89 -28.96
CA PRO A 173 13.61 -1.85 -29.35
C PRO A 173 13.02 -1.05 -28.18
N TYR A 174 12.34 0.03 -28.55
CA TYR A 174 12.05 1.10 -27.60
C TYR A 174 10.71 1.68 -27.92
N LEU A 175 9.99 2.10 -26.87
CA LEU A 175 8.80 2.92 -27.02
C LEU A 175 8.82 4.14 -26.11
N GLN A 176 8.16 5.19 -26.57
CA GLN A 176 7.86 6.35 -25.69
C GLN A 176 6.43 6.75 -25.89
N GLN A 177 5.72 7.01 -24.79
CA GLN A 177 4.32 7.49 -24.93
C GLN A 177 4.06 8.64 -23.97
N GLY A 178 3.25 9.60 -24.40
CA GLY A 178 2.92 10.78 -23.58
C GLY A 178 1.78 11.58 -24.17
N SER A 179 1.57 12.76 -23.61
CA SER A 179 0.49 13.65 -24.02
C SER A 179 1.09 15.00 -24.46
N LEU A 180 0.33 15.71 -25.27
CA LEU A 180 0.75 17.03 -25.85
C LEU A 180 -0.44 17.93 -25.85
N GLY A 181 -0.28 19.09 -25.19
CA GLY A 181 -1.32 20.12 -25.00
C GLY A 181 -2.26 19.91 -23.80
N ILE A 182 -2.02 18.85 -23.03
CA ILE A 182 -2.80 18.50 -21.82
C ILE A 182 -1.84 17.70 -20.92
N ARG A 183 -1.91 17.97 -19.62
CA ARG A 183 -1.09 17.29 -18.64
C ARG A 183 -1.58 15.86 -18.34
N SER A 184 -0.65 14.91 -18.36
CA SER A 184 -0.93 13.54 -17.88
C SER A 184 -0.57 13.54 -16.39
N ILE A 185 -1.58 13.50 -15.55
CA ILE A 185 -1.36 13.69 -14.10
C ILE A 185 -1.16 12.37 -13.37
N ALA A 186 -1.49 11.27 -14.03
CA ALA A 186 -1.32 9.93 -13.47
C ALA A 186 -1.08 8.89 -14.55
N TYR A 187 -0.49 7.78 -14.11
CA TYR A 187 -0.03 6.72 -15.03
C TYR A 187 -0.15 5.34 -14.38
N SER A 188 -0.14 4.33 -15.23
CA SER A 188 0.11 2.95 -14.82
C SER A 188 0.78 2.21 -15.99
N THR A 189 1.42 1.09 -15.71
CA THR A 189 2.28 0.37 -16.69
C THR A 189 1.93 -1.12 -16.91
N ASP A 190 0.99 -1.65 -16.13
CA ASP A 190 0.59 -3.05 -16.22
C ASP A 190 -0.90 -3.18 -16.28
N GLY A 191 -1.33 -4.13 -17.09
CA GLY A 191 -2.77 -4.43 -17.28
C GLY A 191 -3.52 -4.76 -15.98
N THR A 192 -2.81 -5.37 -15.02
CA THR A 192 -3.43 -5.66 -13.73
C THR A 192 -3.82 -4.39 -12.99
N GLN A 193 -3.07 -3.31 -13.21
CA GLN A 193 -3.37 -2.04 -12.62
C GLN A 193 -4.56 -1.38 -13.29
N PHE A 194 -4.68 -1.52 -14.60
CA PHE A 194 -5.70 -0.84 -15.33
C PHE A 194 -7.05 -1.54 -15.32
N PHE A 195 -7.04 -2.81 -15.73
CA PHE A 195 -8.24 -3.58 -15.75
C PHE A 195 -8.66 -4.13 -14.38
N GLY A 196 -7.66 -4.55 -13.61
CA GLY A 196 -7.92 -5.14 -12.28
C GLY A 196 -8.40 -6.59 -12.37
N LEU A 197 -8.23 -7.32 -11.27
CA LEU A 197 -8.73 -8.69 -11.23
C LEU A 197 -10.28 -8.71 -11.36
N SER A 198 -10.94 -7.69 -10.82
CA SER A 198 -12.42 -7.59 -10.79
C SER A 198 -13.02 -7.63 -12.21
N TYR A 199 -12.23 -7.20 -13.22
CA TYR A 199 -12.63 -7.25 -14.62
C TYR A 199 -13.11 -8.64 -15.01
N LYS A 200 -12.44 -9.64 -14.48
CA LYS A 200 -12.78 -11.03 -14.80
C LYS A 200 -14.24 -11.35 -14.49
N LYS A 201 -14.86 -10.58 -13.60
CA LYS A 201 -16.31 -10.66 -13.37
C LYS A 201 -17.08 -9.54 -14.05
N THR A 202 -16.66 -8.32 -13.85
CA THR A 202 -17.47 -7.16 -14.23
C THR A 202 -17.41 -6.79 -15.68
N ASN A 203 -16.34 -7.20 -16.34
CA ASN A 203 -16.01 -6.75 -17.73
C ASN A 203 -15.82 -5.22 -17.88
N ILE A 204 -15.58 -4.55 -16.75
CA ILE A 204 -15.27 -3.11 -16.74
C ILE A 204 -13.88 -2.89 -16.20
N PRO A 205 -13.06 -2.16 -16.93
CA PRO A 205 -11.73 -1.87 -16.33
C PRO A 205 -11.85 -1.09 -15.02
N GLU A 206 -11.25 -1.64 -13.95
CA GLU A 206 -11.38 -1.11 -12.61
C GLU A 206 -10.89 0.34 -12.50
N ALA A 207 -9.81 0.68 -13.21
CA ALA A 207 -9.24 2.03 -13.16
C ALA A 207 -10.20 3.11 -13.63
N LEU A 208 -11.19 2.75 -14.48
CA LEU A 208 -12.14 3.73 -14.98
C LEU A 208 -12.99 4.41 -13.88
N TYR A 209 -13.07 3.78 -12.71
CA TYR A 209 -13.83 4.31 -11.57
C TYR A 209 -13.01 5.26 -10.71
N GLY A 210 -11.71 5.33 -10.91
CA GLY A 210 -10.84 6.13 -10.04
C GLY A 210 -9.66 6.79 -10.71
N ASP A 211 -8.60 6.95 -9.94
CA ASP A 211 -7.39 7.56 -10.40
C ASP A 211 -6.40 6.49 -10.67
N LEU A 212 -5.55 6.68 -11.66
CA LEU A 212 -4.46 5.71 -11.88
C LEU A 212 -3.48 5.78 -10.73
N PRO A 213 -2.80 4.67 -10.38
CA PRO A 213 -1.95 4.68 -9.18
C PRO A 213 -0.60 5.36 -9.31
N SER A 214 -0.14 5.66 -10.51
CA SER A 214 1.15 6.29 -10.71
C SER A 214 2.28 5.49 -10.09
N LYS A 215 2.31 4.21 -10.42
CA LYS A 215 3.36 3.29 -10.02
C LYS A 215 3.71 2.45 -11.23
N ASN A 216 4.98 2.18 -11.41
CA ASN A 216 5.41 1.25 -12.44
C ASN A 216 5.38 -0.15 -11.89
N LYS A 217 4.42 -0.94 -12.33
CA LYS A 217 4.40 -2.37 -12.00
C LYS A 217 4.96 -3.19 -13.15
N GLN A 218 6.11 -3.80 -12.93
CA GLN A 218 6.76 -4.61 -13.94
C GLN A 218 6.22 -6.02 -13.79
N TYR A 219 5.23 -6.35 -14.60
CA TYR A 219 4.58 -7.68 -14.55
C TYR A 219 4.47 -8.20 -16.00
N GLU A 220 3.38 -8.91 -16.32
CA GLU A 220 3.27 -9.64 -17.57
C GLU A 220 2.31 -9.03 -18.60
N LEU A 221 1.62 -7.94 -18.23
CA LEU A 221 0.62 -7.33 -19.11
C LEU A 221 1.05 -5.88 -19.40
N ALA A 222 2.10 -5.74 -20.20
CA ALA A 222 2.64 -4.42 -20.46
C ALA A 222 1.51 -3.59 -21.07
N HIS A 223 1.14 -2.57 -20.32
CA HIS A 223 -0.06 -1.82 -20.59
C HIS A 223 0.01 -0.41 -20.03
N THR A 224 0.26 0.54 -20.91
CA THR A 224 0.46 1.95 -20.52
C THR A 224 -0.89 2.63 -20.45
N ALA A 225 -1.14 3.25 -19.30
CA ALA A 225 -2.29 4.10 -19.17
C ALA A 225 -1.84 5.49 -18.71
N LEU A 226 -2.50 6.50 -19.23
CA LEU A 226 -2.23 7.88 -18.82
C LEU A 226 -3.56 8.58 -18.59
N GLN A 227 -3.65 9.33 -17.50
CA GLN A 227 -4.88 10.04 -17.13
C GLN A 227 -4.63 11.54 -17.23
N THR A 228 -5.48 12.26 -17.94
CA THR A 228 -5.32 13.69 -18.07
C THR A 228 -5.81 14.39 -16.84
N GLU A 229 -5.25 15.58 -16.63
CA GLU A 229 -5.89 16.56 -15.79
C GLU A 229 -7.35 16.66 -16.19
N ALA A 230 -8.19 16.91 -15.20
CA ALA A 230 -9.61 17.12 -15.46
C ALA A 230 -9.82 18.55 -16.00
N PHE A 231 -10.91 18.77 -16.72
CA PHE A 231 -11.15 20.08 -17.32
C PHE A 231 -12.64 20.26 -17.45
N SER A 232 -13.07 21.53 -17.49
CA SER A 232 -14.42 21.86 -17.96
C SER A 232 -14.41 22.09 -19.47
N LEU A 233 -15.55 22.00 -20.08
CA LEU A 233 -15.72 22.25 -21.53
C LEU A 233 -16.82 23.27 -21.73
N SER A 234 -16.57 24.30 -22.51
CA SER A 234 -17.69 25.12 -23.04
C SER A 234 -17.26 25.77 -24.33
N GLY A 235 -17.43 25.03 -25.43
CA GLY A 235 -16.63 25.29 -26.62
C GLY A 235 -15.89 24.03 -27.00
N THR A 236 -14.67 24.22 -27.50
CA THR A 236 -13.87 23.18 -28.11
C THR A 236 -12.50 23.11 -27.44
N LYS A 237 -12.07 21.90 -27.14
CA LYS A 237 -10.74 21.72 -26.53
C LYS A 237 -10.02 20.63 -27.31
N GLN A 238 -8.70 20.76 -27.46
CA GLN A 238 -7.90 19.91 -28.35
C GLN A 238 -6.56 19.60 -27.76
N PHE A 239 -6.19 18.35 -27.89
CA PHE A 239 -4.95 17.86 -27.35
C PHE A 239 -4.67 16.46 -27.94
N SER A 240 -3.46 15.96 -27.72
CA SER A 240 -3.04 14.70 -28.30
C SER A 240 -2.30 13.79 -27.35
N PHE A 241 -2.39 12.50 -27.68
CA PHE A 241 -1.43 11.53 -27.17
C PHE A 241 -0.53 11.09 -28.31
N TYR A 242 0.66 10.63 -28.00
CA TYR A 242 1.61 10.23 -29.00
C TYR A 242 2.35 8.99 -28.58
N GLY A 243 2.85 8.28 -29.61
CA GLY A 243 3.83 7.25 -29.41
C GLY A 243 5.01 7.33 -30.36
N ILE A 244 6.17 6.85 -29.88
CA ILE A 244 7.36 6.76 -30.64
C ILE A 244 7.89 5.34 -30.54
N CYS A 245 8.22 4.76 -31.68
CA CYS A 245 8.89 3.44 -31.71
C CYS A 245 10.26 3.52 -32.35
N LYS A 246 11.28 3.06 -31.62
CA LYS A 246 12.60 2.84 -32.22
C LYS A 246 12.99 1.40 -32.23
N THR A 247 13.62 0.97 -33.30
CA THR A 247 13.87 -0.44 -33.43
C THR A 247 15.08 -0.84 -32.67
N ASN A 248 15.96 0.13 -32.37
CA ASN A 248 17.13 -0.18 -31.60
C ASN A 248 17.64 0.96 -30.72
N HIS A 249 17.74 0.69 -29.45
CA HIS A 249 18.12 1.66 -28.42
C HIS A 249 19.08 0.94 -27.49
N PRO A 250 20.35 0.73 -27.94
CA PRO A 250 21.29 -0.14 -27.20
C PRO A 250 21.62 0.40 -25.80
N GLU A 251 21.53 1.69 -25.60
CA GLU A 251 21.76 2.25 -24.28
C GLU A 251 20.52 2.04 -23.35
N VAL A 252 20.78 2.12 -22.07
CA VAL A 252 19.70 2.22 -21.08
C VAL A 252 19.01 3.57 -21.18
N ILE A 253 17.79 3.65 -20.70
CA ILE A 253 17.04 4.86 -20.75
C ILE A 253 17.42 5.73 -19.55
N ARG A 254 17.75 6.98 -19.79
CA ARG A 254 18.10 7.95 -18.72
C ARG A 254 17.24 9.23 -18.78
N GLU A 255 16.63 9.52 -19.92
CA GLU A 255 15.88 10.78 -20.04
C GLU A 255 14.89 10.68 -21.18
N ILE A 256 14.00 11.68 -21.30
CA ILE A 256 13.12 11.75 -22.45
C ILE A 256 14.01 12.05 -23.68
N GLU A 257 13.84 11.28 -24.76
CA GLU A 257 14.60 11.50 -25.99
C GLU A 257 13.68 11.85 -27.13
N TYR A 258 14.29 12.23 -28.24
CA TYR A 258 13.63 12.45 -29.54
C TYR A 258 12.68 13.64 -29.55
N ILE A 259 13.04 14.70 -28.81
CA ILE A 259 12.13 15.83 -28.59
C ILE A 259 11.97 16.57 -29.89
N GLN A 260 13.08 16.72 -30.59
CA GLN A 260 13.07 17.45 -31.88
C GLN A 260 12.34 16.64 -32.97
N GLU A 261 12.60 15.33 -33.02
CA GLU A 261 11.84 14.46 -33.91
C GLU A 261 10.33 14.55 -33.64
N LEU A 262 9.95 14.59 -32.37
CA LEU A 262 8.53 14.58 -32.00
C LEU A 262 7.86 15.83 -32.50
N GLU A 263 8.53 16.95 -32.33
CA GLU A 263 8.06 18.23 -32.84
C GLU A 263 7.87 18.21 -34.37
N LYS A 264 8.87 17.69 -35.09
CA LYS A 264 8.72 17.52 -36.57
C LYS A 264 7.57 16.61 -36.95
N ALA A 265 7.46 15.49 -36.25
CA ALA A 265 6.36 14.58 -36.53
C ALA A 265 4.98 15.19 -36.27
N TYR A 266 4.86 16.02 -35.22
CA TYR A 266 3.57 16.62 -34.86
C TYR A 266 3.02 17.53 -35.97
N ALA A 267 3.92 18.09 -36.78
CA ALA A 267 3.56 18.98 -37.94
C ALA A 267 3.10 18.16 -39.14
N TYR A 268 3.30 16.86 -39.10
CA TYR A 268 2.96 15.98 -40.25
C TYR A 268 1.44 15.71 -40.46
N HIS A 269 1.01 15.93 -41.69
CA HIS A 269 -0.37 15.59 -42.16
C HIS A 269 -0.24 15.03 -43.57
N GLU A 270 -1.02 14.01 -43.89
CA GLU A 270 -1.08 13.46 -45.24
C GLU A 270 -1.84 14.43 -46.15
N SER A 271 -1.47 14.43 -47.43
CA SER A 271 -2.10 15.31 -48.46
C SER A 271 -3.36 14.68 -49.06
N GLY A 272 -3.45 13.35 -49.08
CA GLY A 272 -4.55 12.58 -49.69
C GLY A 272 -5.91 12.82 -49.03
N GLU A 273 -6.99 12.41 -49.68
CA GLU A 273 -8.33 12.61 -49.09
C GLU A 273 -8.61 11.50 -48.09
N ILE A 274 -9.46 11.84 -47.13
CA ILE A 274 -9.78 10.98 -45.99
C ILE A 274 -11.25 10.72 -46.01
N LEU A 275 -11.59 9.51 -46.41
CA LEU A 275 -12.90 9.18 -46.89
C LEU A 275 -13.63 8.22 -45.96
N PRO A 276 -14.97 8.36 -45.87
CA PRO A 276 -15.78 7.45 -45.08
C PRO A 276 -15.64 5.97 -45.42
N VAL A 277 -15.66 5.14 -44.37
CA VAL A 277 -15.72 3.69 -44.51
C VAL A 277 -16.86 3.11 -43.67
N ASN A 278 -17.37 1.97 -44.11
CA ASN A 278 -18.48 1.28 -43.38
C ASN A 278 -18.04 0.61 -42.08
N VAL A 279 -18.72 0.95 -40.99
CA VAL A 279 -18.46 0.36 -39.66
C VAL A 279 -19.59 -0.62 -39.32
N PRO A 280 -19.29 -1.90 -39.18
CA PRO A 280 -20.36 -2.87 -38.88
C PRO A 280 -20.76 -2.74 -37.42
N THR A 281 -21.98 -3.13 -37.07
CA THR A 281 -22.46 -2.95 -35.69
C THR A 281 -23.03 -4.29 -35.21
N LEU A 282 -22.77 -4.59 -33.93
CA LEU A 282 -23.27 -5.81 -33.33
C LEU A 282 -24.74 -5.83 -33.28
N GLN A 283 -25.31 -7.01 -33.40
CA GLN A 283 -26.72 -7.14 -33.36
C GLN A 283 -27.27 -7.99 -32.27
N ASN A 284 -28.03 -7.40 -31.35
CA ASN A 284 -28.63 -8.13 -30.20
C ASN A 284 -27.54 -8.94 -29.45
N ILE A 285 -26.37 -8.35 -29.34
CA ILE A 285 -25.27 -8.94 -28.58
C ILE A 285 -25.07 -7.98 -27.42
N GLY A 286 -25.21 -8.46 -26.21
CA GLY A 286 -24.94 -7.64 -25.01
C GLY A 286 -23.56 -7.81 -24.39
N ALA A 287 -23.44 -7.29 -23.18
CA ALA A 287 -22.23 -7.40 -22.40
C ALA A 287 -22.09 -8.87 -21.96
N PRO A 288 -20.90 -9.25 -21.53
CA PRO A 288 -20.80 -10.60 -21.05
C PRO A 288 -21.67 -10.92 -19.83
N TYR A 289 -22.02 -12.20 -19.73
CA TYR A 289 -22.72 -12.72 -18.53
C TYR A 289 -21.82 -13.50 -17.54
N ALA A 290 -21.68 -12.93 -16.35
CA ALA A 290 -21.02 -13.64 -15.24
C ALA A 290 -22.11 -14.12 -14.25
N SER A 291 -21.98 -15.33 -13.77
CA SER A 291 -22.82 -15.83 -12.71
C SER A 291 -22.77 -14.98 -11.44
N SER A 292 -23.91 -14.92 -10.75
CA SER A 292 -23.96 -14.45 -9.35
C SER A 292 -23.15 -15.48 -8.53
N ARG A 293 -22.70 -15.04 -7.38
CA ARG A 293 -21.98 -15.92 -6.49
C ARG A 293 -22.89 -16.84 -5.71
N TRP A 294 -22.42 -18.02 -5.41
CA TRP A 294 -23.16 -18.92 -4.55
C TRP A 294 -22.86 -18.56 -3.10
N ASP A 295 -23.91 -18.56 -2.26
CA ASP A 295 -23.73 -18.40 -0.79
C ASP A 295 -23.45 -19.77 -0.17
N ALA A 296 -23.11 -19.77 1.11
CA ALA A 296 -22.75 -21.01 1.83
C ALA A 296 -23.79 -22.12 1.70
N LYS A 297 -25.06 -21.75 1.69
CA LYS A 297 -26.14 -22.73 1.54
C LYS A 297 -26.10 -23.39 0.18
N GLN A 298 -25.94 -22.58 -0.86
CA GLN A 298 -25.90 -23.14 -2.22
C GLN A 298 -24.71 -24.07 -2.38
N VAL A 299 -23.54 -23.60 -1.92
CA VAL A 299 -22.29 -24.43 -2.00
C VAL A 299 -22.54 -25.79 -1.33
N GLU A 300 -23.02 -25.75 -0.08
CA GLU A 300 -23.36 -26.94 0.70
C GLU A 300 -24.31 -27.89 -0.08
N HIS A 301 -25.32 -27.32 -0.70
CA HIS A 301 -26.24 -28.12 -1.52
C HIS A 301 -25.54 -28.80 -2.71
N TYR A 302 -24.70 -28.10 -3.47
CA TYR A 302 -24.12 -28.75 -4.68
C TYR A 302 -22.93 -29.59 -4.35
N PHE A 303 -22.30 -29.29 -3.22
CA PHE A 303 -21.05 -29.96 -2.82
C PHE A 303 -21.10 -30.32 -1.34
N PRO A 304 -21.85 -31.40 -1.01
CA PRO A 304 -22.05 -31.74 0.40
C PRO A 304 -20.83 -32.34 1.10
N LYS A 305 -19.88 -32.85 0.34
CA LYS A 305 -18.71 -33.56 0.91
C LYS A 305 -17.44 -32.82 0.49
N ARG A 306 -16.78 -32.17 1.42
CA ARG A 306 -15.69 -31.29 1.11
C ARG A 306 -14.52 -31.61 2.03
N LEU A 307 -13.30 -31.49 1.48
CA LEU A 307 -12.05 -31.72 2.22
C LEU A 307 -11.13 -30.56 1.94
N LEU A 308 -10.14 -30.35 2.80
CA LEU A 308 -9.08 -29.37 2.59
C LEU A 308 -9.65 -28.03 2.20
N GLU A 309 -10.62 -27.56 2.99
CA GLU A 309 -11.35 -26.39 2.69
C GLU A 309 -10.48 -25.17 2.96
N GLU A 310 -10.37 -24.30 1.99
CA GLU A 310 -9.67 -23.04 2.11
C GLU A 310 -10.70 -21.96 2.31
N LYS A 311 -10.56 -21.21 3.38
CA LYS A 311 -11.42 -20.04 3.65
C LYS A 311 -10.65 -18.77 3.95
N GLU A 312 -11.14 -17.62 3.53
CA GLU A 312 -10.47 -16.31 3.85
C GLU A 312 -11.56 -15.42 4.35
N GLU A 313 -11.37 -14.87 5.54
CA GLU A 313 -12.41 -14.12 6.29
C GLU A 313 -13.72 -14.94 6.41
N GLU A 314 -13.59 -16.26 6.64
CA GLU A 314 -14.73 -17.21 6.77
C GLU A 314 -15.52 -17.48 5.47
N ALA A 315 -15.15 -16.87 4.34
CA ALA A 315 -15.74 -17.24 3.02
C ALA A 315 -14.94 -18.40 2.31
N LEU A 316 -15.67 -19.36 1.74
CA LEU A 316 -15.07 -20.55 1.19
C LEU A 316 -14.48 -20.20 -0.18
N LEU A 317 -13.19 -20.40 -0.37
CA LEU A 317 -12.54 -20.10 -1.65
C LEU A 317 -12.38 -21.31 -2.52
N SER A 318 -12.00 -22.43 -1.90
CA SER A 318 -11.74 -23.62 -2.64
C SER A 318 -11.80 -24.85 -1.76
N PHE A 319 -11.90 -26.02 -2.38
CA PHE A 319 -11.89 -27.28 -1.62
C PHE A 319 -11.71 -28.45 -2.55
N PHE A 320 -11.48 -29.60 -1.97
CA PHE A 320 -11.34 -30.84 -2.70
C PHE A 320 -12.52 -31.75 -2.33
N THR A 321 -12.79 -32.74 -3.16
CA THR A 321 -13.87 -33.70 -2.90
C THR A 321 -13.32 -35.12 -2.79
N PRO A 322 -14.11 -36.06 -2.20
CA PRO A 322 -13.62 -37.45 -2.14
C PRO A 322 -13.49 -38.07 -3.53
N GLU A 323 -14.27 -37.62 -4.48
CA GLU A 323 -14.08 -38.05 -5.92
C GLU A 323 -12.80 -37.54 -6.61
N LYS A 324 -11.87 -36.95 -5.83
CA LYS A 324 -10.62 -36.43 -6.34
C LYS A 324 -10.79 -35.19 -7.30
N SER A 325 -11.83 -34.40 -7.10
CA SER A 325 -11.97 -33.14 -7.76
C SER A 325 -11.46 -31.97 -6.95
N HIS A 326 -11.09 -30.88 -7.62
CA HIS A 326 -10.82 -29.61 -6.91
C HIS A 326 -11.84 -28.62 -7.39
N VAL A 327 -12.48 -27.94 -6.45
CA VAL A 327 -13.54 -26.99 -6.77
C VAL A 327 -13.07 -25.59 -6.34
N VAL A 328 -13.27 -24.65 -7.24
CA VAL A 328 -12.89 -23.24 -7.04
C VAL A 328 -14.19 -22.44 -7.09
N LEU A 329 -14.42 -21.63 -6.07
CA LEU A 329 -15.56 -20.77 -6.01
C LEU A 329 -15.16 -19.42 -6.62
N GLN A 330 -16.18 -18.74 -7.13
CA GLN A 330 -16.00 -17.45 -7.81
C GLN A 330 -15.07 -16.45 -7.11
N ASP A 331 -15.24 -16.24 -5.80
CA ASP A 331 -14.45 -15.23 -5.08
C ASP A 331 -12.95 -15.53 -5.16
N LYS A 332 -12.57 -16.82 -5.28
CA LYS A 332 -11.14 -17.11 -5.35
C LYS A 332 -10.50 -16.60 -6.63
N GLU A 333 -11.19 -16.80 -7.75
CA GLU A 333 -10.70 -16.33 -9.03
C GLU A 333 -10.47 -14.79 -9.06
N LEU A 334 -11.29 -14.07 -8.31
CA LEU A 334 -11.24 -12.63 -8.23
C LEU A 334 -10.16 -12.22 -7.26
N THR A 335 -9.49 -13.18 -6.63
CA THR A 335 -8.33 -12.83 -5.84
C THR A 335 -6.97 -13.40 -6.36
N THR A 336 -6.97 -14.24 -7.39
CA THR A 336 -5.73 -14.80 -7.95
C THR A 336 -5.33 -14.03 -9.17
N GLU A 337 -4.08 -13.58 -9.17
CA GLU A 337 -3.54 -12.79 -10.29
C GLU A 337 -3.43 -13.63 -11.57
N ARG A 338 -3.21 -14.93 -11.43
CA ARG A 338 -3.18 -15.84 -12.58
C ARG A 338 -4.54 -16.58 -12.62
N PRO A 339 -5.07 -16.85 -13.82
CA PRO A 339 -6.42 -17.38 -13.96
C PRO A 339 -6.47 -18.89 -13.72
N HIS A 340 -7.46 -19.35 -12.99
CA HIS A 340 -7.54 -20.79 -12.76
C HIS A 340 -7.76 -21.46 -14.06
N GLY A 341 -7.00 -22.52 -14.29
CA GLY A 341 -7.15 -23.31 -15.52
C GLY A 341 -6.64 -24.72 -15.43
N HIS A 342 -6.80 -25.44 -16.54
CA HIS A 342 -6.65 -26.89 -16.53
C HIS A 342 -6.34 -27.38 -17.95
N ILE A 343 -5.59 -28.46 -18.03
CA ILE A 343 -5.27 -29.11 -19.29
C ILE A 343 -5.82 -30.53 -19.22
N LEU A 344 -6.59 -30.89 -20.24
CA LEU A 344 -7.10 -32.30 -20.45
C LEU A 344 -6.23 -33.01 -21.43
N MET A 345 -6.01 -34.29 -21.19
CA MET A 345 -5.11 -35.08 -22.01
C MET A 345 -5.61 -36.53 -22.07
N THR A 346 -5.62 -37.10 -23.24
CA THR A 346 -6.08 -38.49 -23.39
C THR A 346 -5.04 -39.45 -22.87
N ASN A 347 -5.56 -40.60 -22.50
CA ASN A 347 -4.75 -41.67 -21.98
C ASN A 347 -3.92 -42.29 -23.08
N PHE A 348 -2.76 -42.84 -22.72
CA PHE A 348 -1.95 -43.57 -23.72
C PHE A 348 -1.32 -44.79 -23.09
N ASP A 349 -0.78 -45.63 -23.94
CA ASP A 349 -0.08 -46.83 -23.52
C ASP A 349 1.23 -46.43 -22.78
N VAL A 350 1.28 -46.69 -21.51
CA VAL A 350 2.36 -46.28 -20.63
C VAL A 350 3.64 -47.13 -20.65
N THR A 351 3.78 -47.98 -21.67
CA THR A 351 4.99 -48.75 -21.94
C THR A 351 5.77 -48.20 -23.12
N LYS A 352 5.22 -47.22 -23.82
CA LYS A 352 5.81 -46.66 -25.06
C LYS A 352 5.70 -45.14 -25.10
N VAL A 353 6.55 -44.51 -25.89
CA VAL A 353 6.52 -43.07 -26.08
C VAL A 353 5.25 -42.76 -26.83
N PRO A 354 4.37 -41.93 -26.29
CA PRO A 354 3.15 -41.79 -27.04
C PRO A 354 3.22 -40.84 -28.23
N GLN A 355 2.25 -41.00 -29.12
CA GLN A 355 2.13 -40.23 -30.34
C GLN A 355 0.65 -39.94 -30.51
N GLY A 356 0.29 -38.85 -31.14
CA GLY A 356 -1.14 -38.53 -31.36
C GLY A 356 -2.00 -38.32 -30.10
N VAL A 357 -1.38 -37.89 -29.01
CA VAL A 357 -2.10 -37.70 -27.80
C VAL A 357 -2.96 -36.44 -27.96
N VAL A 358 -4.23 -36.53 -27.60
CA VAL A 358 -5.13 -35.39 -27.71
C VAL A 358 -5.13 -34.57 -26.41
N SER A 359 -5.03 -33.26 -26.59
CA SER A 359 -5.04 -32.33 -25.49
C SER A 359 -5.92 -31.09 -25.75
N SER A 360 -6.42 -30.51 -24.65
CA SER A 360 -7.19 -29.27 -24.62
C SER A 360 -6.97 -28.48 -23.32
N THR A 361 -6.94 -27.15 -23.42
CA THR A 361 -6.80 -26.26 -22.25
C THR A 361 -8.13 -25.51 -21.98
N ASN A 362 -8.46 -25.31 -20.73
CA ASN A 362 -9.65 -24.52 -20.38
C ASN A 362 -9.39 -23.71 -19.13
N TYR A 363 -10.19 -22.67 -18.94
CA TYR A 363 -10.02 -21.73 -17.85
C TYR A 363 -11.36 -21.43 -17.23
N MET A 364 -11.31 -21.12 -15.94
CA MET A 364 -12.49 -20.80 -15.16
C MET A 364 -13.42 -19.77 -15.81
N TYR A 365 -12.86 -18.68 -16.35
CA TYR A 365 -13.68 -17.57 -16.86
C TYR A 365 -14.30 -17.80 -18.29
N GLY A 366 -14.79 -19.00 -18.53
CA GLY A 366 -15.55 -19.31 -19.76
C GLY A 366 -14.76 -19.55 -21.04
N ALA A 367 -13.47 -19.88 -20.87
CA ALA A 367 -12.63 -20.41 -21.95
C ALA A 367 -12.78 -21.90 -21.86
N PHE A 368 -13.74 -22.46 -22.61
CA PHE A 368 -14.10 -23.85 -22.48
C PHE A 368 -13.19 -24.83 -23.17
N ASN A 369 -12.45 -24.39 -24.21
CA ASN A 369 -11.56 -25.29 -24.96
C ASN A 369 -10.64 -24.48 -25.89
N CYS A 370 -9.39 -24.33 -25.48
CA CYS A 370 -8.40 -23.62 -26.24
C CYS A 370 -7.36 -24.64 -26.61
N GLN A 371 -6.66 -24.39 -27.73
CA GLN A 371 -5.50 -25.16 -28.09
C GLN A 371 -5.86 -26.69 -28.10
N PHE A 372 -6.96 -27.03 -28.77
CA PHE A 372 -7.25 -28.44 -29.00
C PHE A 372 -6.21 -28.96 -30.00
N VAL A 373 -5.46 -29.98 -29.59
CA VAL A 373 -4.42 -30.52 -30.41
C VAL A 373 -4.41 -32.04 -30.47
N VAL A 374 -3.82 -32.57 -31.53
CA VAL A 374 -3.61 -34.03 -31.64
C VAL A 374 -2.14 -34.25 -31.96
N GLY A 375 -1.39 -34.74 -30.97
CA GLY A 375 0.07 -34.85 -31.14
C GLY A 375 0.65 -33.45 -30.91
N ASN A 376 1.48 -33.00 -31.84
CA ASN A 376 2.23 -31.76 -31.70
C ASN A 376 1.36 -30.56 -31.22
N THR A 377 1.73 -30.02 -30.06
CA THR A 377 0.93 -29.01 -29.38
C THR A 377 1.02 -27.62 -30.05
N THR A 378 1.99 -27.46 -30.95
CA THR A 378 2.13 -26.20 -31.67
C THR A 378 1.46 -26.31 -33.06
N TYR A 379 1.78 -27.36 -33.79
CA TYR A 379 1.37 -27.49 -35.23
C TYR A 379 0.06 -28.20 -35.44
N ASN A 380 -0.25 -29.23 -34.66
CA ASN A 380 -1.41 -30.10 -34.93
C ASN A 380 -2.66 -29.67 -34.18
N LYS A 381 -3.11 -28.48 -34.52
CA LYS A 381 -4.00 -27.73 -33.71
C LYS A 381 -5.24 -27.30 -34.47
N LEU A 382 -6.39 -27.41 -33.81
CA LEU A 382 -7.71 -26.98 -34.35
C LEU A 382 -8.19 -25.64 -33.83
N LEU A 383 -7.94 -25.38 -32.54
CA LEU A 383 -8.48 -24.20 -31.87
C LEU A 383 -7.36 -23.33 -31.34
N SER A 384 -7.59 -22.02 -31.40
CA SER A 384 -6.53 -21.06 -30.96
C SER A 384 -6.18 -21.13 -29.49
N ASN A 385 -4.98 -20.66 -29.18
CA ASN A 385 -4.46 -20.66 -27.82
C ASN A 385 -5.13 -19.62 -26.95
N HIS A 386 -5.18 -19.92 -25.68
CA HIS A 386 -5.42 -18.90 -24.66
C HIS A 386 -4.24 -17.92 -24.59
N ARG A 387 -4.56 -16.66 -24.40
CA ARG A 387 -3.55 -15.59 -24.26
C ARG A 387 -3.89 -14.68 -23.06
N GLY A 388 -2.86 -14.06 -22.51
CA GLY A 388 -3.05 -13.07 -21.43
C GLY A 388 -3.47 -13.68 -20.10
N LEU A 389 -4.05 -12.86 -19.26
CA LEU A 389 -4.40 -13.26 -17.89
C LEU A 389 -5.80 -12.87 -17.42
N LEU A 390 -6.40 -11.86 -18.01
CA LEU A 390 -7.61 -11.25 -17.47
C LEU A 390 -8.84 -11.39 -18.38
N ASN A 391 -8.69 -12.10 -19.51
CA ASN A 391 -9.80 -12.39 -20.41
C ASN A 391 -10.43 -11.10 -21.02
N ILE A 392 -9.57 -10.12 -21.30
CA ILE A 392 -10.02 -8.88 -21.99
C ILE A 392 -10.35 -9.27 -23.42
N GLN A 393 -9.41 -9.90 -24.08
CA GLN A 393 -9.69 -10.60 -25.32
C GLN A 393 -10.21 -12.01 -24.94
N LYS A 394 -11.47 -12.24 -25.22
CA LYS A 394 -12.22 -13.40 -24.80
C LYS A 394 -12.81 -14.25 -25.95
N ASP A 395 -12.20 -14.12 -27.11
CA ASP A 395 -12.68 -14.81 -28.35
C ASP A 395 -11.95 -16.09 -28.73
N SER A 396 -10.91 -16.49 -27.96
CA SER A 396 -10.10 -17.61 -28.35
C SER A 396 -10.74 -18.96 -28.11
N GLY A 397 -10.36 -19.95 -28.88
CA GLY A 397 -10.84 -21.29 -28.61
C GLY A 397 -12.33 -21.41 -28.78
N GLN A 398 -12.94 -22.21 -27.93
CA GLN A 398 -14.39 -22.37 -27.92
C GLN A 398 -15.01 -21.46 -26.85
N ARG A 399 -16.05 -20.71 -27.21
CA ARG A 399 -16.70 -19.81 -26.29
C ARG A 399 -18.21 -19.98 -26.46
N ILE A 400 -18.96 -19.58 -25.46
CA ILE A 400 -20.41 -19.75 -25.48
C ILE A 400 -21.13 -18.43 -25.18
N PHE A 401 -22.08 -18.11 -26.08
CA PHE A 401 -23.04 -17.06 -25.88
C PHE A 401 -24.42 -17.70 -25.57
N ILE A 402 -25.12 -17.07 -24.63
CA ILE A 402 -26.48 -17.49 -24.22
C ILE A 402 -27.43 -16.26 -24.29
N LYS A 403 -28.62 -16.47 -24.82
CA LYS A 403 -29.58 -15.35 -24.99
C LYS A 403 -30.31 -15.12 -23.66
N ILE A 404 -30.15 -13.94 -23.12
CA ILE A 404 -30.81 -13.52 -21.88
C ILE A 404 -31.58 -12.25 -22.24
N GLY A 405 -32.91 -12.31 -22.12
CA GLY A 405 -33.78 -11.24 -22.63
C GLY A 405 -33.70 -11.18 -24.15
N ASP A 406 -33.41 -10.02 -24.70
CA ASP A 406 -33.26 -9.86 -26.17
C ASP A 406 -31.83 -10.09 -26.73
N CYS A 407 -30.85 -10.33 -25.87
CA CYS A 407 -29.45 -10.23 -26.24
C CYS A 407 -28.68 -11.48 -25.94
N TYR A 408 -27.87 -11.89 -26.90
CA TYR A 408 -26.85 -12.93 -26.66
C TYR A 408 -25.80 -12.31 -25.75
N ARG A 409 -25.38 -13.08 -24.75
CA ARG A 409 -24.40 -12.66 -23.76
C ARG A 409 -23.33 -13.74 -23.58
N GLN A 410 -22.08 -13.35 -23.72
CA GLN A 410 -21.00 -14.37 -23.61
C GLN A 410 -20.80 -14.77 -22.17
N LEU A 411 -20.83 -16.08 -21.91
CA LEU A 411 -20.49 -16.56 -20.59
C LEU A 411 -19.01 -16.28 -20.21
N THR A 412 -18.83 -15.82 -18.99
CA THR A 412 -17.49 -15.56 -18.46
C THR A 412 -17.37 -16.32 -17.15
N LEU A 413 -17.55 -15.62 -16.02
CA LEU A 413 -17.15 -16.17 -14.75
C LEU A 413 -18.27 -16.94 -14.10
N PRO A 414 -18.06 -18.24 -13.82
CA PRO A 414 -19.14 -19.05 -13.21
C PRO A 414 -19.19 -18.88 -11.70
N ALA A 415 -20.15 -19.51 -11.04
CA ALA A 415 -20.20 -19.52 -9.58
C ALA A 415 -19.14 -20.50 -9.02
N ALA A 416 -18.94 -21.58 -9.73
CA ALA A 416 -18.01 -22.56 -9.34
C ALA A 416 -17.43 -23.26 -10.55
N TYR A 417 -16.19 -23.74 -10.38
CA TYR A 417 -15.41 -24.42 -11.41
C TYR A 417 -14.79 -25.63 -10.83
N GLU A 418 -15.06 -26.79 -11.38
CA GLU A 418 -14.63 -28.05 -10.81
C GLU A 418 -13.75 -28.81 -11.77
N MET A 419 -12.58 -29.20 -11.33
CA MET A 419 -11.59 -29.89 -12.19
C MET A 419 -11.40 -31.27 -11.67
N ASN A 420 -11.35 -32.22 -12.58
CA ASN A 420 -10.87 -33.50 -12.24
C ASN A 420 -9.94 -33.93 -13.35
N VAL A 421 -9.21 -35.02 -13.17
CA VAL A 421 -8.16 -35.33 -14.20
C VAL A 421 -8.75 -35.60 -15.60
N ALA A 422 -10.04 -35.91 -15.67
CA ALA A 422 -10.77 -36.18 -16.91
C ALA A 422 -11.55 -35.01 -17.49
N GLY A 423 -11.79 -33.94 -16.73
CA GLY A 423 -12.66 -32.89 -17.18
C GLY A 423 -12.77 -31.68 -16.30
N SER A 424 -13.44 -30.67 -16.83
CA SER A 424 -13.79 -29.50 -16.12
C SER A 424 -15.28 -29.30 -16.19
N THR A 425 -15.85 -28.79 -15.10
CA THR A 425 -17.26 -28.38 -15.06
C THR A 425 -17.42 -26.97 -14.55
N TRP A 426 -18.25 -26.20 -15.25
CA TRP A 426 -18.57 -24.85 -14.89
C TRP A 426 -20.02 -24.80 -14.47
N TYR A 427 -20.30 -24.08 -13.38
CA TYR A 427 -21.67 -23.91 -12.85
C TYR A 427 -22.04 -22.49 -12.89
N TYR A 428 -23.00 -22.13 -13.75
CA TYR A 428 -23.43 -20.77 -13.87
C TYR A 428 -24.85 -20.66 -13.29
N GLN A 429 -24.99 -19.77 -12.31
CA GLN A 429 -26.27 -19.39 -11.73
C GLN A 429 -26.94 -18.40 -12.69
N LEU A 430 -28.13 -18.78 -13.14
CA LEU A 430 -29.00 -17.94 -13.96
C LEU A 430 -30.22 -17.59 -13.12
N ASP A 431 -31.13 -16.85 -13.71
CA ASP A 431 -32.39 -16.49 -13.06
C ASP A 431 -33.23 -17.79 -12.85
N GLU A 432 -33.31 -18.30 -11.63
CA GLU A 432 -34.11 -19.50 -11.33
C GLU A 432 -33.71 -20.77 -12.13
N ASP A 433 -32.41 -20.91 -12.40
CA ASP A 433 -31.85 -22.07 -13.07
C ASP A 433 -30.33 -22.08 -12.87
N VAL A 434 -29.72 -23.24 -13.06
CA VAL A 434 -28.28 -23.43 -13.07
C VAL A 434 -27.91 -24.04 -14.44
N LEU A 435 -26.99 -23.40 -15.14
CA LEU A 435 -26.41 -23.97 -16.35
C LEU A 435 -25.06 -24.65 -16.05
N ILE A 436 -25.00 -25.95 -16.35
CA ILE A 436 -23.83 -26.80 -16.15
C ILE A 436 -23.17 -27.03 -17.51
N ILE A 437 -21.89 -26.71 -17.60
CA ILE A 437 -21.09 -26.93 -18.78
C ILE A 437 -19.94 -27.84 -18.40
N THR A 438 -19.70 -28.84 -19.22
CA THR A 438 -18.63 -29.74 -18.98
C THR A 438 -17.81 -29.89 -20.26
N SER A 439 -16.49 -29.93 -20.13
CA SER A 439 -15.61 -30.26 -21.23
C SER A 439 -14.71 -31.38 -20.69
N PHE A 440 -14.78 -32.54 -21.33
CA PHE A 440 -14.15 -33.72 -20.83
C PHE A 440 -13.46 -34.58 -21.85
N ALA A 441 -12.44 -35.30 -21.43
CA ALA A 441 -11.67 -36.20 -22.26
C ALA A 441 -12.33 -37.57 -22.29
N MET A 442 -12.30 -38.22 -23.46
CA MET A 442 -12.77 -39.59 -23.57
C MET A 442 -11.59 -40.49 -23.32
N TYR A 443 -11.90 -41.65 -22.72
CA TYR A 443 -10.93 -42.72 -22.51
C TYR A 443 -10.77 -43.55 -23.78
N ASN A 444 -9.52 -43.85 -24.15
CA ASN A 444 -9.18 -44.64 -25.34
C ASN A 444 -9.61 -44.07 -26.69
N ARG A 445 -9.94 -42.77 -26.76
CA ARG A 445 -10.44 -42.17 -27.99
C ARG A 445 -9.93 -40.71 -28.11
N PRO A 446 -9.61 -40.24 -29.35
CA PRO A 446 -8.98 -38.93 -29.51
C PRO A 446 -10.01 -37.82 -29.56
N GLU A 447 -10.69 -37.69 -28.44
CA GLU A 447 -11.85 -36.82 -28.32
C GLU A 447 -11.88 -35.99 -27.04
N ILE A 448 -12.37 -34.77 -27.20
CA ILE A 448 -12.84 -33.92 -26.13
C ILE A 448 -14.30 -33.62 -26.44
N VAL A 449 -15.12 -33.63 -25.41
CA VAL A 449 -16.55 -33.44 -25.48
C VAL A 449 -17.02 -32.26 -24.66
N LEU A 450 -17.84 -31.39 -25.26
CA LEU A 450 -18.53 -30.33 -24.56
C LEU A 450 -19.99 -30.73 -24.34
N LYS A 451 -20.46 -30.66 -23.10
CA LYS A 451 -21.90 -30.83 -22.78
C LYS A 451 -22.39 -29.60 -22.07
N VAL A 452 -23.54 -29.12 -22.53
CA VAL A 452 -24.23 -28.02 -21.93
C VAL A 452 -25.56 -28.59 -21.42
N GLN A 453 -25.92 -28.31 -20.16
CA GLN A 453 -27.16 -28.84 -19.53
C GLN A 453 -27.78 -27.80 -18.65
N SER A 454 -29.01 -27.41 -18.97
CA SER A 454 -29.87 -26.67 -18.02
C SER A 454 -30.33 -27.63 -16.94
N LEU A 455 -30.02 -27.34 -15.69
CA LEU A 455 -30.45 -28.18 -14.55
C LEU A 455 -32.00 -28.29 -14.45
N GLY A 456 -32.69 -27.19 -14.67
CA GLY A 456 -34.14 -27.18 -14.64
C GLY A 456 -34.79 -27.59 -15.96
N HIS A 457 -34.01 -28.14 -16.89
CA HIS A 457 -34.51 -28.51 -18.22
C HIS A 457 -35.23 -27.35 -18.93
N LYS A 458 -34.76 -26.12 -18.73
CA LYS A 458 -35.31 -24.96 -19.42
C LYS A 458 -34.59 -24.76 -20.72
N LYS A 459 -35.28 -24.20 -21.72
CA LYS A 459 -34.73 -24.02 -23.05
C LYS A 459 -34.12 -22.65 -23.23
N TYR A 460 -33.00 -22.61 -23.95
CA TYR A 460 -32.32 -21.35 -24.25
C TYR A 460 -31.80 -21.34 -25.66
N ASP A 461 -31.51 -20.16 -26.14
CA ASP A 461 -30.76 -20.01 -27.38
C ASP A 461 -29.27 -19.81 -27.05
N PHE A 462 -28.42 -20.45 -27.87
CA PHE A 462 -26.95 -20.37 -27.75
C PHE A 462 -26.26 -20.12 -29.08
N ILE A 463 -25.12 -19.41 -29.02
CA ILE A 463 -24.14 -19.43 -30.10
C ILE A 463 -22.83 -19.95 -29.50
N VAL A 464 -22.34 -21.08 -30.01
CA VAL A 464 -21.02 -21.55 -29.63
C VAL A 464 -20.04 -21.13 -30.74
N THR A 465 -19.05 -20.31 -30.38
CA THR A 465 -18.00 -19.84 -31.33
C THR A 465 -16.70 -20.65 -31.17
N HIS A 466 -15.96 -20.79 -32.27
CA HIS A 466 -14.73 -21.58 -32.30
C HIS A 466 -13.72 -20.81 -33.18
N GLN A 467 -12.66 -20.26 -32.55
CA GLN A 467 -11.61 -19.58 -33.32
C GLN A 467 -10.71 -20.69 -33.81
N LEU A 468 -10.90 -21.03 -35.08
CA LEU A 468 -10.11 -22.04 -35.75
C LEU A 468 -8.68 -21.63 -36.09
N THR A 469 -7.80 -22.64 -36.13
CA THR A 469 -6.44 -22.49 -36.65
C THR A 469 -6.21 -23.48 -37.75
N VAL A 470 -6.31 -24.76 -37.40
CA VAL A 470 -6.07 -25.90 -38.33
C VAL A 470 -4.63 -25.74 -38.87
N GLY A 471 -3.71 -25.79 -37.92
CA GLY A 471 -2.35 -25.27 -38.06
C GLY A 471 -1.99 -24.48 -36.79
N PRO A 472 -0.80 -23.85 -36.78
CA PRO A 472 -0.24 -23.30 -35.52
C PRO A 472 -0.84 -22.01 -35.07
N ASN A 473 -1.41 -21.24 -35.99
CA ASN A 473 -1.81 -19.85 -35.64
C ASN A 473 -3.11 -19.38 -36.27
N GLU A 474 -3.86 -18.59 -35.52
CA GLU A 474 -5.13 -18.00 -36.03
C GLU A 474 -4.75 -17.04 -37.15
N TYR A 475 -5.56 -17.03 -38.22
CA TYR A 475 -5.44 -16.11 -39.34
C TYR A 475 -4.30 -16.43 -40.33
N GLU A 476 -3.66 -17.59 -40.21
CA GLU A 476 -2.47 -17.90 -41.00
C GLU A 476 -2.78 -18.63 -42.31
N ASN A 477 -3.70 -19.58 -42.27
CA ASN A 477 -4.00 -20.40 -43.41
C ASN A 477 -5.49 -20.64 -43.61
N GLU A 478 -5.81 -20.89 -44.87
CA GLU A 478 -7.13 -21.25 -45.27
C GLU A 478 -7.44 -22.61 -44.73
N ILE A 479 -8.74 -22.86 -44.51
CA ILE A 479 -9.22 -24.12 -43.93
C ILE A 479 -10.29 -24.77 -44.81
N LYS A 480 -10.15 -26.07 -45.02
CA LYS A 480 -11.16 -26.84 -45.72
C LYS A 480 -12.17 -27.37 -44.71
N LEU A 481 -13.43 -27.01 -44.89
CA LEU A 481 -14.51 -27.41 -44.03
C LEU A 481 -15.59 -28.11 -44.87
N THR A 482 -15.92 -29.34 -44.53
CA THR A 482 -17.05 -30.04 -45.18
C THR A 482 -18.01 -30.48 -44.11
N ARG A 483 -19.27 -30.63 -44.51
CA ARG A 483 -20.31 -31.05 -43.61
C ARG A 483 -21.07 -32.25 -44.21
N GLU A 484 -21.26 -33.31 -43.44
CA GLU A 484 -22.09 -34.46 -43.83
C GLU A 484 -23.07 -34.62 -42.64
N GLY A 485 -24.27 -34.06 -42.76
CA GLY A 485 -25.30 -34.18 -41.72
C GLY A 485 -24.95 -33.31 -40.50
N ASN A 486 -24.67 -33.99 -39.41
CA ASN A 486 -24.23 -33.37 -38.19
C ASN A 486 -22.72 -33.58 -37.92
N ILE A 487 -21.95 -33.99 -38.93
CA ILE A 487 -20.51 -34.17 -38.83
C ILE A 487 -19.77 -33.15 -39.69
N LEU A 488 -18.94 -32.34 -39.06
CA LEU A 488 -18.02 -31.44 -39.76
C LEU A 488 -16.66 -32.06 -39.84
N GLN A 489 -15.96 -31.86 -40.97
CA GLN A 489 -14.60 -32.25 -41.07
C GLN A 489 -13.75 -31.03 -41.44
N LEU A 490 -12.64 -30.81 -40.72
CA LEU A 490 -11.76 -29.65 -40.95
C LEU A 490 -10.33 -30.08 -41.19
N SER A 491 -9.69 -29.50 -42.20
CA SER A 491 -8.33 -29.88 -42.56
C SER A 491 -7.64 -28.74 -43.29
N PRO A 492 -6.30 -28.74 -43.29
CA PRO A 492 -5.64 -27.66 -43.97
C PRO A 492 -5.89 -27.72 -45.47
N THR A 493 -5.93 -26.56 -46.12
CA THR A 493 -5.98 -26.58 -47.56
C THR A 493 -4.55 -26.94 -48.00
N ASP A 494 -4.51 -27.68 -49.10
CA ASP A 494 -3.25 -28.07 -49.75
C ASP A 494 -2.35 -28.82 -48.78
N PRO A 495 -2.91 -29.88 -48.14
CA PRO A 495 -2.30 -30.53 -46.98
C PRO A 495 -0.87 -31.04 -47.20
N VAL A 496 -0.65 -31.67 -48.36
CA VAL A 496 0.70 -32.04 -48.85
C VAL A 496 1.22 -30.78 -49.50
N VAL A 497 2.27 -30.22 -48.89
CA VAL A 497 2.87 -28.91 -49.24
C VAL A 497 2.81 -28.08 -47.96
N THR A 498 1.61 -27.68 -47.54
CA THR A 498 1.47 -26.85 -46.32
C THR A 498 1.79 -27.70 -45.10
N ASN A 499 1.65 -29.05 -45.24
CA ASN A 499 2.10 -30.03 -44.25
C ASN A 499 2.72 -31.32 -44.80
N HIS A 500 4.01 -31.20 -45.04
CA HIS A 500 4.83 -32.29 -45.44
C HIS A 500 4.77 -33.43 -44.41
N PHE A 501 4.65 -33.15 -43.11
CA PHE A 501 4.96 -34.18 -42.06
C PHE A 501 3.75 -34.92 -41.47
N TYR A 502 2.60 -34.26 -41.48
CA TYR A 502 1.34 -34.85 -41.10
C TYR A 502 0.33 -34.48 -42.22
N PRO A 503 0.56 -35.03 -43.43
CA PRO A 503 -0.30 -34.67 -44.57
C PRO A 503 -1.77 -35.05 -44.42
N GLU A 504 -2.06 -36.03 -43.58
CA GLU A 504 -3.44 -36.47 -43.28
C GLU A 504 -4.03 -35.83 -42.02
N LEU A 505 -3.40 -34.78 -41.49
CA LEU A 505 -3.98 -34.10 -40.33
C LEU A 505 -5.44 -33.71 -40.59
N SER A 506 -6.35 -34.25 -39.81
CA SER A 506 -7.72 -33.71 -39.85
C SER A 506 -8.41 -33.68 -38.46
N PHE A 507 -9.51 -32.92 -38.42
CA PHE A 507 -10.35 -32.86 -37.26
C PHE A 507 -11.76 -33.09 -37.67
N ARG A 508 -12.54 -33.57 -36.72
CA ARG A 508 -13.99 -33.58 -36.91
C ARG A 508 -14.73 -33.04 -35.71
N MET A 509 -15.92 -32.53 -35.97
CA MET A 509 -16.85 -32.10 -34.94
C MET A 509 -18.24 -32.67 -35.20
N ARG A 510 -18.84 -33.30 -34.20
CA ARG A 510 -20.28 -33.64 -34.23
C ARG A 510 -21.04 -32.57 -33.51
N ILE A 511 -21.97 -31.96 -34.22
CA ILE A 511 -22.73 -30.78 -33.78
C ILE A 511 -24.17 -31.16 -33.59
N PRO A 512 -24.95 -30.36 -32.87
CA PRO A 512 -26.35 -30.72 -32.59
C PRO A 512 -27.22 -30.78 -33.88
N GLU A 513 -28.15 -31.72 -33.92
CA GLU A 513 -29.05 -31.93 -35.06
C GLU A 513 -29.65 -30.72 -35.69
N ASP A 514 -30.13 -29.78 -34.88
CA ASP A 514 -30.94 -28.66 -35.42
C ASP A 514 -30.22 -27.33 -35.38
N CYS A 515 -28.92 -27.34 -35.58
CA CYS A 515 -28.17 -26.11 -35.41
C CYS A 515 -27.88 -25.53 -36.78
N THR A 516 -27.57 -24.25 -36.82
CA THR A 516 -27.08 -23.67 -38.03
C THR A 516 -25.63 -23.19 -37.85
N LEU A 517 -24.92 -23.13 -38.97
CA LEU A 517 -23.51 -22.91 -39.07
C LEU A 517 -23.22 -21.57 -39.78
N SER A 518 -22.33 -20.76 -39.22
CA SER A 518 -21.87 -19.53 -39.91
C SER A 518 -20.48 -19.14 -39.43
N ASP A 519 -20.06 -17.94 -39.82
CA ASP A 519 -18.82 -17.37 -39.31
C ASP A 519 -19.27 -16.26 -38.38
N ASP A 520 -18.55 -15.13 -38.28
CA ASP A 520 -18.97 -14.09 -37.38
C ASP A 520 -20.11 -13.20 -37.92
N SER A 521 -20.58 -13.51 -39.13
CA SER A 521 -21.61 -12.70 -39.78
C SER A 521 -22.87 -12.60 -38.95
N ILE A 522 -23.30 -13.72 -38.34
CA ILE A 522 -24.48 -13.66 -37.46
C ILE A 522 -24.38 -12.62 -36.35
N PHE A 523 -23.18 -12.19 -35.95
CA PHE A 523 -23.06 -11.15 -34.91
C PHE A 523 -23.37 -9.72 -35.37
N PHE A 524 -23.46 -9.48 -36.66
CA PHE A 524 -23.49 -8.13 -37.20
C PHE A 524 -24.82 -7.81 -37.88
N HIS A 525 -25.24 -6.56 -37.69
CA HIS A 525 -26.54 -6.10 -38.23
C HIS A 525 -26.79 -6.37 -39.73
N ASN A 526 -25.84 -5.96 -40.55
CA ASN A 526 -25.90 -6.18 -42.00
C ASN A 526 -25.36 -7.53 -42.47
N ASN A 527 -25.09 -8.43 -41.53
CA ASN A 527 -24.56 -9.78 -41.83
C ASN A 527 -23.22 -9.81 -42.53
N THR A 528 -22.38 -8.80 -42.35
CA THR A 528 -21.06 -8.84 -43.01
C THR A 528 -20.12 -9.80 -42.27
N THR A 529 -19.49 -10.75 -42.96
CA THR A 529 -18.41 -11.51 -42.42
C THR A 529 -17.21 -10.63 -42.27
N ILE A 530 -16.54 -10.71 -41.10
CA ILE A 530 -15.24 -10.10 -40.95
C ILE A 530 -14.18 -11.16 -40.79
N ASN A 531 -14.30 -11.93 -39.73
CA ASN A 531 -13.46 -13.11 -39.52
C ASN A 531 -14.11 -14.39 -40.07
N PRO A 532 -13.65 -14.89 -41.23
CA PRO A 532 -14.28 -16.13 -41.78
C PRO A 532 -13.91 -17.43 -41.07
N SER A 533 -12.95 -17.39 -40.16
CA SER A 533 -12.48 -18.56 -39.44
C SER A 533 -13.04 -18.65 -38.04
N LEU A 534 -13.97 -17.77 -37.69
CA LEU A 534 -14.76 -17.97 -36.50
C LEU A 534 -15.92 -18.89 -36.81
N LEU A 535 -15.83 -20.16 -36.44
CA LEU A 535 -16.90 -21.11 -36.71
C LEU A 535 -17.97 -21.02 -35.63
N SER A 536 -19.13 -20.47 -36.01
CA SER A 536 -20.26 -20.24 -35.10
C SER A 536 -21.43 -21.21 -35.28
N ILE A 537 -21.89 -21.79 -34.18
CA ILE A 537 -22.98 -22.76 -34.15
C ILE A 537 -24.09 -22.16 -33.33
N GLU A 538 -25.19 -21.84 -34.01
CA GLU A 538 -26.42 -21.37 -33.36
C GLU A 538 -27.40 -22.52 -33.10
N ILE A 539 -27.78 -22.66 -31.83
CA ILE A 539 -28.59 -23.75 -31.29
C ILE A 539 -29.77 -23.04 -30.60
N LEU A 540 -30.98 -23.20 -31.16
CA LEU A 540 -32.15 -22.46 -30.73
C LEU A 540 -33.03 -23.31 -29.87
N GLN A 541 -33.52 -22.72 -28.77
CA GLN A 541 -34.51 -23.42 -27.90
C GLN A 541 -34.16 -24.84 -27.52
N LYS A 542 -32.99 -25.01 -26.91
CA LYS A 542 -32.56 -26.31 -26.33
C LYS A 542 -32.20 -26.19 -24.86
N SER A 543 -32.43 -27.26 -24.13
CA SER A 543 -32.16 -27.35 -22.73
C SER A 543 -30.86 -28.10 -22.48
N SER A 544 -30.37 -28.73 -23.53
CA SER A 544 -29.11 -29.40 -23.55
C SER A 544 -28.62 -29.66 -24.98
N PHE A 545 -27.31 -29.82 -25.11
CA PHE A 545 -26.70 -30.15 -26.36
C PHE A 545 -25.28 -30.58 -26.08
N ASP A 546 -24.68 -31.17 -27.09
CA ASP A 546 -23.25 -31.46 -27.04
C ASP A 546 -22.52 -31.17 -28.39
N ILE A 547 -21.20 -30.97 -28.27
CA ILE A 547 -20.31 -30.87 -29.41
C ILE A 547 -19.12 -31.78 -29.15
N VAL A 548 -18.92 -32.74 -30.06
CA VAL A 548 -17.87 -33.70 -29.88
C VAL A 548 -16.76 -33.34 -30.86
N MET A 549 -15.53 -33.30 -30.37
CA MET A 549 -14.39 -32.85 -31.10
C MET A 549 -13.38 -33.99 -31.19
N GLN A 550 -13.01 -34.37 -32.43
CA GLN A 550 -12.04 -35.44 -32.70
C GLN A 550 -10.82 -34.91 -33.41
N GLY A 551 -9.67 -35.46 -33.06
CA GLY A 551 -8.40 -35.17 -33.72
C GLY A 551 -7.78 -36.39 -34.34
N PHE A 552 -7.31 -36.23 -35.55
CA PHE A 552 -6.59 -37.31 -36.27
C PHE A 552 -5.34 -36.76 -36.91
N ASP A 553 -4.20 -37.01 -36.28
CA ASP A 553 -2.91 -36.61 -36.83
C ASP A 553 -2.53 -37.40 -38.09
N THR A 554 -2.97 -38.65 -38.16
CA THR A 554 -2.60 -39.58 -39.26
C THR A 554 -3.82 -40.06 -40.08
N GLY A 555 -4.93 -39.36 -39.98
CA GLY A 555 -6.16 -39.66 -40.72
C GLY A 555 -6.86 -40.96 -40.40
N ASN A 556 -6.66 -41.52 -39.21
CA ASN A 556 -7.33 -42.80 -38.81
C ASN A 556 -8.68 -42.46 -38.20
N VAL A 557 -9.57 -41.97 -39.06
CA VAL A 557 -10.88 -41.52 -38.67
C VAL A 557 -11.71 -42.67 -38.07
N ILE A 558 -12.38 -42.42 -36.96
CA ILE A 558 -13.24 -43.40 -36.29
C ILE A 558 -14.63 -42.82 -36.13
N PRO A 559 -15.69 -43.67 -36.24
CA PRO A 559 -17.02 -43.14 -36.04
C PRO A 559 -17.27 -42.60 -34.62
N PHE A 560 -18.19 -41.64 -34.51
CA PHE A 560 -18.69 -41.14 -33.23
C PHE A 560 -19.50 -42.21 -32.53
N LEU A 561 -19.39 -42.25 -31.20
CA LEU A 561 -20.29 -43.06 -30.40
C LEU A 561 -21.70 -42.46 -30.45
N ASP A 562 -22.66 -43.28 -30.04
CA ASP A 562 -24.03 -42.82 -29.83
C ASP A 562 -24.20 -41.97 -28.60
N GLN A 563 -23.56 -42.39 -27.52
CA GLN A 563 -23.73 -41.79 -26.21
C GLN A 563 -22.33 -41.40 -25.75
N TYR A 564 -22.20 -40.20 -25.20
CA TYR A 564 -20.94 -39.69 -24.63
C TYR A 564 -21.20 -39.45 -23.16
N ASP A 565 -20.75 -40.37 -22.34
CA ASP A 565 -21.00 -40.33 -20.88
C ASP A 565 -19.76 -39.89 -20.07
N TYR A 566 -19.88 -38.79 -19.33
CA TYR A 566 -18.74 -38.26 -18.54
C TYR A 566 -18.24 -39.24 -17.46
N LYS A 567 -19.20 -39.75 -16.72
CA LYS A 567 -18.96 -40.61 -15.58
C LYS A 567 -18.10 -41.83 -15.93
N GLU A 568 -18.43 -42.51 -17.02
CA GLU A 568 -17.60 -43.62 -17.46
C GLU A 568 -16.17 -43.22 -17.77
N GLN A 569 -15.99 -42.04 -18.36
CA GLN A 569 -14.60 -41.62 -18.66
C GLN A 569 -13.90 -41.35 -17.32
N LEU A 570 -14.54 -40.59 -16.44
CA LEU A 570 -14.01 -40.24 -15.10
C LEU A 570 -13.55 -41.50 -14.32
N GLU A 571 -14.37 -42.53 -14.36
CA GLU A 571 -14.02 -43.82 -13.73
C GLU A 571 -12.83 -44.50 -14.37
N ALA A 572 -12.77 -44.51 -15.68
CA ALA A 572 -11.60 -45.09 -16.33
C ALA A 572 -10.31 -44.30 -16.06
N TYR A 573 -10.39 -42.98 -16.19
CA TYR A 573 -9.21 -42.15 -15.85
C TYR A 573 -8.73 -42.27 -14.37
N ARG A 574 -9.67 -42.41 -13.44
CA ARG A 574 -9.33 -42.61 -12.00
C ARG A 574 -8.44 -43.86 -11.87
N ILE A 575 -8.88 -44.96 -12.48
CA ILE A 575 -8.05 -46.18 -12.45
C ILE A 575 -6.66 -45.99 -13.10
N TYR A 576 -6.64 -45.37 -14.28
CA TYR A 576 -5.39 -45.10 -14.99
C TYR A 576 -4.39 -44.26 -14.16
N TYR A 577 -4.92 -43.25 -13.48
CA TYR A 577 -4.10 -42.38 -12.63
C TYR A 577 -3.68 -43.10 -11.33
N ASP A 578 -4.54 -43.96 -10.81
CA ASP A 578 -4.17 -44.81 -9.64
C ASP A 578 -3.02 -45.70 -9.99
N GLN A 579 -3.15 -46.40 -11.11
CA GLN A 579 -2.05 -47.25 -11.58
C GLN A 579 -0.77 -46.51 -11.85
N LEU A 580 -0.91 -45.30 -12.39
CA LEU A 580 0.26 -44.49 -12.74
C LEU A 580 1.18 -44.19 -11.55
N VAL A 581 0.57 -44.02 -10.40
CA VAL A 581 1.26 -43.78 -9.12
C VAL A 581 1.27 -45.03 -8.18
N CYS A 582 1.11 -46.20 -8.76
CA CYS A 582 1.22 -47.48 -8.03
C CYS A 582 0.29 -47.56 -6.83
N ASN A 583 -0.92 -47.01 -6.96
CA ASN A 583 -1.98 -46.96 -5.96
C ASN A 583 -1.61 -46.28 -4.66
N PHE A 584 -0.69 -45.30 -4.76
CA PHE A 584 -0.23 -44.51 -3.65
C PHE A 584 -1.41 -44.12 -2.82
N LYS A 585 -1.33 -44.37 -1.51
CA LYS A 585 -2.34 -43.92 -0.55
C LYS A 585 -1.81 -43.97 0.89
N LEU A 586 -1.80 -42.83 1.55
CA LEU A 586 -1.47 -42.73 2.96
C LEU A 586 -2.73 -42.84 3.81
N SER A 587 -2.67 -43.62 4.88
CA SER A 587 -3.79 -43.74 5.85
C SER A 587 -3.25 -43.91 7.28
N ALA A 588 -4.16 -43.71 8.22
CA ALA A 588 -3.88 -43.91 9.63
C ALA A 588 -5.14 -44.36 10.33
N PRO A 589 -5.02 -45.05 11.48
CA PRO A 589 -6.26 -45.38 12.23
C PRO A 589 -6.80 -44.18 12.96
N ASP A 590 -5.91 -43.38 13.51
CA ASP A 590 -6.26 -42.07 14.07
C ASP A 590 -6.37 -40.98 13.00
N LYS A 591 -6.45 -39.74 13.42
CA LYS A 591 -6.56 -38.61 12.49
C LYS A 591 -5.27 -38.60 11.65
N ILE A 592 -5.42 -38.84 10.35
CA ILE A 592 -4.31 -38.70 9.40
C ILE A 592 -3.61 -37.31 9.53
N PRO A 593 -2.28 -37.25 9.58
CA PRO A 593 -1.72 -35.91 9.66
C PRO A 593 -2.01 -35.05 8.40
N LEU A 594 -2.22 -33.77 8.61
CA LEU A 594 -2.52 -32.86 7.53
C LEU A 594 -1.55 -33.00 6.35
N SER A 595 -0.26 -33.14 6.64
CA SER A 595 0.72 -33.31 5.57
C SER A 595 0.46 -34.51 4.66
N ALA A 596 0.02 -35.63 5.27
CA ALA A 596 -0.31 -36.83 4.54
C ALA A 596 -1.56 -36.63 3.69
N GLU A 597 -2.53 -35.94 4.26
CA GLU A 597 -3.76 -35.61 3.57
C GLU A 597 -3.50 -34.70 2.33
N LYS A 598 -2.62 -33.72 2.49
CA LYS A 598 -2.15 -32.91 1.34
C LYS A 598 -1.44 -33.77 0.30
N LEU A 599 -0.61 -34.75 0.72
CA LEU A 599 0.04 -35.62 -0.25
C LEU A 599 -0.95 -36.50 -1.02
N ASN A 600 -1.94 -37.07 -0.35
CA ASN A 600 -2.97 -37.88 -1.06
C ASN A 600 -3.74 -37.07 -2.10
N ALA A 601 -4.05 -35.83 -1.76
CA ALA A 601 -4.77 -34.94 -2.68
C ALA A 601 -3.93 -34.51 -3.83
N ILE A 602 -2.65 -34.22 -3.59
CA ILE A 602 -1.80 -33.63 -4.60
C ILE A 602 -1.09 -34.63 -5.52
N ILE A 603 -0.95 -35.87 -5.05
CA ILE A 603 -0.16 -36.86 -5.74
C ILE A 603 -0.76 -37.10 -7.13
N HIS A 604 -2.09 -37.21 -7.23
N HIS A 604 -2.09 -37.22 -7.23
CA HIS A 604 -2.73 -37.43 -8.55
CA HIS A 604 -2.72 -37.45 -8.56
C HIS A 604 -2.69 -36.17 -9.42
C HIS A 604 -2.71 -36.18 -9.43
N TRP A 605 -2.80 -34.99 -8.80
CA TRP A 605 -2.70 -33.72 -9.55
C TRP A 605 -1.29 -33.50 -10.14
N TYR A 606 -0.26 -33.80 -9.34
CA TYR A 606 1.10 -33.70 -9.81
C TYR A 606 1.45 -34.78 -10.83
N ALA A 607 0.86 -35.97 -10.67
CA ALA A 607 1.04 -37.01 -11.67
C ALA A 607 0.51 -36.57 -13.01
N HIS A 608 -0.68 -35.92 -12.99
CA HIS A 608 -1.26 -35.35 -14.22
C HIS A 608 -0.39 -34.25 -14.84
N ASP A 609 0.06 -33.33 -14.01
CA ASP A 609 0.94 -32.27 -14.52
C ASP A 609 2.21 -32.87 -15.13
N ALA A 610 2.81 -33.84 -14.41
CA ALA A 610 4.01 -34.49 -14.91
C ALA A 610 3.78 -35.24 -16.21
N LEU A 611 2.63 -35.91 -16.29
CA LEU A 611 2.32 -36.71 -17.49
C LEU A 611 2.12 -35.81 -18.72
N ILE A 612 1.50 -34.66 -18.51
CA ILE A 612 1.38 -33.62 -19.55
C ILE A 612 2.73 -33.11 -19.98
N HIS A 613 3.56 -32.72 -19.02
CA HIS A 613 4.94 -32.25 -19.29
C HIS A 613 5.71 -33.24 -20.15
N PHE A 614 5.44 -34.52 -19.92
CA PHE A 614 6.01 -35.58 -20.73
C PHE A 614 5.37 -35.71 -22.13
N ALA A 615 4.09 -36.04 -22.15
CA ALA A 615 3.41 -36.53 -23.33
C ALA A 615 2.87 -35.46 -24.26
N SER A 616 2.47 -34.33 -23.68
CA SER A 616 1.85 -33.24 -24.39
C SER A 616 2.47 -31.92 -23.89
N PRO A 617 3.74 -31.67 -24.25
CA PRO A 617 4.51 -30.64 -23.55
C PRO A 617 4.05 -29.21 -23.76
N HIS A 618 3.20 -28.79 -22.87
CA HIS A 618 2.80 -27.41 -22.80
C HIS A 618 2.23 -27.12 -21.40
N GLY A 619 2.15 -25.84 -21.10
CA GLY A 619 1.54 -25.34 -19.85
C GLY A 619 0.44 -24.30 -20.02
N LEU A 620 0.12 -23.63 -18.92
CA LEU A 620 -0.91 -22.61 -18.90
C LEU A 620 -0.31 -21.33 -19.51
N GLU A 621 0.62 -20.70 -18.81
CA GLU A 621 1.35 -19.55 -19.39
C GLU A 621 2.22 -20.01 -20.58
N GLN A 622 2.96 -21.12 -20.39
CA GLN A 622 3.97 -21.56 -21.39
C GLN A 622 3.26 -22.50 -22.38
N SER A 623 2.38 -21.87 -23.18
CA SER A 623 1.54 -22.63 -24.17
C SER A 623 2.37 -23.21 -25.31
N GLY A 624 3.46 -22.52 -25.61
CA GLY A 624 4.38 -22.82 -26.74
C GLY A 624 5.47 -23.73 -26.18
N GLY A 625 5.30 -25.02 -26.48
CA GLY A 625 6.21 -26.10 -26.11
C GLY A 625 6.39 -27.12 -27.19
N ALA A 626 5.64 -28.21 -27.13
CA ALA A 626 5.61 -29.26 -28.14
C ALA A 626 6.80 -30.18 -28.08
N ALA A 627 7.96 -29.58 -28.07
CA ALA A 627 9.23 -30.34 -27.97
C ALA A 627 9.48 -30.92 -26.57
N TRP A 628 10.45 -31.81 -26.50
CA TRP A 628 11.10 -32.14 -25.22
C TRP A 628 12.30 -31.28 -25.05
N GLY A 629 12.41 -30.64 -23.89
CA GLY A 629 13.70 -30.11 -23.46
C GLY A 629 14.57 -31.28 -23.09
N THR A 630 15.84 -31.25 -23.49
CA THR A 630 16.70 -32.40 -23.23
C THR A 630 16.89 -32.62 -21.71
N ARG A 631 17.28 -31.58 -21.00
CA ARG A 631 17.42 -31.72 -19.53
C ARG A 631 16.07 -31.88 -18.86
N ASP A 632 15.01 -31.38 -19.48
CA ASP A 632 13.64 -31.48 -18.93
C ASP A 632 13.11 -32.92 -18.92
N VAL A 633 13.23 -33.62 -20.05
CA VAL A 633 12.67 -34.98 -20.18
C VAL A 633 13.49 -35.93 -19.29
N CYS A 634 14.79 -35.63 -19.17
CA CYS A 634 15.68 -36.40 -18.32
C CYS A 634 15.43 -36.25 -16.80
N GLN A 635 14.67 -35.24 -16.39
CA GLN A 635 14.34 -35.01 -14.99
C GLN A 635 12.93 -35.42 -14.63
N GLY A 636 11.95 -34.56 -14.88
CA GLY A 636 10.61 -34.79 -14.45
C GLY A 636 10.07 -36.12 -14.92
N PRO A 637 10.06 -36.37 -16.24
CA PRO A 637 9.47 -37.61 -16.73
C PRO A 637 10.26 -38.87 -16.31
N ILE A 638 11.59 -38.87 -16.53
CA ILE A 638 12.35 -40.08 -16.22
C ILE A 638 12.30 -40.36 -14.68
N GLU A 639 12.44 -39.33 -13.85
CA GLU A 639 12.43 -39.54 -12.43
C GLU A 639 11.07 -40.03 -11.94
N PHE A 640 10.00 -39.45 -12.46
CA PHE A 640 8.67 -39.92 -12.20
C PHE A 640 8.46 -41.41 -12.59
N PHE A 641 8.85 -41.74 -13.79
CA PHE A 641 8.66 -43.10 -14.32
C PHE A 641 9.56 -44.14 -13.63
N LEU A 642 10.80 -43.78 -13.33
CA LEU A 642 11.62 -44.66 -12.53
C LEU A 642 11.04 -44.97 -11.13
N THR A 643 10.49 -43.95 -10.49
CA THR A 643 9.96 -44.02 -9.15
C THR A 643 8.76 -44.98 -9.08
N THR A 644 7.97 -44.99 -10.16
CA THR A 644 6.72 -45.75 -10.22
C THR A 644 6.87 -47.05 -11.01
N GLY A 645 8.10 -47.44 -11.35
CA GLY A 645 8.36 -48.74 -12.05
C GLY A 645 7.92 -48.80 -13.49
N HIS A 646 7.78 -47.66 -14.15
CA HIS A 646 7.46 -47.65 -15.59
C HIS A 646 8.73 -47.75 -16.42
N PHE A 647 9.39 -48.88 -16.28
CA PHE A 647 10.73 -49.10 -16.84
C PHE A 647 10.78 -49.26 -18.37
N ASP A 648 9.84 -49.99 -18.93
CA ASP A 648 9.74 -50.11 -20.40
C ASP A 648 9.57 -48.73 -21.07
N LEU A 649 8.75 -47.88 -20.49
CA LEU A 649 8.63 -46.53 -20.96
C LEU A 649 9.95 -45.78 -20.95
N VAL A 650 10.67 -45.84 -19.85
CA VAL A 650 11.95 -45.11 -19.74
C VAL A 650 12.91 -45.62 -20.80
N ARG A 651 12.93 -46.94 -21.01
CA ARG A 651 13.86 -47.51 -22.03
C ARG A 651 13.59 -46.83 -23.38
N HIS A 652 12.31 -46.79 -23.75
CA HIS A 652 11.89 -46.18 -25.05
C HIS A 652 12.20 -44.68 -25.12
N ILE A 653 11.99 -43.97 -24.01
CA ILE A 653 12.37 -42.53 -23.91
C ILE A 653 13.85 -42.38 -24.19
N LEU A 654 14.66 -43.23 -23.60
CA LEU A 654 16.10 -43.16 -23.74
C LEU A 654 16.56 -43.44 -25.13
N ILE A 655 15.98 -44.47 -25.74
CA ILE A 655 16.30 -44.71 -27.15
C ILE A 655 15.97 -43.47 -28.05
N THR A 656 14.75 -42.95 -27.91
CA THR A 656 14.36 -41.77 -28.65
C THR A 656 15.36 -40.63 -28.40
N LEU A 657 15.70 -40.45 -27.13
CA LEU A 657 16.60 -39.35 -26.68
C LEU A 657 17.97 -39.47 -27.31
N TYR A 658 18.54 -40.66 -27.27
CA TYR A 658 19.89 -40.90 -27.85
C TYR A 658 19.90 -40.76 -29.41
N SER A 659 18.73 -40.98 -30.02
CA SER A 659 18.55 -40.78 -31.47
C SER A 659 18.61 -39.33 -31.88
N HIS A 660 18.56 -38.46 -30.90
CA HIS A 660 18.57 -37.02 -31.12
C HIS A 660 19.87 -36.37 -30.77
N GLN A 661 20.86 -37.20 -30.40
CA GLN A 661 22.22 -36.69 -30.22
C GLN A 661 22.68 -36.16 -31.61
N ILE A 662 23.40 -35.02 -31.63
CA ILE A 662 23.78 -34.32 -32.85
C ILE A 662 25.09 -34.86 -33.40
N GLU A 663 25.08 -35.23 -34.68
CA GLU A 663 26.27 -35.70 -35.37
C GLU A 663 27.32 -34.58 -35.36
N GLY A 664 28.58 -34.97 -35.16
CA GLY A 664 29.69 -34.02 -35.28
C GLY A 664 30.09 -33.39 -33.98
N GLY A 665 29.23 -32.54 -33.44
CA GLY A 665 29.43 -31.94 -32.10
C GLY A 665 29.29 -33.03 -31.03
N PHE A 666 28.41 -34.00 -31.28
CA PHE A 666 28.11 -35.13 -30.38
C PHE A 666 27.59 -34.79 -28.98
N GLU A 667 27.05 -33.60 -28.84
CA GLU A 667 26.20 -33.19 -27.72
C GLU A 667 24.72 -33.32 -28.14
N TRP A 668 23.82 -32.94 -27.23
CA TRP A 668 22.40 -32.83 -27.52
C TRP A 668 21.98 -31.43 -27.83
N PRO A 669 20.88 -31.29 -28.61
CA PRO A 669 20.27 -30.00 -28.74
C PRO A 669 19.66 -29.57 -27.37
N GLN A 670 19.41 -28.29 -27.21
CA GLN A 670 18.64 -27.83 -26.04
C GLN A 670 17.26 -28.49 -25.91
N TRP A 671 16.60 -28.58 -27.03
CA TRP A 671 15.28 -29.18 -27.16
C TRP A 671 15.10 -29.78 -28.57
N PHE A 672 14.19 -30.74 -28.69
CA PHE A 672 13.88 -31.36 -29.96
C PHE A 672 12.45 -31.84 -29.97
N MET A 673 11.81 -31.76 -31.15
CA MET A 673 10.57 -32.49 -31.37
C MET A 673 10.86 -33.95 -31.34
N PHE A 674 9.95 -34.69 -30.70
CA PHE A 674 10.02 -36.14 -30.57
C PHE A 674 9.02 -36.86 -31.47
N ASP A 675 8.39 -36.11 -32.39
CA ASP A 675 7.42 -36.67 -33.32
C ASP A 675 8.01 -36.63 -34.75
N HIS A 676 7.19 -36.52 -35.80
CA HIS A 676 7.74 -36.48 -37.17
C HIS A 676 8.27 -35.16 -37.60
N TYR A 677 8.05 -34.10 -36.83
CA TYR A 677 8.63 -32.79 -37.19
C TYR A 677 10.16 -32.81 -36.89
N PRO A 678 11.01 -32.60 -37.91
CA PRO A 678 12.43 -32.43 -37.72
C PRO A 678 12.76 -30.98 -37.38
N ILE A 679 12.65 -30.68 -36.08
CA ILE A 679 12.96 -29.37 -35.52
C ILE A 679 13.68 -29.56 -34.18
N HIS A 680 14.83 -28.92 -34.04
CA HIS A 680 15.52 -28.83 -32.78
C HIS A 680 16.29 -27.55 -32.65
N GLN A 681 16.76 -27.31 -31.45
CA GLN A 681 17.67 -26.16 -31.14
C GLN A 681 19.07 -26.74 -30.90
N GLU A 682 19.89 -26.70 -31.96
CA GLU A 682 21.23 -27.36 -31.92
C GLU A 682 22.21 -26.71 -30.92
N ASP A 683 22.03 -25.42 -30.66
CA ASP A 683 22.81 -24.72 -29.62
C ASP A 683 22.29 -25.07 -28.22
N CYS A 684 23.21 -25.45 -27.33
CA CYS A 684 22.82 -25.97 -26.05
C CYS A 684 23.55 -25.26 -24.98
N HIS A 685 22.98 -25.29 -23.78
CA HIS A 685 23.75 -24.91 -22.59
C HIS A 685 24.74 -26.01 -22.21
N GLY A 686 25.69 -25.63 -21.36
CA GLY A 686 26.82 -26.46 -20.95
C GLY A 686 26.51 -27.67 -20.09
N ASP A 687 25.36 -27.68 -19.39
CA ASP A 687 25.04 -28.81 -18.58
C ASP A 687 24.28 -29.90 -19.31
N VAL A 688 23.75 -29.60 -20.49
CA VAL A 688 22.75 -30.43 -21.12
C VAL A 688 23.28 -31.83 -21.39
N VAL A 689 24.50 -31.89 -21.88
CA VAL A 689 25.16 -33.19 -22.18
C VAL A 689 25.14 -34.23 -21.04
N PHE A 690 25.17 -33.77 -19.80
CA PHE A 690 25.20 -34.67 -18.65
C PHE A 690 23.93 -35.37 -18.43
N TRP A 691 22.81 -34.75 -18.82
CA TRP A 691 21.52 -35.28 -18.43
C TRP A 691 21.17 -36.64 -19.06
N PRO A 692 21.43 -36.83 -20.36
CA PRO A 692 21.13 -38.17 -20.92
C PRO A 692 22.07 -39.27 -20.41
N LEU A 693 23.27 -38.86 -20.04
CA LEU A 693 24.24 -39.77 -19.42
C LEU A 693 23.85 -40.22 -18.03
N LYS A 694 23.40 -39.25 -17.22
CA LYS A 694 22.91 -39.53 -15.89
C LYS A 694 21.65 -40.41 -15.97
N ALA A 695 20.70 -40.02 -16.83
CA ALA A 695 19.44 -40.72 -16.94
C ALA A 695 19.59 -42.20 -17.38
N ILE A 696 20.42 -42.46 -18.39
CA ILE A 696 20.70 -43.86 -18.81
C ILE A 696 21.34 -44.68 -17.68
N SER A 697 22.23 -44.03 -16.92
CA SER A 697 22.87 -44.67 -15.76
C SER A 697 21.87 -44.98 -14.65
N ASP A 698 20.95 -44.04 -14.39
CA ASP A 698 19.87 -44.28 -13.41
C ASP A 698 18.97 -45.42 -13.86
N TYR A 699 18.63 -45.43 -15.15
CA TYR A 699 17.81 -46.51 -15.73
C TYR A 699 18.48 -47.90 -15.54
N ILE A 700 19.77 -47.96 -15.89
CA ILE A 700 20.57 -49.19 -15.80
C ILE A 700 20.65 -49.68 -14.37
N GLN A 701 20.89 -48.77 -13.41
CA GLN A 701 20.93 -49.15 -11.96
C GLN A 701 19.63 -49.69 -11.47
N ALA A 702 18.53 -49.11 -11.96
CA ALA A 702 17.20 -49.47 -11.48
C ALA A 702 16.74 -50.83 -12.03
N THR A 703 17.22 -51.17 -13.20
CA THR A 703 16.68 -52.30 -13.94
C THR A 703 17.69 -53.43 -14.15
N GLY A 704 18.99 -53.12 -14.14
CA GLY A 704 20.04 -54.01 -14.66
C GLY A 704 20.01 -54.22 -16.15
N ASP A 705 19.24 -53.41 -16.87
CA ASP A 705 19.14 -53.60 -18.32
C ASP A 705 20.28 -52.94 -19.08
N THR A 706 21.45 -53.56 -19.00
CA THR A 706 22.63 -53.14 -19.75
C THR A 706 22.52 -53.39 -21.25
N SER A 707 21.55 -54.20 -21.68
CA SER A 707 21.24 -54.37 -23.13
C SER A 707 21.05 -53.05 -23.87
N ILE A 708 20.46 -52.04 -23.21
CA ILE A 708 20.26 -50.71 -23.85
C ILE A 708 21.56 -50.17 -24.47
N LEU A 709 22.69 -50.50 -23.86
CA LEU A 709 23.97 -50.02 -24.33
C LEU A 709 24.36 -50.55 -25.74
N ASN A 710 23.82 -51.72 -26.09
CA ASN A 710 24.14 -52.33 -27.40
C ASN A 710 23.15 -51.91 -28.50
N GLU A 711 22.08 -51.17 -28.17
CA GLU A 711 21.12 -50.74 -29.20
C GLU A 711 21.82 -49.92 -30.23
N LEU A 712 21.47 -50.17 -31.49
CA LEU A 712 21.97 -49.40 -32.61
C LEU A 712 21.03 -48.22 -32.87
N VAL A 713 21.57 -47.01 -32.83
CA VAL A 713 20.74 -45.80 -32.76
C VAL A 713 21.38 -44.74 -33.59
N ASP A 714 20.57 -43.99 -34.34
CA ASP A 714 21.06 -43.00 -35.25
C ASP A 714 21.38 -41.69 -34.51
N TYR A 715 21.94 -40.73 -35.23
CA TYR A 715 22.06 -39.34 -34.81
C TYR A 715 21.18 -38.43 -35.71
N ARG A 716 21.18 -37.14 -35.38
CA ARG A 716 20.54 -36.09 -36.15
C ARG A 716 21.56 -35.10 -36.62
N THR A 717 21.32 -34.53 -37.80
CA THR A 717 22.21 -33.47 -38.33
C THR A 717 21.90 -32.15 -37.64
N ALA A 718 22.93 -31.34 -37.45
CA ALA A 718 22.80 -30.08 -36.73
C ALA A 718 21.80 -29.12 -37.37
N LYS A 719 21.92 -28.93 -38.67
CA LYS A 719 21.19 -27.81 -39.36
C LYS A 719 19.74 -28.12 -39.67
N ASP A 720 19.47 -29.29 -40.19
CA ASP A 720 18.10 -29.60 -40.59
C ASP A 720 17.45 -30.65 -39.74
N ALA A 721 18.12 -31.11 -38.68
CA ALA A 721 17.50 -32.01 -37.69
C ALA A 721 16.99 -33.32 -38.31
N LEU A 722 17.67 -33.76 -39.36
CA LEU A 722 17.31 -35.02 -40.05
C LEU A 722 18.18 -36.15 -39.58
N PRO A 723 17.68 -37.39 -39.64
CA PRO A 723 18.50 -38.53 -39.33
C PRO A 723 19.76 -38.61 -40.22
N THR A 724 20.88 -38.96 -39.63
CA THR A 724 22.16 -39.01 -40.38
C THR A 724 22.37 -40.33 -41.15
N ASN A 725 21.53 -41.32 -40.86
CA ASN A 725 21.70 -42.71 -41.30
C ASN A 725 23.11 -43.22 -41.10
N GLN A 726 23.61 -43.09 -39.89
CA GLN A 726 24.92 -43.61 -39.51
C GLN A 726 24.80 -44.04 -38.07
N PRO A 727 23.99 -45.08 -37.84
CA PRO A 727 23.82 -45.51 -36.47
C PRO A 727 25.07 -46.06 -35.82
N GLU A 728 25.15 -45.86 -34.52
CA GLU A 728 26.15 -46.51 -33.67
C GLU A 728 25.47 -47.04 -32.41
N THR A 729 26.17 -47.87 -31.66
CA THR A 729 25.64 -48.41 -30.41
C THR A 729 25.50 -47.22 -29.45
N ILE A 730 24.52 -47.36 -28.56
CA ILE A 730 24.37 -46.39 -27.48
C ILE A 730 25.67 -46.23 -26.64
N LEU A 731 26.38 -47.33 -26.44
CA LEU A 731 27.71 -47.25 -25.80
C LEU A 731 28.66 -46.28 -26.50
N ILE A 732 28.67 -46.31 -27.81
CA ILE A 732 29.54 -45.38 -28.54
C ILE A 732 29.02 -43.95 -28.51
N HIS A 733 27.70 -43.81 -28.54
CA HIS A 733 27.04 -42.49 -28.34
C HIS A 733 27.58 -41.90 -27.05
N ILE A 734 27.53 -42.71 -25.99
CA ILE A 734 28.07 -42.29 -24.66
C ILE A 734 29.54 -41.90 -24.73
N LYS A 735 30.37 -42.76 -25.34
CA LYS A 735 31.83 -42.46 -25.49
C LYS A 735 32.06 -41.12 -26.17
N ARG A 736 31.32 -40.87 -27.23
CA ARG A 736 31.45 -39.58 -27.93
C ARG A 736 31.04 -38.38 -27.08
N ALA A 737 29.92 -38.51 -26.36
CA ALA A 737 29.48 -37.43 -25.47
C ALA A 737 30.54 -37.19 -24.37
N VAL A 738 31.05 -38.28 -23.82
CA VAL A 738 32.17 -38.18 -22.78
C VAL A 738 33.41 -37.48 -23.29
N THR A 739 33.76 -37.69 -24.58
CA THR A 739 34.90 -36.95 -25.19
C THR A 739 34.66 -35.46 -25.19
N THR A 740 33.41 -35.03 -25.44
CA THR A 740 33.09 -33.58 -25.43
C THR A 740 33.30 -33.01 -24.05
N ILE A 741 33.03 -33.82 -23.04
CA ILE A 741 33.21 -33.41 -21.65
C ILE A 741 34.72 -33.30 -21.36
N LYS A 742 35.46 -34.35 -21.66
CA LYS A 742 36.97 -34.37 -21.47
C LYS A 742 37.62 -33.17 -22.13
N ASN A 743 37.14 -32.79 -23.32
CA ASN A 743 37.64 -31.59 -24.05
C ASN A 743 37.25 -30.23 -23.49
N ARG A 744 36.35 -30.24 -22.51
CA ARG A 744 36.06 -29.02 -21.78
C ARG A 744 36.95 -28.70 -20.59
N TYR A 745 37.89 -29.59 -20.26
CA TYR A 745 38.78 -29.33 -19.09
C TYR A 745 39.55 -28.05 -19.33
N LEU A 746 39.56 -27.16 -18.33
CA LEU A 746 40.46 -26.00 -18.39
C LEU A 746 41.91 -26.52 -18.21
N SER A 747 42.79 -25.88 -18.93
CA SER A 747 44.11 -26.47 -19.09
C SER A 747 44.83 -26.48 -17.73
N GLY A 748 45.50 -27.59 -17.47
CA GLY A 748 46.13 -27.84 -16.18
C GLY A 748 45.23 -28.48 -15.11
N THR A 749 43.94 -28.67 -15.43
CA THR A 749 42.91 -29.03 -14.44
C THR A 749 41.86 -30.00 -14.99
N ALA A 750 40.97 -30.45 -14.12
CA ALA A 750 39.78 -31.15 -14.59
C ALA A 750 38.52 -30.29 -14.29
N LEU A 751 38.70 -28.96 -14.35
CA LEU A 751 37.60 -28.01 -14.21
C LEU A 751 36.86 -27.93 -15.56
N ILE A 752 35.56 -28.19 -15.52
CA ILE A 752 34.75 -28.21 -16.69
C ILE A 752 34.31 -26.81 -17.02
N SER A 753 34.66 -26.37 -18.22
CA SER A 753 34.27 -25.03 -18.68
C SER A 753 32.72 -24.86 -18.67
N TYR A 754 32.27 -23.69 -18.30
CA TYR A 754 30.84 -23.33 -18.25
C TYR A 754 30.12 -23.51 -19.59
N ALA A 755 30.82 -23.12 -20.66
CA ALA A 755 30.24 -23.11 -22.03
C ALA A 755 28.89 -22.34 -22.02
N GLY A 756 27.84 -22.85 -22.63
CA GLY A 756 26.60 -22.03 -22.84
C GLY A 756 25.75 -21.80 -21.61
N GLY A 757 26.27 -22.15 -20.43
CA GLY A 757 25.54 -21.95 -19.17
C GLY A 757 25.23 -23.27 -18.46
N ASP A 758 24.60 -23.19 -17.31
CA ASP A 758 24.18 -24.40 -16.58
C ASP A 758 22.65 -24.50 -16.50
N TRP A 759 22.15 -25.27 -15.51
CA TRP A 759 20.70 -25.47 -15.19
C TRP A 759 19.88 -24.16 -15.24
N ASP A 760 20.49 -23.09 -14.70
CA ASP A 760 19.80 -21.78 -14.65
C ASP A 760 19.91 -21.07 -16.01
N ASP A 761 18.84 -21.15 -16.80
CA ASP A 761 18.81 -20.56 -18.16
C ASP A 761 19.01 -19.03 -18.15
N THR A 762 18.77 -18.35 -17.01
CA THR A 762 18.98 -16.88 -16.95
C THR A 762 20.43 -16.47 -16.74
N LEU A 763 21.27 -17.47 -16.47
CA LEU A 763 22.73 -17.25 -16.20
C LEU A 763 23.68 -17.52 -17.39
N GLN A 764 23.17 -17.42 -18.63
CA GLN A 764 24.04 -17.58 -19.82
C GLN A 764 25.10 -16.50 -19.68
N PRO A 765 26.33 -16.83 -20.06
CA PRO A 765 27.43 -15.88 -19.94
C PRO A 765 27.25 -14.68 -20.92
N ALA A 766 27.55 -13.47 -20.46
CA ALA A 766 27.36 -12.25 -21.29
C ALA A 766 28.40 -12.02 -22.40
N ASN A 767 29.50 -12.79 -22.39
CA ASN A 767 30.59 -12.69 -23.43
C ASN A 767 31.41 -14.01 -23.53
N SER A 768 32.29 -14.12 -24.53
CA SER A 768 33.02 -15.35 -24.86
C SER A 768 34.11 -15.70 -23.81
N GLU A 769 34.73 -14.69 -23.23
CA GLU A 769 35.71 -14.90 -22.14
C GLU A 769 35.02 -15.58 -20.92
N LEU A 770 33.85 -15.04 -20.54
CA LEU A 770 33.01 -15.66 -19.47
C LEU A 770 32.57 -17.09 -19.84
N LYS A 771 32.19 -17.32 -21.09
CA LYS A 771 31.88 -18.67 -21.65
C LYS A 771 33.05 -19.70 -21.59
N GLU A 772 34.24 -19.22 -21.90
CA GLU A 772 35.45 -20.08 -21.90
C GLU A 772 36.02 -20.23 -20.49
N ASN A 773 36.01 -19.15 -19.71
CA ASN A 773 36.79 -19.08 -18.46
C ASN A 773 36.00 -19.25 -17.17
N LEU A 774 34.67 -19.20 -17.25
CA LEU A 774 33.87 -19.51 -16.08
C LEU A 774 33.84 -21.03 -15.88
N VAL A 775 33.78 -21.37 -14.60
CA VAL A 775 33.47 -22.71 -14.14
C VAL A 775 32.30 -22.61 -13.17
N SER A 776 31.21 -23.32 -13.47
CA SER A 776 30.07 -23.45 -12.56
C SER A 776 30.37 -24.58 -11.61
N ALA A 777 30.40 -24.28 -10.31
CA ALA A 777 30.54 -25.34 -9.27
C ALA A 777 29.38 -26.36 -9.32
N TRP A 778 28.20 -25.90 -9.74
CA TRP A 778 27.08 -26.77 -9.90
C TRP A 778 27.32 -27.74 -11.01
N THR A 779 27.70 -27.20 -12.15
CA THR A 779 28.09 -28.09 -13.30
C THR A 779 29.21 -29.09 -12.93
N GLN A 780 30.22 -28.60 -12.21
CA GLN A 780 31.33 -29.44 -11.82
C GLN A 780 30.81 -30.62 -11.02
N ALA A 781 29.92 -30.31 -10.07
CA ALA A 781 29.37 -31.33 -9.18
C ALA A 781 28.54 -32.33 -9.96
N LEU A 782 27.71 -31.80 -10.87
CA LEU A 782 26.86 -32.69 -11.73
C LEU A 782 27.70 -33.63 -12.57
N ALA A 783 28.80 -33.10 -13.09
CA ALA A 783 29.74 -33.87 -13.92
C ALA A 783 30.34 -35.01 -13.12
N GLU A 784 30.85 -34.68 -11.94
CA GLU A 784 31.39 -35.69 -11.04
C GLU A 784 30.36 -36.79 -10.83
N GLN A 785 29.15 -36.37 -10.46
CA GLN A 785 28.12 -37.30 -10.13
C GLN A 785 27.78 -38.24 -11.33
N THR A 786 27.68 -37.61 -12.50
CA THR A 786 27.19 -38.26 -13.68
C THR A 786 28.26 -39.29 -14.10
N LEU A 787 29.49 -38.85 -14.16
CA LEU A 787 30.59 -39.75 -14.53
C LEU A 787 30.79 -40.93 -13.57
N GLU A 788 30.53 -40.72 -12.27
CA GLU A 788 30.53 -41.84 -11.29
C GLU A 788 29.41 -42.80 -11.56
N LEU A 789 28.22 -42.25 -11.79
CA LEU A 789 27.07 -43.11 -12.13
C LEU A 789 27.32 -43.92 -13.43
N LEU A 790 27.87 -43.27 -14.44
CA LEU A 790 28.17 -43.95 -15.69
C LEU A 790 29.20 -45.08 -15.45
N CYS A 791 30.24 -44.77 -14.68
CA CYS A 791 31.23 -45.76 -14.32
C CYS A 791 30.55 -47.03 -13.82
N SER A 792 29.63 -46.92 -12.85
CA SER A 792 28.96 -48.13 -12.34
C SER A 792 28.10 -48.83 -13.35
N ALA A 793 27.37 -48.04 -14.13
CA ALA A 793 26.41 -48.62 -15.07
C ALA A 793 27.10 -49.46 -16.18
N ILE A 794 28.30 -49.03 -16.52
CA ILE A 794 29.10 -49.60 -17.59
C ILE A 794 30.15 -50.65 -17.13
N LYS A 795 30.40 -50.75 -15.83
CA LYS A 795 31.46 -51.61 -15.25
C LYS A 795 31.41 -53.03 -15.82
N GLY A 796 30.22 -53.64 -15.85
CA GLY A 796 30.09 -55.03 -16.35
C GLY A 796 30.28 -55.26 -17.85
N ILE A 797 30.36 -54.20 -18.63
CA ILE A 797 30.26 -54.25 -20.08
C ILE A 797 31.53 -53.81 -20.77
N ASP A 798 32.16 -52.80 -20.23
CA ASP A 798 33.35 -52.23 -20.85
C ASP A 798 34.27 -51.79 -19.71
N HIS A 799 35.05 -52.75 -19.26
CA HIS A 799 35.89 -52.62 -18.07
C HIS A 799 36.83 -51.42 -18.21
N ASP A 800 37.42 -51.32 -19.38
CA ASP A 800 38.33 -50.23 -19.66
C ASP A 800 37.72 -48.83 -19.67
N PHE A 801 36.57 -48.70 -20.33
CA PHE A 801 35.92 -47.38 -20.41
C PHE A 801 35.51 -46.96 -19.00
N SER A 802 35.02 -47.94 -18.25
CA SER A 802 34.65 -47.77 -16.85
C SER A 802 35.81 -47.26 -15.98
N LYS A 803 37.02 -47.78 -16.20
CA LYS A 803 38.22 -47.24 -15.52
C LYS A 803 38.50 -45.79 -15.91
N GLU A 804 38.39 -45.49 -17.21
CA GLU A 804 38.58 -44.10 -17.66
C GLU A 804 37.51 -43.16 -17.07
N LEU A 805 36.27 -43.63 -17.03
CA LEU A 805 35.18 -42.89 -16.34
C LEU A 805 35.47 -42.59 -14.86
N SER A 806 35.96 -43.60 -14.15
CA SER A 806 36.39 -43.42 -12.74
C SER A 806 37.51 -42.38 -12.61
N HIS A 807 38.48 -42.45 -13.51
CA HIS A 807 39.57 -41.47 -13.48
C HIS A 807 39.02 -40.07 -13.68
N MET A 808 38.15 -39.93 -14.67
CA MET A 808 37.51 -38.63 -14.94
C MET A 808 36.75 -38.13 -13.72
N ALA A 809 35.93 -38.99 -13.16
CA ALA A 809 35.10 -38.57 -12.02
C ALA A 809 35.93 -38.11 -10.84
N ASN A 810 36.96 -38.89 -10.57
CA ASN A 810 37.91 -38.56 -9.51
C ASN A 810 38.71 -37.30 -9.78
N ASP A 811 39.17 -37.09 -11.01
CA ASP A 811 39.89 -35.85 -11.31
C ASP A 811 38.97 -34.65 -11.18
N ILE A 812 37.71 -34.82 -11.57
CA ILE A 812 36.75 -33.72 -11.48
C ILE A 812 36.49 -33.40 -10.01
N ARG A 813 36.34 -34.46 -9.23
CA ARG A 813 36.25 -34.36 -7.76
C ARG A 813 37.43 -33.61 -7.16
N THR A 814 38.63 -33.98 -7.58
CA THR A 814 39.86 -33.31 -7.10
C THR A 814 39.91 -31.83 -7.45
N SER A 815 39.63 -31.49 -8.70
CA SER A 815 39.55 -30.08 -9.06
C SER A 815 38.44 -29.31 -8.32
N PHE A 816 37.32 -29.97 -8.04
CA PHE A 816 36.22 -29.35 -7.27
C PHE A 816 36.75 -28.88 -5.93
N TYR A 817 37.36 -29.79 -5.19
CA TYR A 817 37.96 -29.46 -3.89
C TYR A 817 39.14 -28.49 -3.95
N GLN A 818 40.03 -28.69 -4.90
CA GLN A 818 41.20 -27.82 -5.08
C GLN A 818 40.93 -26.36 -5.52
N TYR A 819 39.91 -26.13 -6.34
CA TYR A 819 39.67 -24.82 -6.90
C TYR A 819 38.38 -24.14 -6.48
N LEU A 820 37.36 -24.90 -6.06
CA LEU A 820 36.01 -24.24 -5.97
C LEU A 820 35.55 -23.99 -4.56
N ILE A 821 36.39 -24.30 -3.59
CA ILE A 821 36.07 -24.12 -2.18
C ILE A 821 37.10 -23.20 -1.51
N LYS A 822 36.63 -22.20 -0.80
CA LYS A 822 37.50 -21.28 -0.07
C LYS A 822 36.86 -20.91 1.27
N ASP A 823 37.65 -21.03 2.35
CA ASP A 823 37.14 -20.83 3.73
C ASP A 823 35.91 -21.71 4.02
N GLY A 824 35.91 -22.92 3.49
CA GLY A 824 34.79 -23.86 3.68
C GLY A 824 33.52 -23.56 2.85
N VAL A 825 33.52 -22.46 2.09
CA VAL A 825 32.38 -22.08 1.26
C VAL A 825 32.62 -22.41 -0.20
N ILE A 826 31.72 -23.25 -0.78
CA ILE A 826 31.72 -23.51 -2.21
C ILE A 826 31.35 -22.26 -2.94
N ALA A 827 32.23 -21.81 -3.82
CA ALA A 827 31.92 -20.65 -4.66
C ALA A 827 30.93 -21.04 -5.74
N GLY A 828 30.04 -20.14 -6.05
CA GLY A 828 29.09 -20.38 -7.13
C GLY A 828 29.82 -20.58 -8.44
N PHE A 829 30.79 -19.71 -8.69
CA PHE A 829 31.59 -19.76 -9.93
C PHE A 829 33.04 -19.49 -9.64
N LEU A 830 33.91 -20.05 -10.46
CA LEU A 830 35.28 -19.59 -10.54
C LEU A 830 35.51 -19.07 -11.91
N TYR A 831 36.11 -17.88 -11.97
CA TYR A 831 36.65 -17.32 -13.22
C TYR A 831 38.14 -17.66 -13.28
N ARG A 832 38.55 -18.43 -14.29
CA ARG A 832 39.95 -18.80 -14.42
C ARG A 832 40.44 -18.50 -15.81
N GLU A 833 41.10 -17.36 -15.97
CA GLU A 833 41.78 -17.06 -17.24
C GLU A 833 43.04 -17.95 -17.36
N SER A 834 43.70 -18.15 -16.23
CA SER A 834 44.86 -19.07 -16.13
C SER A 834 45.14 -19.33 -14.64
N GLU A 835 46.13 -20.18 -14.32
CA GLU A 835 46.55 -20.38 -12.92
C GLU A 835 46.89 -19.06 -12.20
N GLU A 836 47.41 -18.10 -12.96
CA GLU A 836 47.84 -16.82 -12.41
C GLU A 836 46.74 -15.80 -12.25
N HIS A 837 45.62 -15.96 -12.95
CA HIS A 837 44.46 -15.01 -12.92
C HIS A 837 43.11 -15.72 -12.70
N MET A 838 42.78 -15.84 -11.40
CA MET A 838 41.59 -16.54 -10.91
C MET A 838 40.81 -15.64 -9.97
N LYS A 839 39.49 -15.80 -9.94
CA LYS A 839 38.63 -14.95 -9.10
C LYS A 839 37.36 -15.74 -8.78
N TYR A 840 37.03 -15.84 -7.49
CA TYR A 840 35.76 -16.48 -7.11
C TYR A 840 34.63 -15.52 -7.41
N MET A 841 33.48 -16.06 -7.79
CA MET A 841 32.24 -15.27 -7.83
C MET A 841 31.13 -16.00 -7.10
N LEU A 842 30.12 -15.23 -6.70
CA LEU A 842 29.02 -15.76 -5.87
C LEU A 842 29.65 -16.55 -4.70
N HIS A 843 30.52 -15.82 -4.01
CA HIS A 843 31.35 -16.31 -2.88
C HIS A 843 31.63 -15.05 -2.03
N PRO A 844 31.78 -15.21 -0.68
CA PRO A 844 32.06 -14.00 0.17
C PRO A 844 33.29 -13.13 -0.22
N ASP A 845 34.31 -13.75 -0.84
CA ASP A 845 35.53 -13.03 -1.33
C ASP A 845 35.25 -12.08 -2.47
N ASP A 846 34.16 -12.28 -3.20
CA ASP A 846 33.75 -11.35 -4.23
C ASP A 846 33.10 -10.10 -3.59
N THR A 847 33.93 -9.32 -2.91
CA THR A 847 33.46 -8.16 -2.09
C THR A 847 32.97 -7.00 -2.97
N GLU A 848 33.43 -6.92 -4.21
CA GLU A 848 32.89 -5.96 -5.20
C GLU A 848 31.43 -6.17 -5.50
N SER A 849 31.07 -7.43 -5.57
CA SER A 849 29.69 -7.83 -5.94
C SER A 849 28.79 -7.78 -4.70
N SER A 850 27.49 -7.68 -4.99
CA SER A 850 26.44 -7.76 -3.97
C SER A 850 25.96 -9.21 -3.72
N ILE A 851 26.47 -10.18 -4.47
CA ILE A 851 26.05 -11.59 -4.41
C ILE A 851 27.17 -12.46 -3.91
N HIS A 852 26.95 -13.11 -2.75
CA HIS A 852 28.02 -13.89 -2.07
C HIS A 852 27.76 -15.37 -1.80
N TYR A 853 26.54 -15.81 -2.03
CA TYR A 853 26.16 -17.25 -1.89
C TYR A 853 25.21 -17.74 -2.98
N ARG A 854 25.45 -18.99 -3.42
CA ARG A 854 24.68 -19.66 -4.45
C ARG A 854 24.20 -21.02 -3.95
N LEU A 855 22.92 -21.28 -4.12
CA LEU A 855 22.30 -22.52 -3.66
C LEU A 855 22.72 -23.77 -4.39
N LEU A 856 22.67 -23.67 -5.70
CA LEU A 856 22.78 -24.88 -6.56
C LEU A 856 23.97 -25.85 -6.26
N PRO A 857 25.21 -25.35 -6.23
CA PRO A 857 26.33 -26.22 -5.82
C PRO A 857 26.18 -26.87 -4.44
N LEU A 858 25.55 -26.16 -3.51
CA LEU A 858 25.36 -26.67 -2.15
C LEU A 858 24.47 -27.93 -2.17
N THR A 859 23.39 -27.88 -2.94
CA THR A 859 22.47 -29.01 -3.01
C THR A 859 22.99 -30.15 -3.87
N ARG A 860 23.49 -29.85 -5.04
CA ARG A 860 24.02 -30.89 -5.92
C ARG A 860 25.22 -31.65 -5.29
N SER A 861 26.09 -30.92 -4.62
CA SER A 861 27.28 -31.59 -3.97
C SER A 861 26.86 -32.60 -2.90
N ILE A 862 25.74 -32.33 -2.23
CA ILE A 862 25.16 -33.20 -1.19
C ILE A 862 24.43 -34.39 -1.79
N ILE A 863 23.59 -34.08 -2.79
CA ILE A 863 22.85 -35.15 -3.52
C ILE A 863 23.84 -36.19 -4.07
N ALA A 864 24.89 -35.73 -4.65
CA ALA A 864 25.92 -36.62 -5.23
C ALA A 864 26.84 -37.32 -4.20
N GLN A 865 26.72 -36.97 -2.91
CA GLN A 865 27.67 -37.43 -1.88
C GLN A 865 29.08 -37.05 -2.27
N LEU A 866 29.22 -35.88 -2.89
CA LEU A 866 30.50 -35.34 -3.22
C LEU A 866 31.05 -34.47 -2.10
N ALA A 867 30.17 -33.66 -1.52
CA ALA A 867 30.48 -32.85 -0.33
C ALA A 867 30.78 -33.79 0.84
N ASP A 868 31.95 -33.63 1.46
CA ASP A 868 32.26 -34.44 2.68
C ASP A 868 31.28 -33.94 3.81
N PHE A 869 31.16 -34.67 4.91
CA PHE A 869 30.22 -34.37 5.97
C PHE A 869 30.43 -32.96 6.48
N LYS A 870 31.69 -32.56 6.64
CA LYS A 870 32.00 -31.20 7.12
C LYS A 870 31.44 -30.13 6.12
N LEU A 871 31.66 -30.34 4.83
CA LEU A 871 31.23 -29.37 3.85
C LEU A 871 29.68 -29.34 3.69
N ALA A 872 29.07 -30.52 3.70
CA ALA A 872 27.62 -30.66 3.66
C ALA A 872 27.01 -29.90 4.82
N THR A 873 27.60 -30.07 6.00
CA THR A 873 27.10 -29.46 7.22
C THR A 873 27.22 -27.95 7.09
N ARG A 874 28.34 -27.51 6.62
CA ARG A 874 28.53 -26.08 6.35
C ARG A 874 27.48 -25.59 5.30
N ASN A 875 27.30 -26.34 4.24
CA ASN A 875 26.31 -25.95 3.19
C ASN A 875 24.96 -25.64 3.79
N LEU A 876 24.50 -26.54 4.65
CA LEU A 876 23.21 -26.35 5.33
C LEU A 876 23.19 -25.11 6.23
N GLU A 877 24.28 -24.80 6.93
CA GLU A 877 24.32 -23.51 7.71
C GLU A 877 24.24 -22.29 6.82
N ILE A 878 24.93 -22.31 5.70
CA ILE A 878 24.90 -21.21 4.72
C ILE A 878 23.47 -21.00 4.19
N ILE A 879 22.80 -22.10 3.86
CA ILE A 879 21.39 -22.03 3.44
C ILE A 879 20.56 -21.39 4.57
N ASP A 880 20.64 -21.96 5.78
CA ASP A 880 19.90 -21.42 6.95
C ASP A 880 20.11 -19.93 7.16
N GLU A 881 21.34 -19.49 7.02
CA GLU A 881 21.69 -18.10 7.37
C GLU A 881 21.48 -17.11 6.24
N HIS A 882 21.58 -17.55 4.99
CA HIS A 882 21.60 -16.65 3.85
C HIS A 882 20.55 -16.89 2.73
N LEU A 883 19.93 -18.06 2.71
CA LEU A 883 19.08 -18.46 1.57
C LEU A 883 17.67 -18.87 1.96
N ALA A 884 17.50 -19.41 3.18
CA ALA A 884 16.21 -19.93 3.64
C ALA A 884 15.19 -18.80 3.90
N CYS A 885 14.01 -18.93 3.30
CA CYS A 885 12.87 -18.03 3.53
C CYS A 885 11.61 -18.82 3.88
N PRO A 886 10.58 -18.11 4.36
CA PRO A 886 9.31 -18.78 4.61
C PRO A 886 8.66 -19.48 3.42
N ASP A 887 8.94 -18.96 2.21
CA ASP A 887 8.39 -19.55 0.95
C ASP A 887 9.33 -20.56 0.25
N GLY A 888 10.47 -20.85 0.90
CA GLY A 888 11.42 -21.87 0.42
C GLY A 888 12.85 -21.28 0.42
N VAL A 889 13.78 -22.08 -0.07
CA VAL A 889 15.16 -21.65 -0.20
C VAL A 889 15.42 -20.96 -1.54
N ARG A 890 16.22 -19.88 -1.46
CA ARG A 890 16.51 -19.04 -2.61
C ARG A 890 17.83 -19.38 -3.32
N LEU A 891 17.87 -19.06 -4.60
CA LEU A 891 18.95 -19.49 -5.51
C LEU A 891 20.28 -18.78 -5.25
N MET A 892 20.18 -17.52 -4.76
CA MET A 892 21.32 -16.72 -4.36
C MET A 892 20.87 -15.84 -3.19
N ASP A 893 21.84 -15.25 -2.51
CA ASP A 893 21.57 -14.37 -1.33
C ASP A 893 21.29 -12.90 -1.68
N HIS A 894 21.26 -12.58 -2.97
CA HIS A 894 20.97 -11.23 -3.43
C HIS A 894 20.56 -11.31 -4.90
N PRO A 895 19.71 -10.38 -5.39
CA PRO A 895 19.38 -10.42 -6.82
C PRO A 895 20.54 -10.22 -7.75
N ALA A 896 20.41 -10.75 -8.97
CA ALA A 896 21.40 -10.44 -10.02
C ALA A 896 21.41 -8.94 -10.25
N SER A 897 22.43 -8.45 -10.93
CA SER A 897 22.53 -6.99 -11.21
C SER A 897 21.37 -6.59 -12.09
N TYR A 898 20.91 -5.37 -11.89
CA TYR A 898 20.01 -4.73 -12.81
C TYR A 898 20.36 -3.24 -12.83
N SER A 899 20.72 -2.74 -14.03
CA SER A 899 21.07 -1.31 -14.21
C SER A 899 20.41 -0.68 -15.42
N GLY A 900 19.22 -1.13 -15.76
CA GLY A 900 18.43 -0.57 -16.84
C GLY A 900 18.34 -1.49 -18.03
N GLY A 901 18.93 -2.69 -17.92
CA GLY A 901 18.70 -3.78 -18.87
C GLY A 901 19.87 -4.36 -19.64
N ILE A 902 21.01 -3.68 -19.57
CA ILE A 902 22.22 -4.17 -20.24
C ILE A 902 22.90 -5.21 -19.36
N SER A 903 23.33 -6.31 -19.96
CA SER A 903 24.04 -7.39 -19.24
C SER A 903 25.55 -7.11 -19.10
N LYS A 904 26.10 -7.40 -17.91
CA LYS A 904 27.58 -7.36 -17.70
C LYS A 904 28.18 -8.78 -17.60
N ILE A 905 27.58 -9.62 -16.77
CA ILE A 905 28.09 -10.98 -16.49
C ILE A 905 27.10 -12.06 -16.98
N PHE A 906 25.86 -11.99 -16.53
CA PHE A 906 24.79 -12.93 -16.89
C PHE A 906 23.79 -12.29 -17.85
N LEU A 907 23.23 -13.09 -18.76
CA LEU A 907 22.33 -12.51 -19.73
C LEU A 907 20.91 -12.19 -19.16
N ARG A 908 19.98 -13.14 -19.20
CA ARG A 908 18.57 -12.78 -18.88
C ARG A 908 18.35 -12.38 -17.42
N ALA A 909 19.19 -12.91 -16.53
CA ALA A 909 19.12 -12.51 -15.11
C ALA A 909 19.32 -11.01 -14.92
N GLU A 910 20.09 -10.38 -15.81
CA GLU A 910 20.33 -8.91 -15.74
C GLU A 910 19.44 -8.09 -16.67
N GLN A 911 18.71 -8.78 -17.52
CA GLN A 911 17.78 -8.15 -18.43
C GLN A 911 16.31 -8.10 -17.93
N ALA A 912 15.89 -9.08 -17.13
CA ALA A 912 14.47 -9.14 -16.75
C ALA A 912 14.10 -7.94 -15.88
N ALA A 913 13.09 -7.21 -16.31
CA ALA A 913 12.54 -6.05 -15.56
C ALA A 913 11.57 -6.48 -14.49
N ASN A 914 11.00 -7.69 -14.72
CA ASN A 914 9.98 -8.29 -13.86
C ASN A 914 10.64 -9.19 -12.79
N VAL A 915 10.19 -9.05 -11.56
CA VAL A 915 10.61 -9.94 -10.51
C VAL A 915 9.76 -11.23 -10.61
N GLY A 916 10.30 -12.22 -11.27
CA GLY A 916 9.53 -13.46 -11.51
C GLY A 916 10.43 -14.55 -12.09
N ARG A 917 9.84 -15.72 -12.33
CA ARG A 917 10.54 -16.83 -12.93
C ARG A 917 11.83 -17.09 -12.10
N GLU A 918 12.95 -17.39 -12.73
CA GLU A 918 14.20 -17.65 -12.00
C GLU A 918 14.71 -16.40 -11.25
N ILE A 919 14.31 -15.19 -11.76
CA ILE A 919 14.70 -13.87 -11.19
C ILE A 919 14.10 -13.65 -9.79
N SER A 920 12.97 -14.32 -9.54
CA SER A 920 12.35 -14.44 -8.18
C SER A 920 13.27 -15.01 -7.09
N LEU A 921 14.28 -15.75 -7.54
CA LEU A 921 15.27 -16.48 -6.71
C LEU A 921 14.62 -17.62 -5.94
N GLN A 922 13.29 -17.87 -6.11
CA GLN A 922 12.75 -19.11 -5.54
C GLN A 922 12.09 -19.88 -6.67
N TYR A 923 12.93 -20.61 -7.38
CA TYR A 923 12.54 -21.38 -8.54
C TYR A 923 12.35 -22.80 -7.98
N VAL A 924 11.12 -23.26 -7.99
CA VAL A 924 10.65 -24.31 -7.09
C VAL A 924 11.40 -25.61 -7.35
N HIS A 925 11.69 -25.86 -8.59
CA HIS A 925 12.58 -27.00 -8.97
C HIS A 925 13.86 -27.05 -8.07
N ALA A 926 14.51 -25.90 -7.87
CA ALA A 926 15.74 -25.89 -7.09
C ALA A 926 15.44 -26.17 -5.59
N HIS A 927 14.31 -25.68 -5.11
CA HIS A 927 13.83 -25.95 -3.77
C HIS A 927 13.57 -27.48 -3.60
N ILE A 928 13.02 -28.10 -4.62
CA ILE A 928 12.83 -29.55 -4.58
C ILE A 928 14.16 -30.32 -4.48
N ARG A 929 15.19 -29.86 -5.17
CA ARG A 929 16.53 -30.46 -5.02
C ARG A 929 17.07 -30.28 -3.60
N TYR A 930 16.73 -29.14 -2.97
CA TYR A 930 17.07 -28.90 -1.57
C TYR A 930 16.44 -29.97 -0.69
N ILE A 931 15.16 -30.27 -0.96
CA ILE A 931 14.48 -31.36 -0.24
C ILE A 931 15.25 -32.65 -0.42
N GLU A 932 15.65 -32.92 -1.65
CA GLU A 932 16.42 -34.14 -1.98
C GLU A 932 17.75 -34.21 -1.18
N ALA A 933 18.42 -33.06 -1.10
CA ALA A 933 19.63 -32.95 -0.32
C ALA A 933 19.37 -33.23 1.15
N LEU A 934 18.29 -32.68 1.69
CA LEU A 934 17.95 -32.89 3.11
C LEU A 934 17.65 -34.35 3.41
N ALA A 935 17.00 -34.99 2.46
CA ALA A 935 16.66 -36.40 2.58
C ALA A 935 17.93 -37.25 2.57
N THR A 936 18.87 -36.94 1.66
CA THR A 936 20.18 -37.61 1.57
C THR A 936 20.87 -37.57 2.97
N MET A 937 20.81 -36.40 3.61
CA MET A 937 21.36 -36.19 4.96
C MET A 937 20.50 -36.66 6.14
N GLY A 938 19.30 -37.14 5.85
CA GLY A 938 18.40 -37.72 6.83
C GLY A 938 17.76 -36.68 7.73
N LEU A 939 17.67 -35.45 7.27
CA LEU A 939 17.11 -34.37 8.11
C LEU A 939 15.56 -34.27 7.93
N SER A 940 14.83 -35.11 8.63
CA SER A 940 13.42 -35.33 8.29
C SER A 940 12.58 -34.14 8.59
N LYS A 941 12.86 -33.46 9.68
CA LYS A 941 12.07 -32.31 10.07
C LYS A 941 12.17 -31.17 9.03
N LYS A 942 13.38 -30.84 8.67
CA LYS A 942 13.61 -29.84 7.62
C LYS A 942 13.05 -30.24 6.27
N ALA A 943 13.18 -31.52 5.95
CA ALA A 943 12.77 -32.04 4.63
C ALA A 943 11.24 -31.93 4.46
N TRP A 944 10.51 -32.38 5.48
CA TRP A 944 9.04 -32.38 5.47
C TRP A 944 8.50 -31.00 5.64
N ASP A 945 9.17 -30.17 6.41
CA ASP A 945 8.80 -28.75 6.42
C ASP A 945 8.95 -28.10 5.01
N ALA A 946 10.07 -28.35 4.36
CA ALA A 946 10.33 -27.85 3.00
C ALA A 946 9.35 -28.37 1.94
N LEU A 947 8.94 -29.62 2.08
CA LEU A 947 7.96 -30.22 1.23
C LEU A 947 6.64 -29.44 1.26
N MET A 948 6.27 -29.01 2.46
CA MET A 948 5.03 -28.32 2.69
C MET A 948 5.07 -26.85 2.24
N ARG A 949 6.23 -26.23 2.31
CA ARG A 949 6.33 -24.81 1.97
C ARG A 949 6.03 -24.49 0.50
N ILE A 950 6.12 -25.50 -0.36
CA ILE A 950 5.86 -25.36 -1.81
C ILE A 950 4.61 -26.21 -2.19
N ASN A 951 3.86 -26.70 -1.20
CA ASN A 951 2.66 -27.49 -1.52
C ASN A 951 1.50 -26.52 -1.60
N PRO A 952 0.88 -26.41 -2.80
CA PRO A 952 -0.12 -25.37 -2.99
C PRO A 952 -1.44 -25.59 -2.23
N ILE A 953 -1.64 -26.79 -1.71
CA ILE A 953 -2.83 -27.04 -0.90
C ILE A 953 -2.67 -26.37 0.46
N LEU A 954 -3.63 -25.48 0.76
CA LEU A 954 -3.69 -24.69 2.01
C LEU A 954 -2.36 -23.99 2.33
N LEU A 955 -1.74 -23.53 1.26
CA LEU A 955 -0.43 -22.91 1.33
C LEU A 955 -0.45 -21.66 2.22
N THR A 956 -1.51 -20.85 2.13
CA THR A 956 -1.56 -19.64 2.92
C THR A 956 -1.64 -19.89 4.42
N ASP A 957 -2.17 -21.02 4.84
CA ASP A 957 -2.09 -21.44 6.23
C ASP A 957 -0.66 -21.81 6.63
N TYR A 958 0.08 -22.47 5.75
CA TYR A 958 1.48 -22.91 6.07
C TYR A 958 2.49 -21.76 6.01
N VAL A 959 2.37 -20.91 5.01
CA VAL A 959 3.31 -19.81 4.75
C VAL A 959 2.49 -18.49 4.79
N PRO A 960 2.44 -17.80 5.96
CA PRO A 960 1.45 -16.70 6.14
C PRO A 960 1.61 -15.55 5.16
N ASN A 961 2.81 -15.37 4.60
CA ASN A 961 3.04 -14.26 3.63
C ASN A 961 2.81 -14.69 2.17
N ALA A 962 2.43 -15.95 1.96
CA ALA A 962 2.12 -16.41 0.58
C ALA A 962 0.69 -15.99 0.19
N LEU A 963 0.57 -15.41 -1.00
CA LEU A 963 -0.74 -15.10 -1.54
C LEU A 963 -1.33 -16.37 -2.19
N THR A 964 -2.63 -16.54 -2.05
CA THR A 964 -3.23 -17.77 -2.52
C THR A 964 -3.14 -17.83 -4.07
N ARG A 965 -3.23 -19.06 -4.57
CA ARG A 965 -3.13 -19.38 -5.96
C ARG A 965 -3.83 -20.72 -6.14
N GLN A 966 -3.94 -21.12 -7.38
CA GLN A 966 -4.61 -22.36 -7.73
C GLN A 966 -4.00 -23.48 -6.90
N SER A 967 -4.85 -24.21 -6.21
CA SER A 967 -4.41 -25.21 -5.26
C SER A 967 -4.15 -26.60 -5.83
N ASN A 968 -4.60 -26.87 -7.05
CA ASN A 968 -4.44 -28.22 -7.64
C ASN A 968 -3.49 -28.29 -8.83
N VAL A 969 -2.55 -27.33 -8.90
CA VAL A 969 -1.61 -27.26 -9.99
C VAL A 969 -0.24 -26.83 -9.45
N TYR A 970 0.79 -27.30 -10.09
CA TYR A 970 2.14 -26.94 -9.72
C TYR A 970 2.46 -25.49 -10.11
N PHE A 971 3.08 -24.75 -9.19
CA PHE A 971 3.60 -23.40 -9.42
C PHE A 971 5.15 -23.41 -9.46
N SER A 972 5.69 -22.76 -10.47
CA SER A 972 7.13 -22.95 -10.84
C SER A 972 8.12 -22.03 -10.11
N SER A 973 7.58 -20.96 -9.54
CA SER A 973 8.38 -19.95 -8.81
C SER A 973 7.55 -19.22 -7.76
N SER A 974 8.27 -18.61 -6.79
CA SER A 974 7.65 -17.79 -5.76
C SER A 974 8.38 -16.46 -5.68
N GLU A 975 7.66 -15.38 -5.97
CA GLU A 975 8.31 -14.05 -6.11
C GLU A 975 7.69 -13.04 -5.16
N GLY A 976 8.58 -12.22 -4.61
CA GLY A 976 8.14 -11.16 -3.72
C GLY A 976 7.34 -10.15 -4.57
N CYS A 977 6.36 -9.52 -3.96
CA CYS A 977 5.54 -8.50 -4.57
C CYS A 977 6.30 -7.16 -4.67
N PHE A 978 7.36 -7.19 -5.48
CA PHE A 978 8.23 -6.02 -5.73
C PHE A 978 7.90 -5.54 -7.16
N ASP A 979 7.56 -4.27 -7.27
CA ASP A 979 7.12 -3.68 -8.55
C ASP A 979 8.25 -3.54 -9.61
N ASP A 980 9.48 -3.45 -9.14
CA ASP A 980 10.63 -3.33 -10.05
C ASP A 980 11.89 -3.91 -9.41
N ARG A 981 12.92 -4.05 -10.25
CA ARG A 981 14.21 -4.62 -9.84
C ARG A 981 14.96 -3.81 -8.74
N TYR A 982 14.75 -2.49 -8.73
CA TYR A 982 15.43 -1.57 -7.81
C TYR A 982 14.88 -1.74 -6.40
N GLU A 983 13.55 -1.79 -6.30
CA GLU A 983 12.91 -2.06 -5.01
C GLU A 983 13.26 -3.47 -4.50
N TYR A 984 13.35 -4.42 -5.45
CA TYR A 984 13.68 -5.82 -5.14
C TYR A 984 15.08 -5.90 -4.51
N ALA A 985 16.04 -5.19 -5.11
CA ALA A 985 17.42 -5.19 -4.58
C ALA A 985 17.44 -4.53 -3.19
N LYS A 986 16.80 -3.39 -3.10
CA LYS A 986 16.82 -2.56 -1.88
C LYS A 986 16.20 -3.24 -0.67
N ASN A 987 15.08 -3.90 -0.89
CA ASN A 987 14.33 -4.50 0.22
C ASN A 987 14.23 -6.02 0.16
N PHE A 988 15.28 -6.59 -0.45
CA PHE A 988 15.45 -8.04 -0.64
C PHE A 988 15.26 -8.82 0.67
N ASP A 989 15.77 -8.25 1.78
CA ASP A 989 15.79 -8.96 3.07
C ASP A 989 14.36 -9.26 3.65
N LYS A 990 13.34 -8.54 3.17
CA LYS A 990 11.96 -8.79 3.54
C LYS A 990 11.53 -10.24 3.21
N LEU A 991 12.15 -10.82 2.19
CA LEU A 991 11.87 -12.20 1.79
C LEU A 991 12.27 -13.14 2.90
N ARG A 992 13.47 -12.94 3.45
CA ARG A 992 14.00 -13.82 4.55
C ARG A 992 13.07 -13.79 5.78
N THR A 993 12.56 -12.62 6.13
CA THR A 993 11.80 -12.42 7.36
C THR A 993 10.28 -12.44 7.14
N GLY A 994 9.81 -12.63 5.89
CA GLY A 994 8.33 -12.72 5.63
C GLY A 994 7.56 -11.39 5.73
N ASP A 995 8.26 -10.29 5.49
CA ASP A 995 7.67 -8.94 5.58
C ASP A 995 7.25 -8.37 4.23
N ILE A 996 7.23 -9.21 3.21
CA ILE A 996 6.66 -8.91 1.93
C ILE A 996 5.84 -10.14 1.55
N ASN A 997 4.73 -9.90 0.86
CA ASN A 997 3.94 -10.99 0.32
C ASN A 997 4.70 -11.61 -0.88
N VAL A 998 4.47 -12.89 -1.10
CA VAL A 998 5.03 -13.63 -2.21
C VAL A 998 3.87 -14.28 -2.98
N LYS A 999 4.03 -14.37 -4.29
CA LYS A 999 2.93 -14.84 -5.18
C LYS A 999 3.52 -15.88 -6.12
N GLY A 1000 2.66 -16.71 -6.68
CA GLY A 1000 3.07 -17.86 -7.51
C GLY A 1000 3.38 -17.47 -8.96
N GLY A 1001 4.33 -18.21 -9.53
CA GLY A 1001 4.67 -18.08 -10.93
C GLY A 1001 3.89 -19.03 -11.88
N TRP A 1002 4.51 -19.28 -13.04
CA TRP A 1002 3.89 -20.04 -14.13
C TRP A 1002 3.50 -21.44 -13.67
N ARG A 1003 2.37 -21.89 -14.17
CA ARG A 1003 1.78 -23.15 -13.72
C ARG A 1003 2.00 -24.30 -14.65
N LEU A 1004 2.05 -25.47 -14.02
CA LEU A 1004 1.90 -26.76 -14.65
C LEU A 1004 3.10 -27.33 -15.36
N TYR A 1005 3.59 -26.65 -16.39
CA TYR A 1005 4.67 -27.17 -17.23
C TYR A 1005 6.02 -26.95 -16.53
N SER A 1006 6.56 -28.05 -16.04
CA SER A 1006 7.76 -28.06 -15.25
C SER A 1006 8.15 -29.53 -14.95
N SER A 1007 9.44 -29.74 -14.70
CA SER A 1007 9.92 -31.01 -14.15
C SER A 1007 9.51 -31.17 -12.69
N GLY A 1008 9.16 -30.06 -12.06
CA GLY A 1008 8.81 -30.06 -10.66
C GLY A 1008 7.86 -31.12 -10.19
N PRO A 1009 6.69 -31.26 -10.87
CA PRO A 1009 5.75 -32.23 -10.41
C PRO A 1009 6.35 -33.62 -10.31
N GLY A 1010 7.02 -34.05 -11.35
CA GLY A 1010 7.63 -35.36 -11.38
C GLY A 1010 8.76 -35.53 -10.36
N ILE A 1011 9.61 -34.53 -10.22
CA ILE A 1011 10.68 -34.65 -9.25
C ILE A 1011 10.18 -34.50 -7.79
N TYR A 1012 9.07 -33.77 -7.59
CA TYR A 1012 8.38 -33.69 -6.29
C TYR A 1012 7.84 -35.07 -5.91
N ILE A 1013 7.22 -35.74 -6.88
CA ILE A 1013 6.69 -37.07 -6.66
C ILE A 1013 7.81 -38.02 -6.25
N ARG A 1014 8.95 -37.95 -6.95
CA ARG A 1014 10.13 -38.74 -6.57
C ARG A 1014 10.65 -38.44 -5.14
N ARG A 1015 10.74 -37.17 -4.77
CA ARG A 1015 11.04 -36.85 -3.38
C ARG A 1015 10.09 -37.52 -2.37
N ILE A 1016 8.80 -37.41 -2.62
CA ILE A 1016 7.80 -37.99 -1.74
C ILE A 1016 7.99 -39.48 -1.57
N ILE A 1017 8.03 -40.17 -2.68
CA ILE A 1017 7.97 -41.61 -2.66
C ILE A 1017 9.36 -42.21 -2.34
N ALA A 1018 10.35 -41.80 -3.12
CA ALA A 1018 11.67 -42.45 -3.09
C ALA A 1018 12.56 -41.99 -1.93
N ASP A 1019 12.57 -40.69 -1.67
CA ASP A 1019 13.53 -40.08 -0.73
C ASP A 1019 13.00 -39.90 0.71
N LEU A 1020 11.68 -39.66 0.84
CA LEU A 1020 11.09 -39.36 2.13
C LEU A 1020 10.36 -40.58 2.65
N LEU A 1021 9.35 -41.05 1.90
CA LEU A 1021 8.70 -42.30 2.25
C LEU A 1021 9.68 -43.46 2.10
N GLY A 1022 10.69 -43.25 1.28
CA GLY A 1022 11.84 -44.14 1.21
C GLY A 1022 11.71 -45.43 0.45
N ILE A 1023 10.80 -45.49 -0.52
CA ILE A 1023 10.59 -46.70 -1.33
C ILE A 1023 11.21 -46.54 -2.72
N ARG A 1024 12.32 -47.24 -2.95
CA ARG A 1024 13.07 -47.16 -4.21
C ARG A 1024 13.36 -48.55 -4.78
N PHE A 1025 13.51 -48.61 -6.07
CA PHE A 1025 13.67 -49.87 -6.80
C PHE A 1025 15.05 -49.94 -7.46
N GLY A 1026 15.61 -51.15 -7.42
CA GLY A 1026 16.91 -51.49 -8.02
C GLY A 1026 16.80 -52.85 -8.72
N HIS A 1027 17.87 -53.28 -9.37
CA HIS A 1027 17.85 -54.54 -10.09
C HIS A 1027 17.52 -55.72 -9.17
N ASN A 1028 16.32 -56.27 -9.28
CA ASN A 1028 15.81 -57.40 -8.40
C ASN A 1028 15.96 -57.14 -6.89
N VAL A 1029 15.85 -55.88 -6.50
CA VAL A 1029 15.96 -55.47 -5.12
C VAL A 1029 14.99 -54.34 -4.88
N ILE A 1030 14.62 -54.18 -3.62
CA ILE A 1030 13.89 -53.02 -3.14
C ILE A 1030 14.80 -52.38 -2.10
N HIS A 1031 14.87 -51.07 -2.17
CA HIS A 1031 15.61 -50.21 -1.23
C HIS A 1031 14.56 -49.49 -0.38
N ILE A 1032 14.69 -49.62 0.93
CA ILE A 1032 13.80 -49.01 1.88
C ILE A 1032 14.62 -48.09 2.71
N ASP A 1033 14.33 -46.79 2.66
CA ASP A 1033 15.21 -45.78 3.28
C ASP A 1033 14.50 -44.52 3.63
N PRO A 1034 13.54 -44.62 4.54
CA PRO A 1034 12.70 -43.50 4.84
C PRO A 1034 13.40 -42.42 5.62
N VAL A 1035 12.92 -41.19 5.37
CA VAL A 1035 13.35 -40.03 6.07
C VAL A 1035 12.01 -39.36 6.42
N VAL A 1036 11.49 -39.79 7.60
CA VAL A 1036 10.16 -39.37 8.07
C VAL A 1036 10.22 -38.75 9.45
N THR A 1037 9.24 -37.91 9.73
CA THR A 1037 9.09 -37.34 11.07
C THR A 1037 8.20 -38.25 11.93
N LYS A 1038 8.21 -37.92 13.22
CA LYS A 1038 7.43 -38.61 14.25
C LYS A 1038 5.95 -38.61 13.95
N GLU A 1039 5.45 -37.55 13.36
CA GLU A 1039 4.05 -37.53 13.00
C GLU A 1039 3.63 -38.62 11.96
N LEU A 1040 4.59 -39.12 11.17
CA LEU A 1040 4.31 -40.27 10.34
C LEU A 1040 4.34 -41.62 11.07
N ASP A 1041 4.71 -41.60 12.34
CA ASP A 1041 4.59 -42.79 13.18
C ASP A 1041 3.14 -43.30 13.19
N GLY A 1042 3.00 -44.54 12.77
CA GLY A 1042 1.66 -45.16 12.74
C GLY A 1042 0.86 -44.91 11.47
N VAL A 1043 1.47 -44.19 10.51
CA VAL A 1043 0.86 -43.94 9.20
C VAL A 1043 1.32 -45.04 8.30
N THR A 1044 0.45 -45.42 7.38
CA THR A 1044 0.71 -46.50 6.42
C THR A 1044 0.66 -45.96 5.00
N LEU A 1045 1.60 -46.44 4.20
CA LEU A 1045 1.60 -46.23 2.74
C LEU A 1045 1.24 -47.45 1.99
N GLN A 1046 0.14 -47.34 1.24
CA GLN A 1046 -0.18 -48.34 0.23
C GLN A 1046 0.60 -48.06 -1.00
N PHE A 1047 1.27 -49.05 -1.54
CA PHE A 1047 2.07 -48.89 -2.74
C PHE A 1047 2.28 -50.22 -3.43
N THR A 1048 2.09 -50.22 -4.74
CA THR A 1048 2.25 -51.44 -5.56
C THR A 1048 3.70 -51.60 -5.93
N CYS A 1049 4.29 -52.70 -5.46
CA CYS A 1049 5.71 -53.02 -5.63
C CYS A 1049 5.90 -54.30 -6.46
N PHE A 1050 6.60 -54.22 -7.61
CA PHE A 1050 6.79 -55.36 -8.53
C PHE A 1050 5.46 -56.04 -8.84
N GLY A 1051 4.37 -55.25 -8.93
CA GLY A 1051 3.08 -55.75 -9.25
C GLY A 1051 2.25 -56.26 -8.11
N LYS A 1052 2.77 -56.16 -6.89
CA LYS A 1052 2.08 -56.60 -5.68
C LYS A 1052 1.76 -55.41 -4.75
N THR A 1053 0.50 -55.26 -4.39
CA THR A 1053 0.13 -54.21 -3.44
C THR A 1053 0.56 -54.59 -2.06
N VAL A 1054 1.25 -53.64 -1.42
CA VAL A 1054 1.74 -53.82 -0.05
C VAL A 1054 1.41 -52.60 0.75
N PHE A 1055 1.51 -52.75 2.07
CA PHE A 1055 1.21 -51.71 3.03
C PHE A 1055 2.42 -51.53 3.94
N PHE A 1056 3.08 -50.36 3.79
CA PHE A 1056 4.25 -50.02 4.58
C PHE A 1056 3.78 -49.18 5.76
N THR A 1057 3.84 -49.71 6.98
CA THR A 1057 3.49 -48.96 8.17
C THR A 1057 4.79 -48.45 8.87
N TYR A 1058 4.86 -47.14 9.12
CA TYR A 1058 6.07 -46.49 9.66
C TYR A 1058 6.01 -46.42 11.18
N HIS A 1059 7.16 -46.76 11.79
CA HIS A 1059 7.40 -46.55 13.22
C HIS A 1059 8.72 -45.81 13.41
N VAL A 1060 8.65 -44.65 14.01
CA VAL A 1060 9.82 -43.85 14.35
C VAL A 1060 10.25 -44.08 15.79
N ASP A 1061 11.38 -44.71 15.99
CA ASP A 1061 11.78 -45.21 17.29
C ASP A 1061 13.21 -44.79 17.60
N ASP A 1062 13.34 -43.72 18.37
CA ASP A 1062 14.66 -43.18 18.80
C ASP A 1062 15.52 -44.10 19.72
N THR A 1063 14.91 -45.17 20.25
CA THR A 1063 15.62 -46.10 21.20
C THR A 1063 16.16 -47.37 20.55
N MET A 1064 15.94 -47.55 19.25
CA MET A 1064 16.45 -48.76 18.58
C MET A 1064 17.96 -48.76 18.57
N ASP A 1065 18.54 -49.94 18.41
CA ASP A 1065 19.99 -50.08 18.19
C ASP A 1065 20.39 -49.86 16.74
N LYS A 1066 19.75 -50.58 15.83
CA LYS A 1066 20.00 -50.45 14.40
C LYS A 1066 19.31 -49.15 13.90
N HIS A 1067 19.69 -48.68 12.71
CA HIS A 1067 18.98 -47.54 12.10
C HIS A 1067 17.60 -47.94 11.57
N ILE A 1068 17.52 -49.12 10.99
CA ILE A 1068 16.33 -49.58 10.34
C ILE A 1068 16.12 -51.08 10.46
N CYS A 1069 14.86 -51.45 10.50
CA CYS A 1069 14.48 -52.81 10.57
C CYS A 1069 13.14 -52.95 9.85
N VAL A 1070 12.99 -53.97 8.99
CA VAL A 1070 11.73 -54.20 8.32
C VAL A 1070 11.14 -55.57 8.67
N LYS A 1071 9.87 -55.61 9.05
CA LYS A 1071 9.21 -56.85 9.50
C LYS A 1071 7.91 -57.10 8.78
N SER A 1072 7.69 -58.38 8.45
CA SER A 1072 6.43 -58.89 7.93
C SER A 1072 6.12 -60.16 8.72
N ASN A 1073 4.90 -60.26 9.18
CA ASN A 1073 4.48 -61.37 10.07
C ASN A 1073 5.47 -61.60 11.23
N ASN A 1074 5.90 -60.49 11.82
CA ASN A 1074 6.96 -60.42 12.79
C ASN A 1074 8.38 -60.91 12.37
N ASN A 1075 8.58 -61.38 11.15
CA ASN A 1075 9.90 -61.83 10.71
C ASN A 1075 10.68 -60.65 10.14
N ILE A 1076 11.92 -60.52 10.58
CA ILE A 1076 12.79 -59.49 10.16
C ILE A 1076 13.27 -59.85 8.78
N LEU A 1077 13.16 -58.92 7.85
CA LEU A 1077 13.56 -59.21 6.48
C LEU A 1077 15.08 -59.02 6.40
N PRO A 1078 15.79 -60.01 5.85
CA PRO A 1078 17.22 -59.88 5.70
C PRO A 1078 17.52 -58.95 4.53
N GLY A 1079 18.66 -58.29 4.62
CA GLY A 1079 19.23 -57.60 3.47
C GLY A 1079 20.51 -56.89 3.87
N ASP A 1080 20.97 -55.99 3.01
CA ASP A 1080 22.27 -55.30 3.15
C ASP A 1080 22.08 -53.79 3.36
N ASN A 1081 23.01 -53.12 4.01
CA ASN A 1081 22.83 -51.69 4.29
C ASN A 1081 23.23 -50.86 3.10
N LEU A 1082 22.51 -49.77 2.87
CA LEU A 1082 22.83 -48.85 1.77
C LEU A 1082 24.01 -47.99 2.14
N ASN A 1083 24.63 -47.37 1.14
CA ASN A 1083 25.80 -46.56 1.38
C ASN A 1083 25.41 -45.14 1.51
N ASN A 1084 25.83 -44.49 2.57
CA ASN A 1084 25.49 -43.08 2.74
C ASN A 1084 26.52 -42.49 3.67
N ILE A 1085 27.21 -41.46 3.20
CA ILE A 1085 28.33 -40.93 4.00
C ILE A 1085 27.85 -39.98 5.08
N TYR A 1086 26.59 -39.52 5.02
CA TYR A 1086 26.08 -38.54 6.00
C TYR A 1086 25.35 -39.08 7.24
N ARG A 1087 25.02 -40.36 7.22
CA ARG A 1087 24.12 -40.96 8.22
C ARG A 1087 24.10 -42.44 8.05
N ASP A 1088 23.37 -43.16 8.90
CA ASP A 1088 23.15 -44.60 8.67
C ASP A 1088 22.29 -44.81 7.46
N GLY A 1089 22.65 -45.80 6.65
CA GLY A 1089 21.92 -46.04 5.39
C GLY A 1089 20.66 -46.84 5.60
N GLY A 1090 19.82 -46.88 4.58
CA GLY A 1090 18.65 -47.75 4.55
C GLY A 1090 19.01 -49.22 4.35
N ILE A 1091 18.02 -50.00 3.93
CA ILE A 1091 18.22 -51.42 3.67
C ILE A 1091 17.86 -51.84 2.25
N GLN A 1092 18.69 -52.70 1.68
CA GLN A 1092 18.43 -53.35 0.38
C GLN A 1092 17.94 -54.78 0.61
N ILE A 1093 16.77 -55.12 0.09
CA ILE A 1093 16.16 -56.43 0.31
C ILE A 1093 15.89 -57.02 -1.03
N ALA A 1094 16.19 -58.30 -1.17
CA ALA A 1094 16.01 -58.96 -2.47
C ALA A 1094 14.53 -59.03 -2.80
N LYS A 1095 14.28 -58.92 -4.09
CA LYS A 1095 12.92 -58.98 -4.61
C LYS A 1095 12.22 -60.31 -4.28
N ASP A 1096 12.91 -61.41 -4.45
CA ASP A 1096 12.25 -62.74 -4.18
C ASP A 1096 11.86 -62.86 -2.71
N VAL A 1097 12.77 -62.43 -1.85
CA VAL A 1097 12.56 -62.38 -0.41
C VAL A 1097 11.41 -61.46 -0.02
N PHE A 1098 11.43 -60.26 -0.58
CA PHE A 1098 10.36 -59.30 -0.32
C PHE A 1098 8.99 -59.87 -0.76
N LEU A 1099 8.93 -60.36 -1.98
CA LEU A 1099 7.66 -60.88 -2.53
C LEU A 1099 7.16 -62.12 -1.80
N SER A 1100 8.08 -62.99 -1.44
CA SER A 1100 7.73 -64.15 -0.61
C SER A 1100 7.06 -63.74 0.73
N ALA A 1101 7.67 -62.82 1.45
CA ALA A 1101 7.05 -62.31 2.66
C ALA A 1101 5.66 -61.71 2.36
N ALA A 1102 5.59 -61.01 1.24
CA ALA A 1102 4.36 -60.29 0.85
C ALA A 1102 3.21 -61.26 0.64
N MET A 1103 3.48 -62.42 0.07
CA MET A 1103 2.46 -63.49 -0.04
C MET A 1103 1.85 -63.91 1.30
N SER A 1104 2.64 -64.08 2.34
CA SER A 1104 2.10 -64.45 3.69
C SER A 1104 1.40 -63.30 4.38
N ASP A 1105 2.03 -62.12 4.28
CA ASP A 1105 1.55 -60.93 4.97
C ASP A 1105 2.08 -59.67 4.24
N ASN A 1106 1.16 -58.94 3.65
CA ASN A 1106 1.56 -57.78 2.83
C ASN A 1106 1.58 -56.47 3.64
N ASN A 1107 1.48 -56.54 4.96
CA ASN A 1107 1.64 -55.37 5.81
C ASN A 1107 3.10 -55.41 6.32
N PHE A 1108 3.98 -54.60 5.69
CA PHE A 1108 5.38 -54.43 6.14
C PHE A 1108 5.51 -53.32 7.15
N HIS A 1109 6.17 -53.61 8.26
CA HIS A 1109 6.35 -52.65 9.32
C HIS A 1109 7.80 -52.15 9.27
N ILE A 1110 7.96 -50.83 9.18
CA ILE A 1110 9.29 -50.20 9.03
C ILE A 1110 9.54 -49.41 10.30
N TYR A 1111 10.57 -49.86 11.02
CA TYR A 1111 11.05 -49.25 12.23
C TYR A 1111 12.33 -48.45 11.86
N VAL A 1112 12.33 -47.15 12.11
CA VAL A 1112 13.43 -46.31 11.65
C VAL A 1112 13.76 -45.37 12.78
N LYS A 1113 15.07 -45.12 12.98
CA LYS A 1113 15.57 -44.17 13.95
C LYS A 1113 16.16 -42.94 13.27
N ASN A 1114 15.64 -41.79 13.60
CA ASN A 1114 16.15 -40.53 13.09
C ASN A 1114 17.44 -40.18 13.87
N GLY B 2 -33.95 43.13 18.49
CA GLY B 2 -34.54 41.80 18.26
C GLY B 2 -33.76 40.74 19.05
N ILE B 3 -34.43 39.65 19.35
CA ILE B 3 -33.87 38.51 20.09
C ILE B 3 -33.76 37.41 19.04
N LEU B 4 -32.59 36.84 18.87
CA LEU B 4 -32.46 35.59 18.07
C LEU B 4 -32.68 34.41 18.98
N LYS B 5 -33.63 33.58 18.61
CA LYS B 5 -33.83 32.31 19.27
C LYS B 5 -32.72 31.32 18.97
N THR B 6 -32.75 30.20 19.72
CA THR B 6 -31.80 29.15 19.57
C THR B 6 -32.37 28.08 18.60
N LEU B 7 -31.50 27.45 17.83
CA LEU B 7 -31.91 26.26 17.07
C LEU B 7 -32.29 25.14 18.03
N SER B 8 -33.46 24.54 17.85
CA SER B 8 -33.84 23.28 18.50
C SER B 8 -34.17 22.26 17.43
N ALA B 9 -33.61 21.06 17.52
CA ALA B 9 -33.87 20.04 16.53
C ALA B 9 -35.38 19.72 16.60
N PRO B 10 -36.15 19.84 15.51
CA PRO B 10 -37.61 19.67 15.60
C PRO B 10 -38.07 18.19 15.55
N ILE B 11 -37.19 17.27 15.18
CA ILE B 11 -37.52 15.87 15.19
C ILE B 11 -36.86 15.18 16.38
N ILE B 12 -37.68 14.70 17.31
CA ILE B 12 -37.20 14.26 18.61
C ILE B 12 -37.66 12.84 18.80
N LEU B 13 -36.76 11.88 18.67
CA LEU B 13 -37.13 10.47 18.85
C LEU B 13 -36.69 10.05 20.23
N GLU B 14 -37.55 9.33 20.92
CA GLU B 14 -37.28 8.93 22.30
C GLU B 14 -37.64 7.52 22.50
N ASN B 15 -36.87 6.87 23.33
CA ASN B 15 -37.23 5.56 23.82
C ASN B 15 -36.38 5.34 25.08
N SER B 16 -36.51 4.21 25.73
CA SER B 16 -35.86 4.04 27.03
C SER B 16 -34.36 4.37 26.99
N ASN B 17 -34.01 5.36 27.80
CA ASN B 17 -32.67 5.80 28.00
C ASN B 17 -32.01 6.45 26.76
N SER B 18 -32.80 6.85 25.77
CA SER B 18 -32.25 7.36 24.49
C SER B 18 -33.06 8.52 24.00
N THR B 19 -32.34 9.58 23.56
CA THR B 19 -32.96 10.68 22.82
C THR B 19 -32.11 10.95 21.55
N PHE B 20 -32.71 10.72 20.38
CA PHE B 20 -32.07 10.86 19.10
C PHE B 20 -32.82 11.96 18.38
N THR B 21 -32.14 13.08 18.12
CA THR B 21 -32.74 14.20 17.49
C THR B 21 -32.19 14.41 16.07
N PHE B 22 -33.05 14.99 15.21
CA PHE B 22 -32.76 15.21 13.80
C PHE B 22 -33.27 16.59 13.37
N LEU B 23 -32.58 17.18 12.41
CA LEU B 23 -33.02 18.37 11.73
C LEU B 23 -34.12 17.99 10.70
N PRO B 24 -34.84 19.00 10.13
CA PRO B 24 -36.10 18.64 9.41
C PRO B 24 -35.94 17.83 8.15
N GLY B 25 -34.73 17.85 7.56
CA GLY B 25 -34.40 16.95 6.46
C GLY B 25 -34.07 15.54 6.83
N GLY B 26 -34.12 15.25 8.13
CA GLY B 26 -33.77 13.94 8.64
C GLY B 26 -32.28 13.76 8.89
N ASP B 27 -31.58 14.87 8.99
CA ASP B 27 -30.12 14.86 9.22
C ASP B 27 -29.90 14.68 10.71
N ASN B 28 -28.93 13.86 11.09
CA ASN B 28 -28.62 13.65 12.49
C ASN B 28 -28.27 14.96 13.14
N PHE B 29 -28.79 15.17 14.35
CA PHE B 29 -28.41 16.30 15.15
C PHE B 29 -27.64 15.79 16.35
N GLU B 30 -28.33 15.26 17.39
CA GLU B 30 -27.63 14.65 18.55
C GLU B 30 -28.29 13.31 18.90
N TRP B 31 -27.48 12.27 18.85
CA TRP B 31 -27.91 10.91 19.18
C TRP B 31 -27.31 10.62 20.54
N ILE B 32 -28.18 10.62 21.57
CA ILE B 32 -27.75 10.41 22.96
C ILE B 32 -28.36 9.10 23.51
N HIS B 33 -27.51 8.24 24.06
CA HIS B 33 -27.93 7.09 24.84
C HIS B 33 -27.33 7.21 26.22
N GLU B 34 -28.19 7.41 27.24
CA GLU B 34 -27.81 7.65 28.64
C GLU B 34 -26.94 8.88 28.59
N SER B 35 -25.69 8.86 28.92
CA SER B 35 -25.03 10.21 28.79
C SER B 35 -24.03 10.31 27.64
N ILE B 36 -24.16 9.39 26.72
CA ILE B 36 -23.18 9.17 25.68
C ILE B 36 -23.70 9.66 24.36
N MET B 37 -22.99 10.63 23.78
CA MET B 37 -23.26 11.07 22.41
C MET B 37 -22.62 10.13 21.39
N ILE B 38 -23.44 9.62 20.49
CA ILE B 38 -23.06 8.55 19.60
C ILE B 38 -22.42 9.06 18.32
N ASN B 39 -23.06 10.06 17.69
CA ASN B 39 -22.47 10.68 16.51
C ASN B 39 -21.31 11.61 16.95
N ALA B 40 -20.49 12.00 15.99
CA ALA B 40 -19.38 12.95 16.25
C ALA B 40 -19.67 14.39 15.92
N PHE B 41 -20.47 14.64 14.91
CA PHE B 41 -20.80 15.97 14.46
C PHE B 41 -22.32 16.16 14.43
N GLN B 42 -22.79 17.30 14.90
CA GLN B 42 -24.14 17.72 14.75
C GLN B 42 -24.32 18.18 13.33
N GLY B 43 -25.46 17.84 12.74
CA GLY B 43 -25.84 18.33 11.43
C GLY B 43 -26.02 19.82 11.49
N ASN B 44 -26.05 20.46 10.34
CA ASN B 44 -26.49 21.87 10.28
C ASN B 44 -27.50 21.96 9.13
N THR B 45 -28.18 23.07 9.09
CA THR B 45 -29.39 23.22 8.25
C THR B 45 -29.10 23.37 6.77
N LEU B 46 -27.89 23.79 6.42
CA LEU B 46 -27.49 23.93 5.00
C LEU B 46 -26.75 22.78 4.40
N ASP B 47 -25.99 22.03 5.21
CA ASP B 47 -25.20 20.87 4.70
C ASP B 47 -25.80 19.52 5.05
N GLY B 48 -26.66 19.50 6.05
CA GLY B 48 -27.12 18.21 6.63
C GLY B 48 -26.06 17.71 7.60
N SER B 49 -25.93 16.39 7.67
CA SER B 49 -25.04 15.74 8.61
C SER B 49 -24.02 14.93 7.81
N THR B 50 -23.05 14.42 8.53
CA THR B 50 -21.91 13.70 7.91
C THR B 50 -22.24 12.27 7.55
N ASN B 51 -23.22 11.72 8.26
CA ASN B 51 -23.65 10.35 8.03
C ASN B 51 -24.64 10.28 6.83
N ASN B 52 -24.81 9.07 6.27
CA ASN B 52 -25.77 8.81 5.26
C ASN B 52 -25.87 7.32 4.93
N LEU B 53 -26.76 7.05 4.00
CA LEU B 53 -26.89 5.72 3.38
C LEU B 53 -26.98 5.96 1.91
N TYR B 54 -26.07 5.35 1.12
CA TYR B 54 -26.04 5.61 -0.32
C TYR B 54 -26.42 4.36 -1.12
N LEU B 55 -27.34 4.53 -2.09
CA LEU B 55 -27.65 3.50 -3.09
C LEU B 55 -26.77 3.75 -4.31
N ARG B 56 -26.01 2.74 -4.71
CA ARG B 56 -25.22 2.83 -5.94
C ARG B 56 -25.75 1.90 -7.00
N ILE B 57 -25.78 2.42 -8.23
CA ILE B 57 -26.33 1.70 -9.36
C ILE B 57 -25.23 1.61 -10.40
N TYR B 58 -24.92 0.38 -10.81
CA TYR B 58 -23.83 0.11 -11.76
C TYR B 58 -24.39 -0.23 -13.12
N LYS B 59 -23.86 0.40 -14.14
CA LYS B 59 -24.21 0.11 -15.55
C LYS B 59 -22.94 -0.02 -16.35
N ASP B 60 -23.09 -0.41 -17.62
CA ASP B 60 -21.94 -0.69 -18.43
C ASP B 60 -21.07 0.51 -18.60
N ASN B 61 -21.62 1.72 -18.51
CA ASN B 61 -20.83 2.91 -18.72
C ASN B 61 -20.87 3.92 -17.60
N SER B 62 -21.34 3.51 -16.44
CA SER B 62 -21.48 4.50 -15.36
C SER B 62 -21.67 3.83 -14.03
N LEU B 63 -21.32 4.60 -13.02
CA LEU B 63 -21.66 4.32 -11.65
C LEU B 63 -22.40 5.54 -11.13
N ALA B 64 -23.54 5.31 -10.48
CA ALA B 64 -24.34 6.39 -9.90
C ALA B 64 -24.53 6.11 -8.42
N PHE B 65 -24.60 7.19 -7.64
CA PHE B 65 -24.68 7.09 -6.19
C PHE B 65 -25.70 8.11 -5.70
N TYR B 66 -26.60 7.68 -4.84
CA TYR B 66 -27.70 8.55 -4.33
C TYR B 66 -27.83 8.45 -2.80
N PRO B 67 -27.69 9.57 -2.08
CA PRO B 67 -28.05 9.55 -0.66
C PRO B 67 -29.51 9.25 -0.41
N LEU B 68 -29.81 8.36 0.51
CA LEU B 68 -31.19 7.98 0.84
C LEU B 68 -31.84 8.75 2.00
N ILE B 69 -30.99 9.34 2.84
CA ILE B 69 -31.41 10.07 3.99
C ILE B 69 -30.86 11.51 4.01
N GLY B 70 -31.45 12.32 4.87
CA GLY B 70 -31.03 13.70 5.03
C GLY B 70 -31.46 14.65 3.94
N MET B 71 -31.09 15.89 4.12
CA MET B 71 -31.66 16.92 3.30
C MET B 71 -31.21 16.84 1.81
N ASN B 72 -30.10 16.19 1.57
CA ASN B 72 -29.65 15.94 0.20
C ASN B 72 -30.34 14.79 -0.51
N SER B 73 -31.18 14.00 0.18
CA SER B 73 -31.87 12.90 -0.51
C SER B 73 -33.11 13.23 -1.32
N LYS B 74 -33.81 14.33 -1.18
CA LYS B 74 -35.27 14.24 -1.80
C LYS B 74 -36.18 13.07 -1.28
N SER B 75 -35.93 12.64 -0.05
CA SER B 75 -36.87 11.83 0.67
C SER B 75 -37.99 12.73 1.25
N THR B 76 -39.22 12.22 1.24
CA THR B 76 -40.23 12.70 2.17
C THR B 76 -40.00 11.94 3.47
N ILE B 77 -40.55 12.48 4.56
CA ILE B 77 -40.37 11.93 5.87
C ILE B 77 -41.69 11.91 6.63
N LYS B 78 -41.85 10.81 7.36
CA LYS B 78 -42.81 10.68 8.42
C LYS B 78 -42.15 10.27 9.71
N SER B 79 -42.67 10.76 10.83
CA SER B 79 -42.18 10.43 12.17
C SER B 79 -43.19 10.03 13.17
N GLY B 80 -42.77 9.15 14.04
CA GLY B 80 -43.54 8.80 15.24
C GLY B 80 -42.66 9.16 16.43
N THR B 81 -42.87 8.51 17.55
CA THR B 81 -42.16 8.84 18.76
C THR B 81 -40.76 8.26 18.71
N SER B 82 -40.59 7.15 17.99
CA SER B 82 -39.29 6.45 17.93
C SER B 82 -38.91 5.90 16.56
N THR B 83 -39.57 6.43 15.52
CA THR B 83 -39.43 5.91 14.20
C THR B 83 -39.40 7.09 13.22
N LEU B 84 -38.55 7.01 12.22
CA LEU B 84 -38.63 7.86 11.00
C LEU B 84 -38.69 7.01 9.77
N ILE B 85 -39.53 7.42 8.82
CA ILE B 85 -39.69 6.73 7.58
C ILE B 85 -39.40 7.75 6.45
N PHE B 86 -38.32 7.47 5.70
CA PHE B 86 -37.92 8.21 4.49
C PHE B 86 -38.42 7.43 3.27
N GLU B 87 -39.01 8.12 2.29
CA GLU B 87 -39.48 7.47 1.06
C GLU B 87 -39.11 8.31 -0.14
N GLY B 88 -38.73 7.63 -1.22
CA GLY B 88 -38.32 8.28 -2.43
C GLY B 88 -37.99 7.29 -3.52
N THR B 89 -37.52 7.82 -4.61
CA THR B 89 -37.07 6.99 -5.73
C THR B 89 -35.70 7.46 -6.20
N ALA B 90 -34.96 6.52 -6.76
CA ALA B 90 -33.67 6.77 -7.33
C ALA B 90 -33.69 6.00 -8.59
N GLU B 91 -33.68 6.73 -9.70
CA GLU B 91 -33.88 6.16 -11.02
C GLU B 91 -35.19 5.36 -11.05
N ASP B 92 -35.13 4.08 -11.36
CA ASP B 92 -36.31 3.26 -11.34
C ASP B 92 -36.39 2.39 -10.13
N ILE B 93 -35.77 2.80 -9.01
CA ILE B 93 -35.87 2.06 -7.75
C ILE B 93 -36.69 2.93 -6.80
N SER B 94 -37.67 2.30 -6.16
CA SER B 94 -38.43 2.93 -5.08
C SER B 94 -37.84 2.45 -3.81
N TYR B 95 -37.64 3.37 -2.87
CA TYR B 95 -37.03 2.96 -1.62
C TYR B 95 -37.81 3.45 -0.45
N THR B 96 -37.68 2.69 0.63
CA THR B 96 -38.09 3.14 1.95
C THR B 96 -36.92 2.90 2.89
N VAL B 97 -36.58 3.92 3.68
CA VAL B 97 -35.68 3.72 4.82
C VAL B 97 -36.42 4.02 6.14
N THR B 98 -36.51 3.00 6.98
CA THR B 98 -37.15 3.12 8.31
C THR B 98 -36.05 3.17 9.39
N PHE B 99 -35.93 4.33 10.03
CA PHE B 99 -35.12 4.45 11.22
C PHE B 99 -35.94 4.04 12.47
N ARG B 100 -35.44 3.10 13.24
CA ARG B 100 -36.02 2.72 14.54
C ARG B 100 -35.04 2.91 15.70
N LEU B 101 -35.52 3.63 16.71
CA LEU B 101 -34.88 3.71 17.98
C LEU B 101 -35.61 2.76 18.92
N THR B 102 -34.94 1.69 19.32
CA THR B 102 -35.59 0.68 20.17
C THR B 102 -35.33 1.03 21.63
N PRO B 103 -35.99 0.31 22.60
CA PRO B 103 -35.70 0.53 24.02
C PRO B 103 -34.35 0.02 24.51
N TYR B 104 -33.61 -0.70 23.68
CA TYR B 104 -32.40 -1.42 24.12
C TYR B 104 -31.06 -0.72 23.91
N GLY B 105 -31.09 0.57 23.62
CA GLY B 105 -29.86 1.29 23.22
C GLY B 105 -29.38 0.77 21.87
N ILE B 106 -30.34 0.31 21.07
CA ILE B 106 -30.08 -0.25 19.76
C ILE B 106 -30.96 0.46 18.75
N TRP B 107 -30.39 0.84 17.58
CA TRP B 107 -31.13 1.42 16.48
C TRP B 107 -30.98 0.64 15.18
N PHE B 108 -31.90 0.82 14.26
CA PHE B 108 -31.85 0.14 12.99
C PHE B 108 -32.12 1.14 11.89
N TRP B 109 -31.48 0.92 10.75
CA TRP B 109 -31.90 1.48 9.50
C TRP B 109 -32.36 0.31 8.63
N ASP B 110 -33.69 0.24 8.42
CA ASP B 110 -34.29 -0.85 7.61
C ASP B 110 -34.48 -0.31 6.24
N ILE B 111 -33.87 -0.98 5.27
CA ILE B 111 -33.93 -0.52 3.92
C ILE B 111 -34.82 -1.48 3.15
N SER B 112 -35.69 -0.90 2.36
CA SER B 112 -36.52 -1.64 1.43
C SER B 112 -36.43 -1.04 0.04
N LEU B 113 -36.12 -1.89 -0.93
CA LEU B 113 -35.87 -1.44 -2.30
C LEU B 113 -36.84 -2.23 -3.22
N SER B 114 -37.46 -1.52 -4.15
CA SER B 114 -38.46 -2.09 -5.12
C SER B 114 -38.20 -1.57 -6.47
N GLY B 115 -38.00 -2.49 -7.41
CA GLY B 115 -37.81 -2.15 -8.84
C GLY B 115 -36.97 -3.17 -9.62
N ASN B 116 -36.39 -2.71 -10.70
CA ASN B 116 -35.54 -3.49 -11.57
C ASN B 116 -34.25 -2.77 -11.73
N CYS B 117 -33.19 -3.58 -11.54
CA CYS B 117 -31.84 -3.11 -11.48
C CYS B 117 -30.94 -4.31 -11.74
N ASN B 118 -30.00 -4.14 -12.64
CA ASN B 118 -28.99 -5.14 -12.89
C ASN B 118 -27.96 -5.36 -11.79
N LYS B 119 -27.45 -4.25 -11.28
CA LYS B 119 -26.44 -4.35 -10.21
C LYS B 119 -26.51 -3.07 -9.38
N ALA B 120 -26.75 -3.26 -8.09
CA ALA B 120 -26.78 -2.20 -7.11
C ALA B 120 -26.04 -2.60 -5.85
N ASP B 121 -25.60 -1.61 -5.08
CA ASP B 121 -25.18 -1.90 -3.69
C ASP B 121 -25.58 -0.76 -2.76
N ILE B 122 -25.35 -0.98 -1.48
CA ILE B 122 -25.56 0.06 -0.46
C ILE B 122 -24.25 0.31 0.32
N ILE B 123 -23.98 1.62 0.55
CA ILE B 123 -22.96 2.07 1.50
C ILE B 123 -23.60 2.75 2.73
N TYR B 124 -23.34 2.17 3.87
CA TYR B 124 -23.63 2.71 5.19
C TYR B 124 -22.44 3.57 5.62
N SER B 125 -22.75 4.77 6.13
CA SER B 125 -21.79 5.79 6.49
C SER B 125 -22.18 6.49 7.80
N GLN B 126 -21.37 6.35 8.86
CA GLN B 126 -21.71 6.94 10.12
C GLN B 126 -20.52 7.46 10.90
N ASP B 127 -20.48 8.77 11.11
CA ASP B 127 -19.50 9.39 11.99
C ASP B 127 -19.83 9.04 13.44
N ILE B 128 -18.81 8.65 14.20
CA ILE B 128 -19.03 8.24 15.60
C ILE B 128 -18.18 9.00 16.60
N GLY B 129 -18.83 9.50 17.67
CA GLY B 129 -18.15 10.21 18.79
C GLY B 129 -17.79 9.26 19.93
N VAL B 130 -18.84 8.79 20.61
CA VAL B 130 -18.73 7.82 21.68
C VAL B 130 -18.03 8.43 22.90
N GLY B 131 -18.63 9.50 23.38
CA GLY B 131 -18.20 10.21 24.53
C GLY B 131 -19.28 11.06 25.08
N THR B 132 -19.05 11.64 26.25
CA THR B 132 -20.03 12.59 26.75
C THR B 132 -20.15 13.72 25.71
N LYS B 133 -21.30 14.37 25.75
CA LYS B 133 -21.56 15.49 24.86
C LYS B 133 -20.47 16.58 24.97
N GLY B 134 -19.99 16.81 26.19
CA GLY B 134 -18.91 17.75 26.46
C GLY B 134 -17.59 17.36 25.76
N SER B 135 -17.22 16.08 25.81
CA SER B 135 -15.96 15.61 25.21
C SER B 135 -16.05 15.73 23.71
N VAL B 136 -17.18 15.34 23.17
CA VAL B 136 -17.41 15.40 21.72
C VAL B 136 -17.27 16.86 21.23
N ASN B 137 -18.06 17.72 21.85
CA ASN B 137 -18.04 19.16 21.51
C ASN B 137 -16.66 19.81 21.69
N SER B 138 -15.92 19.39 22.72
CA SER B 138 -14.69 20.06 23.08
C SER B 138 -13.59 19.78 22.03
N ASN B 139 -13.46 18.51 21.65
CA ASN B 139 -12.50 18.17 20.59
C ASN B 139 -12.77 16.77 20.00
N GLU B 140 -13.43 16.75 18.85
CA GLU B 140 -13.80 15.51 18.18
C GLU B 140 -12.55 14.67 17.83
N LEU B 141 -11.50 15.36 17.44
CA LEU B 141 -10.29 14.73 16.94
C LEU B 141 -9.64 13.96 18.08
N TYR B 142 -9.51 14.65 19.23
CA TYR B 142 -8.92 14.07 20.41
C TYR B 142 -9.69 12.82 20.84
N LEU B 143 -11.01 12.98 20.95
CA LEU B 143 -11.91 11.88 21.34
C LEU B 143 -11.72 10.64 20.45
N ALA B 144 -11.64 10.87 19.14
CA ALA B 144 -11.39 9.80 18.15
C ALA B 144 -10.07 9.03 18.29
N GLN B 145 -9.05 9.74 18.74
CA GLN B 145 -7.73 9.11 19.02
C GLN B 145 -7.80 7.96 20.03
N TYR B 146 -8.80 7.99 20.90
CA TYR B 146 -8.96 7.01 22.00
C TYR B 146 -10.07 6.02 21.73
N LEU B 147 -10.67 6.11 20.54
CA LEU B 147 -11.76 5.21 20.18
C LEU B 147 -11.20 4.06 19.38
N GLY B 148 -11.08 2.91 20.04
CA GLY B 148 -10.41 1.76 19.47
C GLY B 148 -11.41 0.83 18.77
N HIS B 149 -11.20 0.59 17.47
CA HIS B 149 -12.05 -0.29 16.68
C HIS B 149 -11.48 -1.72 16.61
N SER B 150 -12.37 -2.71 16.78
CA SER B 150 -12.11 -4.15 16.58
C SER B 150 -13.03 -4.67 15.46
N ILE B 151 -12.47 -5.41 14.52
CA ILE B 151 -13.17 -5.80 13.33
C ILE B 151 -13.41 -7.31 13.37
N PHE B 152 -14.64 -7.73 13.16
CA PHE B 152 -14.98 -9.16 13.19
C PHE B 152 -15.86 -9.50 12.02
N GLN B 153 -15.98 -10.81 11.77
CA GLN B 153 -16.96 -11.37 10.80
C GLN B 153 -18.12 -11.95 11.60
N GLY B 154 -19.32 -11.47 11.38
CA GLY B 154 -20.50 -12.13 11.97
C GLY B 154 -21.21 -12.98 10.93
N ASP B 155 -22.52 -13.17 11.12
CA ASP B 155 -23.36 -13.83 10.13
C ASP B 155 -23.52 -13.12 8.80
N TYR B 156 -23.32 -11.81 8.81
CA TYR B 156 -23.53 -11.00 7.63
C TYR B 156 -22.30 -10.12 7.30
N GLY B 157 -21.13 -10.74 7.40
CA GLY B 157 -19.87 -10.15 7.07
C GLY B 157 -19.41 -9.21 8.17
N TYR B 158 -18.89 -8.04 7.79
CA TYR B 158 -18.13 -7.22 8.72
C TYR B 158 -19.00 -6.63 9.82
N VAL B 159 -18.50 -6.72 11.03
CA VAL B 159 -19.06 -6.05 12.21
C VAL B 159 -17.97 -5.25 12.91
N ILE B 160 -18.28 -3.98 13.19
CA ILE B 160 -17.32 -3.03 13.77
C ILE B 160 -17.72 -2.73 15.22
N CYS B 161 -16.85 -3.09 16.16
CA CYS B 161 -17.04 -2.87 17.58
C CYS B 161 -15.99 -1.87 18.03
N SER B 162 -16.40 -0.90 18.82
CA SER B 162 -15.54 0.24 19.17
C SER B 162 -15.61 0.48 20.64
N ARG B 163 -14.48 0.60 21.30
CA ARG B 163 -14.46 0.95 22.74
C ARG B 163 -13.75 2.29 22.93
N GLN B 164 -14.39 3.18 23.66
CA GLN B 164 -13.81 4.44 24.07
C GLN B 164 -12.89 4.23 25.28
N ASN B 165 -11.59 4.42 25.08
CA ASN B 165 -10.58 4.08 26.07
C ASN B 165 -10.30 5.21 27.08
N MET B 166 -10.76 6.40 26.75
CA MET B 166 -10.55 7.53 27.65
C MET B 166 -11.83 7.61 28.43
N ALA B 167 -11.70 7.60 29.73
CA ALA B 167 -12.84 7.57 30.65
C ALA B 167 -13.82 8.72 30.44
N GLN B 168 -15.11 8.40 30.39
CA GLN B 168 -16.19 9.36 30.15
C GLN B 168 -17.09 9.32 31.36
N GLY B 169 -16.93 10.30 32.23
CA GLY B 169 -17.59 10.27 33.55
C GLY B 169 -17.47 8.90 34.22
N ASP B 170 -16.25 8.38 34.39
CA ASP B 170 -15.99 7.03 34.99
C ASP B 170 -16.22 5.82 34.07
N LEU B 171 -16.89 6.03 32.94
CA LEU B 171 -17.38 4.96 32.08
C LEU B 171 -16.50 4.77 30.82
N PHE B 172 -16.49 3.56 30.28
CA PHE B 172 -15.82 3.27 29.03
C PHE B 172 -16.88 2.82 28.00
N PRO B 173 -17.42 3.78 27.23
CA PRO B 173 -18.58 3.41 26.37
C PRO B 173 -18.16 2.68 25.10
N TYR B 174 -19.18 2.18 24.41
CA TYR B 174 -18.98 1.15 23.40
C TYR B 174 -20.00 1.28 22.30
N LEU B 175 -19.59 0.98 21.08
CA LEU B 175 -20.50 0.82 19.97
C LEU B 175 -20.30 -0.47 19.22
N GLN B 176 -21.36 -0.96 18.62
CA GLN B 176 -21.24 -1.98 17.60
C GLN B 176 -22.09 -1.61 16.41
N GLN B 177 -21.60 -1.83 15.20
CA GLN B 177 -22.39 -1.59 14.00
C GLN B 177 -22.18 -2.70 12.99
N GLY B 178 -23.26 -3.04 12.27
CA GLY B 178 -23.22 -4.11 11.27
C GLY B 178 -24.46 -4.12 10.41
N SER B 179 -24.62 -5.20 9.67
CA SER B 179 -25.71 -5.41 8.75
C SER B 179 -26.43 -6.69 9.14
N LEU B 180 -27.69 -6.74 8.74
CA LEU B 180 -28.61 -7.88 8.96
C LEU B 180 -29.39 -8.12 7.70
N GLY B 181 -29.29 -9.35 7.16
CA GLY B 181 -30.02 -9.80 5.97
C GLY B 181 -29.31 -9.49 4.66
N ILE B 182 -28.11 -8.92 4.75
CA ILE B 182 -27.25 -8.64 3.62
C ILE B 182 -25.81 -8.62 4.17
N ARG B 183 -24.89 -9.16 3.39
CA ARG B 183 -23.49 -9.21 3.76
C ARG B 183 -22.79 -7.84 3.60
N SER B 184 -22.06 -7.44 4.62
CA SER B 184 -21.15 -6.29 4.48
C SER B 184 -19.77 -6.86 4.02
N ILE B 185 -19.40 -6.61 2.79
CA ILE B 185 -18.21 -7.23 2.22
C ILE B 185 -16.94 -6.40 2.33
N ALA B 186 -17.10 -5.15 2.76
CA ALA B 186 -15.99 -4.23 2.99
C ALA B 186 -16.34 -3.20 4.02
N TYR B 187 -15.29 -2.63 4.61
CA TYR B 187 -15.43 -1.67 5.72
C TYR B 187 -14.33 -0.61 5.64
N SER B 188 -14.56 0.45 6.38
CA SER B 188 -13.51 1.41 6.74
C SER B 188 -13.92 2.04 8.08
N THR B 189 -12.95 2.67 8.74
CA THR B 189 -13.15 3.17 10.11
C THR B 189 -12.79 4.66 10.32
N ASP B 190 -12.20 5.31 9.32
CA ASP B 190 -11.81 6.73 9.44
C ASP B 190 -12.37 7.52 8.27
N GLY B 191 -12.72 8.76 8.56
CA GLY B 191 -13.27 9.70 7.57
C GLY B 191 -12.33 9.96 6.42
N THR B 192 -11.02 9.91 6.69
CA THR B 192 -10.08 10.11 5.60
C THR B 192 -10.19 8.99 4.56
N GLN B 193 -10.53 7.79 5.00
CA GLN B 193 -10.74 6.65 4.09
C GLN B 193 -12.03 6.78 3.30
N PHE B 194 -13.06 7.32 3.91
CA PHE B 194 -14.35 7.42 3.24
C PHE B 194 -14.46 8.62 2.31
N PHE B 195 -14.25 9.80 2.86
CA PHE B 195 -14.37 11.03 2.13
C PHE B 195 -13.14 11.30 1.25
N GLY B 196 -11.96 10.98 1.78
CA GLY B 196 -10.71 11.22 1.07
C GLY B 196 -10.33 12.71 1.12
N LEU B 197 -9.05 12.98 0.89
CA LEU B 197 -8.56 14.38 0.82
C LEU B 197 -9.17 15.10 -0.37
N SER B 198 -9.44 14.37 -1.44
CA SER B 198 -10.03 14.92 -2.67
C SER B 198 -11.40 15.60 -2.44
N TYR B 199 -12.12 15.16 -1.41
CA TYR B 199 -13.41 15.78 -1.00
C TYR B 199 -13.27 17.30 -0.82
N LYS B 200 -12.14 17.73 -0.33
CA LYS B 200 -11.92 19.14 -0.05
C LYS B 200 -12.03 19.98 -1.32
N LYS B 201 -11.89 19.36 -2.49
CA LYS B 201 -12.18 20.01 -3.80
C LYS B 201 -13.49 19.56 -4.41
N THR B 202 -13.71 18.26 -4.45
CA THR B 202 -14.84 17.72 -5.22
C THR B 202 -16.18 17.80 -4.53
N ASN B 203 -16.17 17.86 -3.19
CA ASN B 203 -17.35 17.69 -2.35
C ASN B 203 -18.10 16.34 -2.53
N ILE B 204 -17.40 15.34 -3.08
CA ILE B 204 -17.96 14.00 -3.25
C ILE B 204 -17.09 13.00 -2.47
N PRO B 205 -17.72 12.19 -1.62
CA PRO B 205 -16.88 11.21 -0.89
C PRO B 205 -16.19 10.22 -1.82
N GLU B 206 -14.88 10.15 -1.72
CA GLU B 206 -14.08 9.44 -2.68
C GLU B 206 -14.49 7.96 -2.76
N ALA B 207 -14.87 7.38 -1.62
CA ALA B 207 -15.20 5.96 -1.57
C ALA B 207 -16.39 5.60 -2.39
N LEU B 208 -17.26 6.56 -2.69
CA LEU B 208 -18.43 6.28 -3.45
C LEU B 208 -18.15 5.79 -4.89
N TYR B 209 -16.95 6.06 -5.40
CA TYR B 209 -16.52 5.64 -6.74
C TYR B 209 -15.97 4.21 -6.76
N GLY B 210 -15.63 3.66 -5.60
CA GLY B 210 -14.91 2.39 -5.53
C GLY B 210 -15.35 1.48 -4.41
N ASP B 211 -14.42 0.65 -3.95
CA ASP B 211 -14.69 -0.30 -2.91
C ASP B 211 -14.06 0.27 -1.67
N LEU B 212 -14.65 0.01 -0.52
CA LEU B 212 -13.99 0.39 0.77
C LEU B 212 -12.68 -0.43 0.96
N PRO B 213 -11.64 0.10 1.62
CA PRO B 213 -10.35 -0.58 1.70
C PRO B 213 -10.28 -1.74 2.69
N SER B 214 -11.25 -1.90 3.59
CA SER B 214 -11.24 -2.97 4.57
C SER B 214 -9.95 -2.97 5.40
N LYS B 215 -9.65 -1.81 5.94
CA LYS B 215 -8.59 -1.62 6.88
C LYS B 215 -9.05 -0.71 7.98
N ASN B 216 -8.64 -0.99 9.20
CA ASN B 216 -8.91 -0.13 10.32
C ASN B 216 -7.84 0.98 10.40
N LYS B 217 -8.20 2.20 10.02
CA LYS B 217 -7.32 3.33 10.20
C LYS B 217 -7.70 4.09 11.46
N GLN B 218 -6.84 4.02 12.48
CA GLN B 218 -7.04 4.73 13.74
C GLN B 218 -6.48 6.11 13.60
N TYR B 219 -7.38 7.04 13.30
CA TYR B 219 -6.98 8.47 13.13
C TYR B 219 -8.01 9.36 13.90
N GLU B 220 -8.33 10.54 13.39
CA GLU B 220 -9.05 11.56 14.11
C GLU B 220 -10.52 11.75 13.67
N LEU B 221 -10.96 11.02 12.64
CA LEU B 221 -12.31 11.14 12.09
C LEU B 221 -12.96 9.77 12.19
N ALA B 222 -13.35 9.42 13.40
CA ALA B 222 -13.96 8.11 13.62
C ALA B 222 -15.24 8.05 12.80
N HIS B 223 -15.24 7.16 11.86
CA HIS B 223 -16.21 7.14 10.80
C HIS B 223 -16.33 5.73 10.23
N THR B 224 -17.42 5.06 10.58
CA THR B 224 -17.64 3.69 10.14
C THR B 224 -18.36 3.67 8.82
N ALA B 225 -17.77 2.94 7.89
CA ALA B 225 -18.48 2.69 6.65
C ALA B 225 -18.54 1.18 6.40
N LEU B 226 -19.64 0.76 5.83
CA LEU B 226 -19.83 -0.64 5.45
C LEU B 226 -20.41 -0.70 4.08
N GLN B 227 -19.89 -1.58 3.27
CA GLN B 227 -20.35 -1.74 1.87
C GLN B 227 -20.99 -3.08 1.71
N THR B 228 -22.21 -3.10 1.19
CA THR B 228 -22.89 -4.42 0.99
C THR B 228 -22.35 -5.14 -0.22
N GLU B 229 -22.54 -6.45 -0.21
CA GLU B 229 -22.54 -7.25 -1.42
C GLU B 229 -23.45 -6.60 -2.43
N ALA B 230 -23.06 -6.75 -3.70
CA ALA B 230 -23.85 -6.20 -4.78
C ALA B 230 -24.98 -7.17 -5.12
N PHE B 231 -26.07 -6.67 -5.69
CA PHE B 231 -27.22 -7.51 -5.92
C PHE B 231 -27.94 -6.99 -7.11
N SER B 232 -28.71 -7.87 -7.76
CA SER B 232 -29.73 -7.41 -8.72
C SER B 232 -31.07 -7.22 -8.03
N LEU B 233 -31.96 -6.49 -8.68
CA LEU B 233 -33.31 -6.32 -8.19
C LEU B 233 -34.31 -6.63 -9.27
N SER B 234 -35.33 -7.40 -8.95
CA SER B 234 -36.52 -7.46 -9.82
C SER B 234 -37.70 -7.89 -8.99
N GLY B 235 -38.29 -6.92 -8.32
CA GLY B 235 -39.07 -7.20 -7.12
C GLY B 235 -38.57 -6.34 -5.96
N THR B 236 -38.69 -6.88 -4.77
CA THR B 236 -38.46 -6.13 -3.54
C THR B 236 -37.35 -6.84 -2.78
N LYS B 237 -36.41 -6.07 -2.25
CA LYS B 237 -35.34 -6.64 -1.41
C LYS B 237 -35.25 -5.81 -0.12
N GLN B 238 -35.05 -6.49 1.02
CA GLN B 238 -35.10 -5.86 2.35
C GLN B 238 -33.98 -6.32 3.25
N PHE B 239 -33.36 -5.38 3.95
CA PHE B 239 -32.24 -5.67 4.84
C PHE B 239 -32.01 -4.46 5.71
N SER B 240 -31.20 -4.61 6.74
CA SER B 240 -30.95 -3.56 7.70
C SER B 240 -29.50 -3.38 8.08
N PHE B 241 -29.22 -2.15 8.52
CA PHE B 241 -28.01 -1.86 9.32
C PHE B 241 -28.47 -1.59 10.76
N TYR B 242 -27.58 -1.81 11.69
CA TYR B 242 -27.87 -1.60 13.07
C TYR B 242 -26.71 -0.98 13.81
N GLY B 243 -27.06 -0.35 14.93
CA GLY B 243 -26.11 0.07 15.93
C GLY B 243 -26.51 -0.29 17.34
N ILE B 244 -25.50 -0.57 18.17
CA ILE B 244 -25.65 -0.83 19.57
C ILE B 244 -24.76 0.11 20.34
N CYS B 245 -25.34 0.78 21.33
CA CYS B 245 -24.56 1.60 22.24
C CYS B 245 -24.62 1.06 23.69
N LYS B 246 -23.44 0.80 24.28
CA LYS B 246 -23.36 0.55 25.75
C LYS B 246 -22.54 1.57 26.46
N THR B 247 -23.03 2.00 27.61
CA THR B 247 -22.46 3.18 28.25
C THR B 247 -21.22 2.79 29.01
N ASN B 248 -21.11 1.50 29.32
CA ASN B 248 -19.94 0.99 30.02
C ASN B 248 -19.54 -0.44 29.69
N HIS B 249 -18.36 -0.56 29.11
CA HIS B 249 -17.82 -1.82 28.64
C HIS B 249 -16.37 -1.85 29.16
N PRO B 250 -16.20 -2.04 30.50
CA PRO B 250 -14.85 -1.97 31.09
C PRO B 250 -13.81 -2.94 30.47
N GLU B 251 -14.25 -4.08 29.99
CA GLU B 251 -13.32 -5.03 29.35
C GLU B 251 -12.92 -4.58 27.94
N VAL B 252 -11.80 -5.11 27.47
CA VAL B 252 -11.38 -4.93 26.09
C VAL B 252 -12.29 -5.79 25.23
N ILE B 253 -12.35 -5.47 23.95
CA ILE B 253 -13.22 -6.16 23.02
C ILE B 253 -12.50 -7.37 22.51
N ARG B 254 -13.16 -8.53 22.58
CA ARG B 254 -12.60 -9.81 22.05
C ARG B 254 -13.51 -10.51 21.03
N GLU B 255 -14.81 -10.20 21.03
CA GLU B 255 -15.72 -10.87 20.12
C GLU B 255 -16.95 -10.03 19.92
N ILE B 256 -17.80 -10.44 18.97
CA ILE B 256 -19.11 -9.81 18.80
C ILE B 256 -19.95 -10.11 20.05
N GLU B 257 -20.54 -9.11 20.68
CA GLU B 257 -21.36 -9.33 21.88
C GLU B 257 -22.79 -8.94 21.59
N TYR B 258 -23.66 -9.26 22.55
CA TYR B 258 -25.06 -8.81 22.61
C TYR B 258 -25.94 -9.38 21.49
N ILE B 259 -25.66 -10.62 21.11
CA ILE B 259 -26.29 -11.25 19.95
C ILE B 259 -27.79 -11.46 20.21
N GLN B 260 -28.10 -11.90 21.41
CA GLN B 260 -29.50 -12.16 21.80
C GLN B 260 -30.29 -10.90 21.91
N GLU B 261 -29.68 -9.92 22.54
CA GLU B 261 -30.29 -8.62 22.67
C GLU B 261 -30.59 -7.99 21.30
N LEU B 262 -29.66 -8.15 20.35
CA LEU B 262 -29.85 -7.62 19.00
C LEU B 262 -31.05 -8.29 18.28
N GLU B 263 -31.14 -9.61 18.35
CA GLU B 263 -32.34 -10.33 17.83
C GLU B 263 -33.66 -9.84 18.46
N LYS B 264 -33.70 -9.69 19.78
CA LYS B 264 -34.90 -9.11 20.40
C LYS B 264 -35.21 -7.67 19.94
N ALA B 265 -34.19 -6.82 19.88
CA ALA B 265 -34.39 -5.46 19.43
C ALA B 265 -34.90 -5.40 17.99
N TYR B 266 -34.45 -6.33 17.14
CA TYR B 266 -34.85 -6.36 15.74
C TYR B 266 -36.36 -6.57 15.51
N ALA B 267 -36.99 -7.29 16.42
CA ALA B 267 -38.47 -7.49 16.40
C ALA B 267 -39.24 -6.22 16.83
N TYR B 268 -38.57 -5.21 17.38
CA TYR B 268 -39.27 -4.03 17.95
C TYR B 268 -39.90 -3.10 16.90
N HIS B 269 -41.17 -2.77 17.08
CA HIS B 269 -41.90 -1.76 16.27
C HIS B 269 -42.77 -0.98 17.21
N GLU B 270 -42.85 0.33 17.02
CA GLU B 270 -43.69 1.19 17.84
C GLU B 270 -45.12 1.01 17.32
N SER B 271 -46.08 1.13 18.22
CA SER B 271 -47.49 1.06 17.77
C SER B 271 -48.07 2.44 17.42
N GLY B 272 -47.51 3.51 17.99
CA GLY B 272 -47.93 4.91 17.74
C GLY B 272 -48.16 5.24 16.26
N GLU B 273 -48.74 6.41 15.96
CA GLU B 273 -48.93 6.80 14.56
C GLU B 273 -47.63 7.40 14.02
N ILE B 274 -47.44 7.31 12.72
CA ILE B 274 -46.24 7.79 12.03
C ILE B 274 -46.67 8.83 11.02
N LEU B 275 -46.39 10.09 11.33
CA LEU B 275 -47.07 11.24 10.72
C LEU B 275 -46.16 11.97 9.77
N PRO B 276 -46.64 12.29 8.55
CA PRO B 276 -45.89 13.11 7.59
C PRO B 276 -45.52 14.42 8.21
N VAL B 277 -44.30 14.86 7.93
CA VAL B 277 -43.86 16.17 8.34
C VAL B 277 -43.26 16.89 7.13
N ASN B 278 -43.36 18.19 7.14
CA ASN B 278 -42.82 18.99 6.06
C ASN B 278 -41.26 18.98 6.04
N VAL B 279 -40.70 18.63 4.88
CA VAL B 279 -39.26 18.65 4.63
C VAL B 279 -38.93 19.94 3.81
N PRO B 280 -38.24 20.90 4.41
CA PRO B 280 -37.94 22.13 3.69
C PRO B 280 -36.87 21.87 2.61
N THR B 281 -36.90 22.62 1.52
CA THR B 281 -36.04 22.31 0.40
C THR B 281 -35.28 23.59 0.05
N LEU B 282 -34.03 23.39 -0.33
CA LEU B 282 -33.19 24.51 -0.69
C LEU B 282 -33.75 25.22 -1.90
N GLN B 283 -33.57 26.52 -1.95
CA GLN B 283 -34.00 27.28 -3.09
C GLN B 283 -32.89 27.97 -3.87
N ASN B 284 -32.68 27.54 -5.11
CA ASN B 284 -31.59 28.05 -5.96
C ASN B 284 -30.20 28.05 -5.26
N ILE B 285 -29.96 26.98 -4.55
CA ILE B 285 -28.68 26.75 -3.91
C ILE B 285 -28.10 25.50 -4.60
N GLY B 286 -26.90 25.64 -5.17
CA GLY B 286 -26.22 24.50 -5.77
C GLY B 286 -25.13 23.89 -4.89
N ALA B 287 -24.32 23.07 -5.54
CA ALA B 287 -23.25 22.38 -4.94
C ALA B 287 -22.14 23.41 -4.65
N PRO B 288 -21.18 23.04 -3.78
CA PRO B 288 -20.16 24.04 -3.56
C PRO B 288 -19.31 24.33 -4.81
N TYR B 289 -18.72 25.54 -4.82
CA TYR B 289 -17.81 25.97 -5.85
C TYR B 289 -16.32 25.97 -5.40
N ALA B 290 -15.54 25.10 -6.01
CA ALA B 290 -14.07 25.12 -5.86
C ALA B 290 -13.47 25.77 -7.13
N SER B 291 -12.49 26.61 -6.93
CA SER B 291 -11.71 27.12 -8.05
C SER B 291 -11.09 25.98 -8.89
N SER B 292 -10.91 26.29 -10.17
CA SER B 292 -9.99 25.55 -10.98
C SER B 292 -8.55 25.81 -10.45
N ARG B 293 -7.63 24.95 -10.83
CA ARG B 293 -6.23 25.14 -10.44
C ARG B 293 -5.53 26.12 -11.35
N TRP B 294 -4.56 26.84 -10.81
CA TRP B 294 -3.72 27.68 -11.62
C TRP B 294 -2.56 26.86 -12.21
N ASP B 295 -2.28 27.08 -13.50
CA ASP B 295 -1.10 26.45 -14.15
C ASP B 295 0.11 27.32 -13.86
N ALA B 296 1.29 26.80 -14.19
CA ALA B 296 2.55 27.49 -13.90
C ALA B 296 2.59 28.93 -14.41
N LYS B 297 2.00 29.18 -15.58
CA LYS B 297 1.93 30.54 -16.12
C LYS B 297 1.11 31.46 -15.26
N GLN B 298 -0.06 30.98 -14.84
CA GLN B 298 -0.91 31.82 -13.95
C GLN B 298 -0.19 32.15 -12.63
N VAL B 299 0.39 31.10 -12.04
CA VAL B 299 1.12 31.28 -10.78
C VAL B 299 2.20 32.39 -10.95
N GLU B 300 3.03 32.21 -11.97
CA GLU B 300 4.10 33.18 -12.32
C GLU B 300 3.55 34.60 -12.47
N HIS B 301 2.43 34.73 -13.18
CA HIS B 301 1.78 36.02 -13.30
C HIS B 301 1.32 36.64 -11.95
N TYR B 302 0.64 35.89 -11.07
CA TYR B 302 0.17 36.53 -9.82
C TYR B 302 1.26 36.61 -8.75
N PHE B 303 2.29 35.77 -8.84
CA PHE B 303 3.36 35.74 -7.83
C PHE B 303 4.71 35.66 -8.51
N PRO B 304 5.16 36.81 -9.06
CA PRO B 304 6.42 36.81 -9.82
C PRO B 304 7.69 36.61 -9.02
N LYS B 305 7.65 36.88 -7.73
CA LYS B 305 8.82 36.81 -6.85
C LYS B 305 8.61 35.71 -5.78
N ARG B 306 9.34 34.62 -5.87
CA ARG B 306 9.08 33.43 -5.06
C ARG B 306 10.38 32.93 -4.48
N LEU B 307 10.31 32.45 -3.24
CA LEU B 307 11.49 31.90 -2.53
C LEU B 307 11.07 30.57 -1.96
N LEU B 308 12.06 29.71 -1.69
CA LEU B 308 11.84 28.48 -0.95
C LEU B 308 10.67 27.69 -1.57
N GLU B 309 10.77 27.49 -2.88
CA GLU B 309 9.74 26.88 -3.65
C GLU B 309 9.76 25.39 -3.38
N GLU B 310 8.61 24.86 -3.02
CA GLU B 310 8.42 23.42 -2.86
C GLU B 310 7.73 22.89 -4.08
N LYS B 311 8.35 21.93 -4.73
CA LYS B 311 7.74 21.25 -5.86
C LYS B 311 7.65 19.73 -5.68
N GLU B 312 6.61 19.09 -6.20
CA GLU B 312 6.54 17.59 -6.18
C GLU B 312 6.18 17.17 -7.58
N GLU B 313 6.99 16.29 -8.18
CA GLU B 313 6.90 15.91 -9.60
C GLU B 313 6.91 17.15 -10.54
N GLU B 314 7.74 18.15 -10.19
CA GLU B 314 7.86 19.44 -10.94
C GLU B 314 6.62 20.37 -10.88
N ALA B 315 5.55 19.98 -10.18
CA ALA B 315 4.44 20.92 -9.88
C ALA B 315 4.69 21.75 -8.56
N LEU B 316 4.38 23.05 -8.61
CA LEU B 316 4.63 23.95 -7.49
C LEU B 316 3.56 23.75 -6.39
N LEU B 317 3.97 23.47 -5.18
CA LEU B 317 3.01 23.24 -4.08
C LEU B 317 2.86 24.42 -3.15
N SER B 318 3.99 25.04 -2.84
CA SER B 318 4.02 26.16 -1.95
C SER B 318 5.27 26.99 -2.11
N PHE B 319 5.25 28.18 -1.53
CA PHE B 319 6.44 29.04 -1.60
C PHE B 319 6.29 30.19 -0.67
N PHE B 320 7.37 30.93 -0.50
CA PHE B 320 7.35 32.17 0.30
C PHE B 320 7.60 33.37 -0.61
N THR B 321 7.28 34.55 -0.12
CA THR B 321 7.55 35.76 -0.87
C THR B 321 8.48 36.68 -0.13
N PRO B 322 9.10 37.66 -0.84
CA PRO B 322 9.93 38.66 -0.08
C PRO B 322 9.11 39.52 0.89
N GLU B 323 7.84 39.72 0.62
CA GLU B 323 6.90 40.39 1.62
C GLU B 323 6.55 39.55 2.90
N LYS B 324 7.28 38.45 3.11
CA LYS B 324 7.08 37.56 4.25
C LYS B 324 5.67 36.85 4.26
N SER B 325 5.13 36.59 3.09
CA SER B 325 3.96 35.75 2.97
C SER B 325 4.30 34.31 2.68
N HIS B 326 3.37 33.40 3.00
CA HIS B 326 3.49 32.00 2.55
C HIS B 326 2.31 31.74 1.67
N VAL B 327 2.57 31.19 0.48
CA VAL B 327 1.50 30.91 -0.48
C VAL B 327 1.40 29.42 -0.68
N VAL B 328 0.17 28.94 -0.62
CA VAL B 328 -0.16 27.54 -0.78
C VAL B 328 -1.03 27.41 -2.04
N LEU B 329 -0.67 26.51 -2.94
CA LEU B 329 -1.41 26.26 -4.11
C LEU B 329 -2.36 25.13 -3.86
N GLN B 330 -3.43 25.13 -4.63
CA GLN B 330 -4.49 24.14 -4.50
C GLN B 330 -4.02 22.68 -4.35
N ASP B 331 -3.11 22.23 -5.21
CA ASP B 331 -2.67 20.82 -5.18
C ASP B 331 -2.10 20.42 -3.84
N LYS B 332 -1.47 21.35 -3.13
CA LYS B 332 -0.90 21.00 -1.85
C LYS B 332 -1.93 20.67 -0.78
N GLU B 333 -3.00 21.46 -0.73
CA GLU B 333 -4.09 21.18 0.18
C GLU B 333 -4.73 19.79 -0.06
N LEU B 334 -4.71 19.34 -1.29
CA LEU B 334 -5.25 18.05 -1.64
C LEU B 334 -4.26 16.95 -1.33
N THR B 335 -3.05 17.29 -0.91
CA THR B 335 -2.10 16.28 -0.45
C THR B 335 -1.81 16.33 1.05
N THR B 336 -2.31 17.33 1.79
CA THR B 336 -2.08 17.38 3.26
C THR B 336 -3.27 16.85 3.99
N GLU B 337 -3.02 15.94 4.94
CA GLU B 337 -4.08 15.33 5.69
C GLU B 337 -4.73 16.30 6.68
N ARG B 338 -3.96 17.27 7.14
CA ARG B 338 -4.49 18.34 7.98
C ARG B 338 -4.69 19.58 7.09
N PRO B 339 -5.74 20.36 7.34
CA PRO B 339 -6.08 21.48 6.49
C PRO B 339 -5.23 22.73 6.73
N HIS B 340 -4.76 23.35 5.66
CA HIS B 340 -3.98 24.59 5.83
C HIS B 340 -4.87 25.60 6.53
N GLY B 341 -4.30 26.25 7.53
CA GLY B 341 -5.00 27.31 8.21
C GLY B 341 -4.16 28.26 8.96
N HIS B 342 -4.80 29.22 9.60
CA HIS B 342 -4.11 30.39 10.12
C HIS B 342 -4.92 31.02 11.23
N ILE B 343 -4.24 31.64 12.17
CA ILE B 343 -4.83 32.41 13.24
C ILE B 343 -4.37 33.86 13.14
N LEU B 344 -5.33 34.79 13.13
CA LEU B 344 -5.07 36.23 13.20
C LEU B 344 -5.22 36.71 14.63
N MET B 345 -4.42 37.69 15.03
CA MET B 345 -4.39 38.18 16.36
C MET B 345 -3.94 39.63 16.39
N THR B 346 -4.69 40.43 17.13
CA THR B 346 -4.38 41.85 17.21
C THR B 346 -3.13 42.05 18.05
N ASN B 347 -2.48 43.17 17.73
CA ASN B 347 -1.30 43.62 18.44
C ASN B 347 -1.65 44.07 19.83
N PHE B 348 -0.72 43.91 20.75
CA PHE B 348 -0.90 44.43 22.08
C PHE B 348 0.37 45.06 22.60
N ASP B 349 0.22 45.77 23.72
CA ASP B 349 1.36 46.40 24.41
C ASP B 349 2.26 45.27 25.00
N VAL B 350 3.45 45.11 24.43
CA VAL B 350 4.37 44.01 24.78
C VAL B 350 5.21 44.18 26.07
N THR B 351 4.78 45.11 26.94
CA THR B 351 5.32 45.31 28.29
C THR B 351 4.39 44.80 29.38
N LYS B 352 3.19 44.36 28.99
CA LYS B 352 2.13 43.96 29.96
C LYS B 352 1.40 42.72 29.50
N VAL B 353 0.77 42.02 30.44
CA VAL B 353 -0.04 40.83 30.11
C VAL B 353 -1.25 41.35 29.38
N PRO B 354 -1.49 40.89 28.16
CA PRO B 354 -2.60 41.55 27.49
C PRO B 354 -3.97 41.02 27.92
N GLN B 355 -4.96 41.84 27.65
CA GLN B 355 -6.37 41.55 27.93
C GLN B 355 -7.17 42.03 26.72
N GLY B 356 -8.28 41.39 26.42
CA GLY B 356 -9.12 41.80 25.31
C GLY B 356 -8.49 41.64 23.91
N VAL B 357 -7.60 40.68 23.74
CA VAL B 357 -6.93 40.55 22.46
C VAL B 357 -7.94 39.91 21.51
N VAL B 358 -8.05 40.46 20.30
CA VAL B 358 -8.94 39.93 19.31
C VAL B 358 -8.24 38.85 18.47
N SER B 359 -8.97 37.74 18.25
CA SER B 359 -8.48 36.66 17.45
C SER B 359 -9.52 36.03 16.57
N SER B 360 -9.04 35.52 15.43
CA SER B 360 -9.84 34.78 14.41
C SER B 360 -9.03 33.67 13.73
N THR B 361 -9.69 32.56 13.41
CA THR B 361 -9.11 31.46 12.73
C THR B 361 -9.70 31.31 11.30
N ASN B 362 -8.88 30.95 10.33
CA ASN B 362 -9.38 30.71 8.96
C ASN B 362 -8.64 29.60 8.32
N TYR B 363 -9.23 29.00 7.31
CA TYR B 363 -8.68 27.85 6.61
C TYR B 363 -8.76 28.02 5.12
N MET B 364 -7.83 27.36 4.42
CA MET B 364 -7.74 27.43 2.98
C MET B 364 -9.08 27.15 2.27
N TYR B 365 -9.81 26.12 2.70
CA TYR B 365 -11.03 25.67 2.00
C TYR B 365 -12.32 26.52 2.33
N GLY B 366 -12.15 27.85 2.41
CA GLY B 366 -13.34 28.75 2.44
C GLY B 366 -13.97 28.92 3.79
N ALA B 367 -13.19 28.64 4.84
CA ALA B 367 -13.56 28.98 6.24
C ALA B 367 -12.90 30.29 6.55
N PHE B 368 -13.60 31.36 6.25
CA PHE B 368 -13.01 32.70 6.24
C PHE B 368 -12.81 33.32 7.59
N ASN B 369 -13.56 32.85 8.59
CA ASN B 369 -13.46 33.45 9.97
C ASN B 369 -14.26 32.57 10.93
N CYS B 370 -13.54 31.78 11.73
CA CYS B 370 -14.12 30.95 12.75
C CYS B 370 -13.58 31.42 14.07
N GLN B 371 -14.37 31.20 15.14
CA GLN B 371 -13.90 31.48 16.49
C GLN B 371 -13.37 32.93 16.59
N PHE B 372 -14.17 33.89 16.12
CA PHE B 372 -13.86 35.29 16.36
C PHE B 372 -14.08 35.54 17.88
N VAL B 373 -13.04 35.97 18.57
CA VAL B 373 -13.10 36.17 19.98
C VAL B 373 -12.47 37.49 20.43
N VAL B 374 -12.88 37.97 21.61
CA VAL B 374 -12.23 39.16 22.22
C VAL B 374 -11.87 38.80 23.66
N GLY B 375 -10.58 38.62 23.93
CA GLY B 375 -10.16 38.08 25.22
C GLY B 375 -10.37 36.57 25.19
N ASN B 376 -11.06 36.07 26.20
CA ASN B 376 -11.18 34.64 26.39
C ASN B 376 -11.65 33.86 25.13
N THR B 377 -10.82 32.90 24.72
CA THR B 377 -10.97 32.20 23.44
C THR B 377 -12.09 31.15 23.48
N THR B 378 -12.58 30.83 24.69
CA THR B 378 -13.71 29.89 24.80
C THR B 378 -15.03 30.65 24.98
N TYR B 379 -15.05 31.63 25.86
CA TYR B 379 -16.30 32.28 26.26
C TYR B 379 -16.64 33.54 25.52
N ASN B 380 -15.65 34.36 25.19
CA ASN B 380 -15.90 35.69 24.63
C ASN B 380 -15.96 35.70 23.11
N LYS B 381 -16.93 34.96 22.56
CA LYS B 381 -16.91 34.49 21.19
C LYS B 381 -18.16 34.89 20.45
N LEU B 382 -17.99 35.33 19.18
CA LEU B 382 -19.07 35.68 18.30
C LEU B 382 -19.39 34.60 17.26
N LEU B 383 -18.35 33.93 16.73
CA LEU B 383 -18.52 32.99 15.64
C LEU B 383 -18.11 31.60 16.05
N SER B 384 -18.80 30.64 15.51
CA SER B 384 -18.52 29.20 15.92
C SER B 384 -17.14 28.69 15.51
N ASN B 385 -16.67 27.67 16.22
CA ASN B 385 -15.36 27.09 15.96
C ASN B 385 -15.36 26.25 14.69
N HIS B 386 -14.19 26.18 14.06
CA HIS B 386 -13.90 25.19 13.07
C HIS B 386 -13.84 23.81 13.72
N ARG B 387 -14.33 22.80 13.02
CA ARG B 387 -14.34 21.41 13.48
C ARG B 387 -13.93 20.45 12.34
N GLY B 388 -13.31 19.34 12.73
CA GLY B 388 -12.91 18.28 11.78
C GLY B 388 -11.71 18.65 10.93
N LEU B 389 -11.59 18.00 9.80
CA LEU B 389 -10.42 18.11 8.93
C LEU B 389 -10.70 18.30 7.45
N LEU B 390 -11.87 17.91 6.99
CA LEU B 390 -12.11 17.75 5.56
C LEU B 390 -13.26 18.65 5.06
N ASN B 391 -13.82 19.48 5.96
CA ASN B 391 -14.85 20.44 5.59
C ASN B 391 -16.12 19.80 5.04
N ILE B 392 -16.47 18.63 5.58
CA ILE B 392 -17.72 17.98 5.25
C ILE B 392 -18.88 18.84 5.81
N GLN B 393 -18.84 19.14 7.08
CA GLN B 393 -19.68 20.21 7.65
C GLN B 393 -18.94 21.53 7.43
N LYS B 394 -19.55 22.41 6.64
CA LYS B 394 -18.89 23.61 6.11
C LYS B 394 -19.68 24.90 6.39
N ASP B 395 -20.45 24.86 7.48
CA ASP B 395 -21.29 25.98 7.86
C ASP B 395 -20.80 26.85 9.01
N SER B 396 -19.65 26.52 9.61
CA SER B 396 -19.20 27.16 10.82
C SER B 396 -18.60 28.54 10.52
N GLY B 397 -18.64 29.45 11.49
CA GLY B 397 -18.00 30.68 11.31
C GLY B 397 -18.64 31.44 10.15
N GLN B 398 -17.81 32.16 9.43
CA GLN B 398 -18.21 33.00 8.34
C GLN B 398 -17.94 32.23 7.04
N ARG B 399 -18.94 32.13 6.18
CA ARG B 399 -18.86 31.42 4.92
C ARG B 399 -19.46 32.30 3.80
N ILE B 400 -19.07 32.05 2.56
CA ILE B 400 -19.50 32.86 1.43
C ILE B 400 -20.11 32.01 0.32
N PHE B 401 -21.32 32.42 -0.10
CA PHE B 401 -21.96 31.91 -1.27
C PHE B 401 -21.87 32.97 -2.38
N ILE B 402 -21.63 32.51 -3.61
CA ILE B 402 -21.63 33.35 -4.82
C ILE B 402 -22.58 32.77 -5.85
N LYS B 403 -23.34 33.63 -6.51
CA LYS B 403 -24.34 33.14 -7.51
C LYS B 403 -23.59 32.91 -8.86
N ILE B 404 -23.59 31.69 -9.33
CA ILE B 404 -22.98 31.29 -10.62
C ILE B 404 -24.12 30.68 -11.38
N GLY B 405 -24.49 31.30 -12.48
CA GLY B 405 -25.71 30.91 -13.22
C GLY B 405 -26.96 31.17 -12.38
N ASP B 406 -27.80 30.16 -12.23
CA ASP B 406 -29.03 30.26 -11.47
C ASP B 406 -28.93 30.09 -9.96
N CYS B 407 -27.77 29.62 -9.49
CA CYS B 407 -27.67 29.10 -8.16
C CYS B 407 -26.58 29.80 -7.34
N TYR B 408 -26.86 30.02 -6.10
CA TYR B 408 -25.84 30.32 -5.11
C TYR B 408 -25.02 29.05 -4.83
N ARG B 409 -23.71 29.23 -4.82
CA ARG B 409 -22.76 28.16 -4.61
C ARG B 409 -21.75 28.60 -3.52
N GLN B 410 -21.59 27.73 -2.52
CA GLN B 410 -20.64 28.05 -1.46
C GLN B 410 -19.19 27.89 -1.87
N LEU B 411 -18.39 28.93 -1.65
CA LEU B 411 -16.96 28.84 -1.92
C LEU B 411 -16.25 27.83 -1.00
N THR B 412 -15.42 27.01 -1.59
CA THR B 412 -14.59 26.07 -0.88
C THR B 412 -13.15 26.31 -1.20
N LEU B 413 -12.58 25.48 -2.06
CA LEU B 413 -11.15 25.41 -2.26
C LEU B 413 -10.67 26.40 -3.30
N PRO B 414 -9.79 27.36 -2.91
CA PRO B 414 -9.33 28.36 -3.89
C PRO B 414 -8.19 27.83 -4.71
N ALA B 415 -7.73 28.63 -5.67
CA ALA B 415 -6.53 28.25 -6.46
C ALA B 415 -5.29 28.45 -5.62
N ALA B 416 -5.33 29.48 -4.80
CA ALA B 416 -4.19 29.79 -3.95
C ALA B 416 -4.69 30.46 -2.67
N TYR B 417 -3.88 30.29 -1.62
CA TYR B 417 -4.14 30.82 -0.28
C TYR B 417 -2.88 31.40 0.23
N GLU B 418 -2.93 32.66 0.62
CA GLU B 418 -1.75 33.41 0.97
C GLU B 418 -1.87 33.93 2.40
N MET B 419 -0.91 33.62 3.27
CA MET B 419 -0.97 34.00 4.67
C MET B 419 0.15 34.95 4.96
N ASN B 420 -0.17 35.99 5.68
CA ASN B 420 0.80 36.90 6.17
C ASN B 420 0.48 36.99 7.68
N VAL B 421 1.34 37.55 8.49
CA VAL B 421 1.01 37.65 9.94
C VAL B 421 -0.20 38.48 10.26
N ALA B 422 -0.56 39.35 9.32
CA ALA B 422 -1.73 40.19 9.44
C ALA B 422 -3.02 39.71 8.79
N GLY B 423 -2.97 38.69 7.96
CA GLY B 423 -4.14 38.33 7.18
C GLY B 423 -3.97 37.16 6.26
N SER B 424 -5.07 36.74 5.71
CA SER B 424 -5.13 35.70 4.75
C SER B 424 -5.81 36.20 3.53
N THR B 425 -5.36 35.72 2.36
CA THR B 425 -6.00 35.99 1.10
C THR B 425 -6.27 34.69 0.33
N TRP B 426 -7.49 34.61 -0.21
CA TRP B 426 -7.93 33.49 -1.02
C TRP B 426 -8.12 34.00 -2.44
N TYR B 427 -7.63 33.25 -3.41
CA TYR B 427 -7.78 33.56 -4.84
C TYR B 427 -8.59 32.48 -5.52
N TYR B 428 -9.79 32.84 -5.97
CA TYR B 428 -10.66 31.93 -6.65
C TYR B 428 -10.74 32.29 -8.11
N GLN B 429 -10.37 31.33 -8.97
CA GLN B 429 -10.52 31.45 -10.41
C GLN B 429 -12.00 31.18 -10.75
N LEU B 430 -12.62 32.17 -11.34
CA LEU B 430 -13.96 32.11 -11.91
C LEU B 430 -13.83 32.14 -13.44
N ASP B 431 -14.97 32.07 -14.12
CA ASP B 431 -15.05 32.22 -15.59
C ASP B 431 -14.61 33.64 -16.00
N GLU B 432 -13.42 33.77 -16.54
CA GLU B 432 -12.90 35.07 -16.96
C GLU B 432 -12.84 36.17 -15.87
N ASP B 433 -12.56 35.75 -14.65
CA ASP B 433 -12.38 36.67 -13.51
C ASP B 433 -11.67 35.91 -12.40
N VAL B 434 -11.14 36.69 -11.47
CA VAL B 434 -10.55 36.16 -10.24
C VAL B 434 -11.26 36.89 -9.09
N LEU B 435 -11.79 36.10 -8.16
CA LEU B 435 -12.32 36.65 -6.95
C LEU B 435 -11.27 36.54 -5.80
N ILE B 436 -10.94 37.69 -5.22
CA ILE B 436 -9.94 37.86 -4.14
C ILE B 436 -10.70 38.18 -2.83
N ILE B 437 -10.48 37.33 -1.84
CA ILE B 437 -11.08 37.46 -0.52
C ILE B 437 -9.95 37.59 0.45
N THR B 438 -10.04 38.61 1.29
CA THR B 438 -9.07 38.86 2.31
C THR B 438 -9.75 38.98 3.69
N SER B 439 -9.18 38.32 4.71
CA SER B 439 -9.63 38.49 6.06
C SER B 439 -8.37 38.93 6.79
N PHE B 440 -8.42 40.13 7.37
CA PHE B 440 -7.25 40.72 7.98
C PHE B 440 -7.48 41.39 9.30
N ALA B 441 -6.43 41.42 10.13
CA ALA B 441 -6.48 42.11 11.44
C ALA B 441 -6.12 43.59 11.25
N MET B 442 -6.77 44.45 12.03
CA MET B 442 -6.43 45.86 12.10
C MET B 442 -5.39 46.04 13.19
N TYR B 443 -4.52 47.03 12.96
CA TYR B 443 -3.47 47.43 13.94
C TYR B 443 -4.07 48.43 14.91
N ASN B 444 -3.85 48.20 16.19
CA ASN B 444 -4.36 49.06 17.27
C ASN B 444 -5.88 49.14 17.46
N ARG B 445 -6.64 48.19 16.94
CA ARG B 445 -8.08 48.22 16.98
C ARG B 445 -8.63 46.78 17.06
N PRO B 446 -9.72 46.55 17.81
CA PRO B 446 -10.21 45.18 18.05
C PRO B 446 -11.11 44.70 16.93
N GLU B 447 -10.50 44.58 15.76
CA GLU B 447 -11.21 44.33 14.50
C GLU B 447 -10.53 43.30 13.58
N ILE B 448 -11.37 42.53 12.93
CA ILE B 448 -11.05 41.69 11.79
C ILE B 448 -11.97 42.17 10.68
N VAL B 449 -11.39 42.28 9.49
CA VAL B 449 -12.06 42.79 8.33
C VAL B 449 -12.06 41.76 7.21
N LEU B 450 -13.24 41.57 6.59
CA LEU B 450 -13.40 40.77 5.37
C LEU B 450 -13.57 41.71 4.17
N LYS B 451 -12.74 41.55 3.16
CA LYS B 451 -12.88 42.24 1.89
C LYS B 451 -13.03 41.22 0.79
N VAL B 452 -14.03 41.43 -0.07
CA VAL B 452 -14.28 40.66 -1.22
C VAL B 452 -14.12 41.60 -2.42
N GLN B 453 -13.37 41.17 -3.44
CA GLN B 453 -13.05 42.02 -4.60
C GLN B 453 -12.97 41.17 -5.85
N SER B 454 -13.79 41.54 -6.84
CA SER B 454 -13.64 41.01 -8.21
C SER B 454 -12.50 41.72 -8.85
N LEU B 455 -11.46 41.00 -9.25
CA LEU B 455 -10.33 41.60 -9.90
C LEU B 455 -10.74 42.35 -11.23
N GLY B 456 -11.66 41.81 -12.00
CA GLY B 456 -12.13 42.46 -13.21
C GLY B 456 -13.22 43.47 -12.96
N HIS B 457 -13.51 43.79 -11.71
CA HIS B 457 -14.61 44.68 -11.37
C HIS B 457 -15.97 44.21 -11.95
N LYS B 458 -16.19 42.89 -11.98
CA LYS B 458 -17.46 42.32 -12.38
C LYS B 458 -18.36 42.20 -11.19
N LYS B 459 -19.67 42.34 -11.41
CA LYS B 459 -20.64 42.31 -10.30
C LYS B 459 -21.15 40.87 -10.11
N TYR B 460 -21.45 40.54 -8.86
CA TYR B 460 -22.06 39.24 -8.54
C TYR B 460 -23.03 39.41 -7.43
N ASP B 461 -23.86 38.41 -7.26
CA ASP B 461 -24.66 38.31 -6.04
C ASP B 461 -23.99 37.36 -5.03
N PHE B 462 -24.11 37.70 -3.75
CA PHE B 462 -23.49 36.92 -2.64
C PHE B 462 -24.43 36.76 -1.47
N ILE B 463 -24.27 35.67 -0.74
CA ILE B 463 -24.80 35.54 0.61
C ILE B 463 -23.60 35.18 1.53
N VAL B 464 -23.32 36.05 2.50
CA VAL B 464 -22.34 35.79 3.54
C VAL B 464 -23.06 35.31 4.80
N THR B 465 -22.77 34.09 5.19
CA THR B 465 -23.39 33.50 6.39
C THR B 465 -22.43 33.56 7.59
N HIS B 466 -23.03 33.61 8.77
CA HIS B 466 -22.29 33.69 10.05
C HIS B 466 -22.97 32.83 11.07
N GLN B 467 -22.33 31.73 11.47
CA GLN B 467 -22.87 30.90 12.53
C GLN B 467 -22.49 31.54 13.84
N LEU B 468 -23.47 32.21 14.45
CA LEU B 468 -23.25 32.94 15.68
C LEU B 468 -23.18 32.02 16.92
N THR B 469 -22.45 32.47 17.92
CA THR B 469 -22.49 31.92 19.27
C THR B 469 -22.91 32.98 20.29
N VAL B 470 -22.10 34.03 20.35
CA VAL B 470 -22.23 35.10 21.34
C VAL B 470 -22.24 34.46 22.75
N GLY B 471 -21.10 33.87 23.06
CA GLY B 471 -20.97 32.88 24.09
C GLY B 471 -20.17 31.68 23.52
N PRO B 472 -19.99 30.61 24.33
CA PRO B 472 -19.01 29.54 24.01
C PRO B 472 -19.42 28.57 22.91
N ASN B 473 -20.71 28.42 22.68
CA ASN B 473 -21.19 27.35 21.82
C ASN B 473 -22.40 27.74 20.94
N GLU B 474 -22.43 27.18 19.73
CA GLU B 474 -23.57 27.40 18.80
C GLU B 474 -24.82 26.74 19.42
N TYR B 475 -25.97 27.39 19.29
CA TYR B 475 -27.27 26.85 19.69
C TYR B 475 -27.52 26.83 21.21
N GLU B 476 -26.66 27.44 21.98
CA GLU B 476 -26.75 27.38 23.42
C GLU B 476 -27.63 28.51 24.02
N ASN B 477 -27.50 29.74 23.52
CA ASN B 477 -28.18 30.88 24.13
C ASN B 477 -28.78 31.82 23.10
N GLU B 478 -29.84 32.49 23.53
CA GLU B 478 -30.45 33.53 22.77
C GLU B 478 -29.50 34.71 22.65
N ILE B 479 -29.67 35.46 21.56
CA ILE B 479 -28.78 36.56 21.19
C ILE B 479 -29.57 37.83 20.96
N LYS B 480 -29.08 38.92 21.53
CA LYS B 480 -29.65 40.22 21.26
C LYS B 480 -28.94 40.86 20.06
N LEU B 481 -29.72 41.20 19.04
CA LEU B 481 -29.23 41.76 17.82
C LEU B 481 -29.97 43.05 17.54
N THR B 482 -29.25 44.13 17.41
CA THR B 482 -29.84 45.40 16.98
C THR B 482 -29.17 45.82 15.71
N ARG B 483 -29.91 46.57 14.92
CA ARG B 483 -29.39 47.17 13.72
C ARG B 483 -29.62 48.69 13.76
N GLU B 484 -28.57 49.46 13.53
CA GLU B 484 -28.64 50.91 13.37
C GLU B 484 -27.95 51.25 12.07
N GLY B 485 -28.72 51.38 11.02
CA GLY B 485 -28.19 51.66 9.70
C GLY B 485 -27.48 50.44 9.16
N ASN B 486 -26.18 50.58 9.02
CA ASN B 486 -25.31 49.49 8.56
C ASN B 486 -24.49 48.85 9.68
N ILE B 487 -24.85 49.12 10.92
CA ILE B 487 -24.12 48.69 12.13
C ILE B 487 -25.01 47.74 12.88
N LEU B 488 -24.56 46.50 13.00
CA LEU B 488 -25.20 45.50 13.82
C LEU B 488 -24.47 45.45 15.14
N GLN B 489 -25.20 45.26 16.24
CA GLN B 489 -24.59 45.04 17.54
C GLN B 489 -25.14 43.75 18.08
N LEU B 490 -24.27 42.87 18.58
CA LEU B 490 -24.70 41.54 19.11
C LEU B 490 -24.20 41.35 20.54
N SER B 491 -25.06 40.85 21.41
CA SER B 491 -24.69 40.63 22.80
C SER B 491 -25.53 39.54 23.41
N PRO B 492 -25.08 38.98 24.51
CA PRO B 492 -25.92 37.92 25.12
C PRO B 492 -27.22 38.51 25.66
N THR B 493 -28.31 37.77 25.60
CA THR B 493 -29.56 38.26 26.27
C THR B 493 -29.46 38.36 27.77
N ASP B 494 -28.70 37.43 28.34
CA ASP B 494 -28.62 37.28 29.76
C ASP B 494 -27.13 37.22 30.09
N PRO B 495 -26.59 38.15 30.95
CA PRO B 495 -25.15 38.11 31.33
C PRO B 495 -24.74 36.81 32.06
N VAL B 496 -25.73 35.92 32.38
CA VAL B 496 -25.43 34.52 32.78
C VAL B 496 -24.48 33.82 31.76
N VAL B 497 -24.59 34.19 30.50
CA VAL B 497 -23.79 33.55 29.49
C VAL B 497 -22.27 33.66 29.82
N THR B 498 -21.82 34.79 30.35
CA THR B 498 -20.42 34.95 30.80
C THR B 498 -20.28 34.70 32.32
N ASN B 499 -21.24 33.98 32.92
CA ASN B 499 -21.44 33.96 34.42
C ASN B 499 -21.26 35.37 35.13
N HIS B 500 -21.76 36.43 34.47
CA HIS B 500 -21.63 37.81 34.95
C HIS B 500 -20.20 38.34 35.03
N PHE B 501 -19.19 37.73 34.37
CA PHE B 501 -17.80 38.21 34.51
C PHE B 501 -17.43 39.30 33.46
N TYR B 502 -18.14 39.29 32.33
CA TYR B 502 -17.94 40.27 31.28
C TYR B 502 -19.36 40.74 30.89
N PRO B 503 -20.04 41.46 31.82
CA PRO B 503 -21.42 41.82 31.60
C PRO B 503 -21.62 42.76 30.42
N GLU B 504 -20.56 43.50 30.05
CA GLU B 504 -20.59 44.40 28.90
C GLU B 504 -20.10 43.76 27.59
N LEU B 505 -19.94 42.45 27.55
CA LEU B 505 -19.46 41.78 26.33
C LEU B 505 -20.38 42.18 25.17
N SER B 506 -19.80 42.79 24.15
CA SER B 506 -20.54 42.90 22.90
C SER B 506 -19.66 42.80 21.65
N PHE B 507 -20.33 42.58 20.54
CA PHE B 507 -19.72 42.60 19.22
C PHE B 507 -20.48 43.52 18.29
N ARG B 508 -19.78 44.06 17.30
CA ARG B 508 -20.44 44.82 16.26
C ARG B 508 -19.96 44.38 14.89
N MET B 509 -20.82 44.52 13.91
CA MET B 509 -20.50 44.30 12.53
C MET B 509 -20.96 45.49 11.70
N ARG B 510 -20.09 46.00 10.86
CA ARG B 510 -20.49 46.93 9.81
C ARG B 510 -20.68 46.14 8.54
N ILE B 511 -21.89 46.23 8.00
CA ILE B 511 -22.30 45.45 6.81
C ILE B 511 -22.44 46.35 5.62
N PRO B 512 -22.44 45.77 4.43
CA PRO B 512 -22.48 46.61 3.24
C PRO B 512 -23.76 47.35 3.04
N GLU B 513 -23.58 48.44 2.31
CA GLU B 513 -24.65 49.35 1.93
C GLU B 513 -25.69 48.56 1.08
N ASP B 514 -26.95 48.72 1.40
CA ASP B 514 -28.05 48.00 0.73
C ASP B 514 -27.76 46.49 0.62
N CYS B 515 -27.37 45.89 1.73
CA CYS B 515 -27.50 44.43 1.85
C CYS B 515 -28.77 44.19 2.59
N THR B 516 -29.28 42.98 2.52
CA THR B 516 -30.38 42.60 3.35
C THR B 516 -29.97 41.48 4.30
N LEU B 517 -30.68 41.43 5.42
CA LEU B 517 -30.37 40.61 6.58
C LEU B 517 -31.42 39.54 6.79
N SER B 518 -31.01 38.33 7.08
CA SER B 518 -31.97 37.31 7.51
C SER B 518 -31.25 36.22 8.35
N ASP B 519 -31.94 35.13 8.59
CA ASP B 519 -31.31 33.95 9.18
C ASP B 519 -31.21 32.93 8.01
N ASP B 520 -31.37 31.64 8.24
CA ASP B 520 -31.28 30.68 7.15
C ASP B 520 -32.53 30.60 6.26
N SER B 521 -33.54 31.40 6.59
CA SER B 521 -34.83 31.37 5.87
C SER B 521 -34.64 31.62 4.40
N ILE B 522 -33.78 32.56 4.05
CA ILE B 522 -33.43 32.83 2.64
C ILE B 522 -33.00 31.60 1.87
N PHE B 523 -32.46 30.55 2.50
CA PHE B 523 -32.04 29.37 1.77
C PHE B 523 -33.16 28.43 1.35
N PHE B 524 -34.37 28.61 1.90
CA PHE B 524 -35.43 27.60 1.77
C PHE B 524 -36.57 28.13 0.95
N HIS B 525 -37.14 27.19 0.21
CA HIS B 525 -38.31 27.46 -0.64
C HIS B 525 -39.43 28.14 0.16
N ASN B 526 -39.76 27.66 1.36
CA ASN B 526 -40.89 28.30 2.09
C ASN B 526 -40.52 29.61 2.83
N ASN B 527 -39.29 30.09 2.65
CA ASN B 527 -38.76 31.26 3.41
C ASN B 527 -38.92 31.22 4.94
N THR B 528 -38.87 29.98 5.44
CA THR B 528 -39.00 29.69 6.85
C THR B 528 -37.65 29.29 7.45
N THR B 529 -37.47 29.90 8.60
CA THR B 529 -36.37 29.74 9.44
C THR B 529 -36.29 28.32 9.98
N ILE B 530 -35.08 27.75 9.96
CA ILE B 530 -34.77 26.58 10.80
C ILE B 530 -33.79 26.98 11.87
N ASN B 531 -32.59 27.39 11.46
CA ASN B 531 -31.60 27.91 12.38
C ASN B 531 -31.68 29.45 12.51
N PRO B 532 -32.22 29.97 13.64
CA PRO B 532 -32.32 31.44 13.76
C PRO B 532 -31.06 32.18 14.07
N SER B 533 -29.98 31.46 14.40
CA SER B 533 -28.68 32.03 14.70
C SER B 533 -27.68 32.01 13.53
N LEU B 534 -28.08 31.61 12.35
CA LEU B 534 -27.30 31.81 11.15
C LEU B 534 -27.53 33.16 10.58
N LEU B 535 -26.67 34.11 10.86
CA LEU B 535 -26.87 35.49 10.39
C LEU B 535 -26.38 35.61 8.93
N SER B 536 -27.34 35.83 8.02
CA SER B 536 -27.11 35.86 6.58
C SER B 536 -27.24 37.25 5.97
N ILE B 537 -26.25 37.63 5.18
CA ILE B 537 -26.19 38.91 4.53
C ILE B 537 -26.18 38.71 3.02
N GLU B 538 -27.25 39.15 2.35
CA GLU B 538 -27.39 39.09 0.91
C GLU B 538 -26.99 40.42 0.31
N ILE B 539 -26.02 40.36 -0.59
CA ILE B 539 -25.41 41.52 -1.24
C ILE B 539 -25.60 41.27 -2.74
N LEU B 540 -26.42 42.08 -3.41
CA LEU B 540 -26.78 41.88 -4.79
C LEU B 540 -25.97 42.79 -5.69
N GLN B 541 -25.50 42.26 -6.82
CA GLN B 541 -24.84 43.08 -7.86
C GLN B 541 -23.77 44.02 -7.37
N LYS B 542 -22.77 43.44 -6.70
CA LYS B 542 -21.57 44.17 -6.31
C LYS B 542 -20.33 43.50 -6.79
N SER B 543 -19.34 44.33 -7.11
CA SER B 543 -18.03 43.87 -7.52
C SER B 543 -17.04 43.85 -6.37
N SER B 544 -17.44 44.47 -5.27
CA SER B 544 -16.71 44.47 -4.02
C SER B 544 -17.60 44.88 -2.84
N PHE B 545 -17.16 44.46 -1.66
CA PHE B 545 -17.84 44.78 -0.42
C PHE B 545 -16.91 44.41 0.72
N ASP B 546 -17.25 44.93 1.88
CA ASP B 546 -16.60 44.53 3.10
C ASP B 546 -17.52 44.34 4.27
N ILE B 547 -17.03 43.52 5.24
CA ILE B 547 -17.74 43.32 6.52
C ILE B 547 -16.72 43.52 7.60
N VAL B 548 -16.99 44.47 8.49
CA VAL B 548 -16.01 44.77 9.58
C VAL B 548 -16.60 44.25 10.88
N MET B 549 -15.79 43.48 11.62
CA MET B 549 -16.17 42.83 12.81
C MET B 549 -15.36 43.37 14.00
N GLN B 550 -16.07 43.86 15.02
CA GLN B 550 -15.47 44.44 16.25
C GLN B 550 -15.86 43.63 17.46
N GLY B 551 -14.92 43.46 18.37
CA GLY B 551 -15.12 42.80 19.64
C GLY B 551 -14.86 43.79 20.78
N PHE B 552 -15.74 43.76 21.76
CA PHE B 552 -15.58 44.56 22.98
C PHE B 552 -15.94 43.69 24.20
N ASP B 553 -14.91 43.23 24.89
CA ASP B 553 -15.06 42.44 26.12
C ASP B 553 -15.57 43.30 27.31
N THR B 554 -15.20 44.59 27.31
CA THR B 554 -15.56 45.52 28.38
C THR B 554 -16.42 46.73 27.89
N GLY B 555 -17.05 46.59 26.74
CA GLY B 555 -17.97 47.58 26.22
C GLY B 555 -17.40 48.94 25.88
N ASN B 556 -16.10 49.00 25.56
CA ASN B 556 -15.46 50.27 25.13
C ASN B 556 -15.60 50.39 23.62
N VAL B 557 -16.84 50.63 23.21
CA VAL B 557 -17.22 50.69 21.81
C VAL B 557 -16.53 51.87 21.14
N ILE B 558 -15.99 51.66 19.96
CA ILE B 558 -15.33 52.70 19.17
C ILE B 558 -15.95 52.78 17.78
N PRO B 559 -15.98 53.98 17.17
CA PRO B 559 -16.60 54.08 15.86
C PRO B 559 -15.78 53.35 14.81
N PHE B 560 -16.47 52.93 13.73
CA PHE B 560 -15.82 52.41 12.53
C PHE B 560 -15.03 53.48 11.81
N LEU B 561 -13.89 53.10 11.26
CA LEU B 561 -13.20 53.96 10.33
C LEU B 561 -14.01 54.09 9.03
N ASP B 562 -13.70 55.13 8.26
CA ASP B 562 -14.24 55.29 6.91
C ASP B 562 -13.62 54.33 5.92
N GLN B 563 -12.32 54.12 6.02
CA GLN B 563 -11.58 53.30 5.06
C GLN B 563 -10.80 52.24 5.87
N TYR B 564 -10.85 50.99 5.39
CA TYR B 564 -10.14 49.84 5.99
C TYR B 564 -9.13 49.36 4.99
N ASP B 565 -7.89 49.78 5.18
CA ASP B 565 -6.81 49.50 4.23
C ASP B 565 -5.90 48.32 4.71
N TYR B 566 -5.83 47.23 3.96
CA TYR B 566 -5.05 46.02 4.34
C TYR B 566 -3.55 46.36 4.46
N LYS B 567 -3.07 47.05 3.45
CA LYS B 567 -1.63 47.38 3.30
C LYS B 567 -1.07 48.11 4.50
N GLU B 568 -1.77 49.13 4.95
CA GLU B 568 -1.33 49.83 6.16
C GLU B 568 -1.24 48.91 7.37
N GLN B 569 -2.19 47.98 7.50
CA GLN B 569 -2.12 47.08 8.65
C GLN B 569 -0.89 46.19 8.51
N LEU B 570 -0.75 45.61 7.31
CA LEU B 570 0.37 44.72 6.98
C LEU B 570 1.73 45.39 7.34
N GLU B 571 1.88 46.64 6.93
CA GLU B 571 3.10 47.37 7.21
C GLU B 571 3.30 47.57 8.72
N ALA B 572 2.23 47.91 9.44
CA ALA B 572 2.39 48.10 10.90
C ALA B 572 2.68 46.77 11.60
N TYR B 573 1.97 45.69 11.22
CA TYR B 573 2.31 44.39 11.80
C TYR B 573 3.74 43.90 11.48
N ARG B 574 4.21 44.16 10.28
CA ARG B 574 5.58 43.77 9.90
C ARG B 574 6.57 44.40 10.91
N ILE B 575 6.45 45.70 11.15
CA ILE B 575 7.34 46.39 12.14
C ILE B 575 7.20 45.79 13.55
N TYR B 576 5.97 45.61 14.01
CA TYR B 576 5.71 44.98 15.32
C TYR B 576 6.39 43.60 15.45
N TYR B 577 6.26 42.78 14.40
CA TYR B 577 6.86 41.43 14.43
C TYR B 577 8.41 41.52 14.30
N ASP B 578 8.90 42.51 13.55
CA ASP B 578 10.35 42.75 13.50
C ASP B 578 10.86 43.08 14.89
N GLN B 579 10.23 44.04 15.52
CA GLN B 579 10.64 44.41 16.90
C GLN B 579 10.53 43.28 17.90
N LEU B 580 9.52 42.46 17.72
CA LEU B 580 9.31 41.33 18.61
C LEU B 580 10.47 40.37 18.67
N VAL B 581 11.13 40.22 17.55
CA VAL B 581 12.32 39.36 17.40
C VAL B 581 13.62 40.15 17.28
N CYS B 582 13.61 41.36 17.80
CA CYS B 582 14.80 42.21 17.84
C CYS B 582 15.49 42.34 16.48
N ASN B 583 14.69 42.47 15.44
CA ASN B 583 15.13 42.68 14.05
C ASN B 583 16.05 41.59 13.47
N PHE B 584 15.86 40.40 13.99
CA PHE B 584 16.54 39.21 13.56
C PHE B 584 16.64 39.17 12.09
N LYS B 585 17.84 39.00 11.57
CA LYS B 585 18.07 38.80 10.11
C LYS B 585 19.46 38.26 9.85
N LEU B 586 19.51 37.10 9.20
CA LEU B 586 20.74 36.49 8.72
C LEU B 586 21.03 36.93 7.30
N SER B 587 22.31 37.25 7.00
CA SER B 587 22.71 37.56 5.61
C SER B 587 24.12 37.07 5.37
N ALA B 588 24.47 37.04 4.09
CA ALA B 588 25.82 36.73 3.63
C ALA B 588 26.10 37.46 2.37
N PRO B 589 27.39 37.78 2.09
CA PRO B 589 27.70 38.32 0.73
C PRO B 589 27.60 37.29 -0.39
N ASP B 590 28.07 36.07 -0.12
CA ASP B 590 27.85 34.91 -1.02
C ASP B 590 26.44 34.36 -0.86
N LYS B 591 26.19 33.22 -1.45
CA LYS B 591 24.86 32.58 -1.38
C LYS B 591 24.61 32.24 0.08
N ILE B 592 23.62 32.86 0.68
CA ILE B 592 23.21 32.54 2.06
C ILE B 592 22.97 31.02 2.22
N PRO B 593 23.54 30.37 3.22
CA PRO B 593 23.18 28.96 3.32
C PRO B 593 21.66 28.69 3.46
N LEU B 594 21.22 27.59 2.84
CA LEU B 594 19.80 27.23 2.91
C LEU B 594 19.24 27.23 4.35
N SER B 595 20.02 26.72 5.31
CA SER B 595 19.55 26.66 6.70
C SER B 595 19.26 28.10 7.28
N ALA B 596 20.10 29.07 6.92
CA ALA B 596 19.90 30.46 7.33
C ALA B 596 18.65 31.09 6.66
N GLU B 597 18.48 30.77 5.38
CA GLU B 597 17.31 31.21 4.65
C GLU B 597 15.99 30.66 5.25
N LYS B 598 16.00 29.40 5.67
CA LYS B 598 14.87 28.80 6.36
C LYS B 598 14.62 29.49 7.70
N LEU B 599 15.66 29.82 8.43
CA LEU B 599 15.51 30.53 9.69
C LEU B 599 14.94 31.94 9.50
N ASN B 600 15.39 32.70 8.49
CA ASN B 600 14.82 34.02 8.24
C ASN B 600 13.31 33.90 7.95
N ALA B 601 12.93 32.88 7.20
CA ALA B 601 11.51 32.71 6.78
C ALA B 601 10.67 32.26 7.90
N ILE B 602 11.20 31.38 8.76
CA ILE B 602 10.41 30.78 9.82
C ILE B 602 10.35 31.58 11.13
N ILE B 603 11.33 32.47 11.34
CA ILE B 603 11.48 33.13 12.60
C ILE B 603 10.25 33.95 12.91
N HIS B 604 9.72 34.68 11.92
N HIS B 604 9.70 34.69 11.94
CA HIS B 604 8.53 35.51 12.11
CA HIS B 604 8.53 35.53 12.22
C HIS B 604 7.28 34.68 12.25
C HIS B 604 7.26 34.70 12.26
N TRP B 605 7.22 33.59 11.52
CA TRP B 605 6.09 32.63 11.64
C TRP B 605 6.04 31.97 13.04
N TYR B 606 7.19 31.53 13.55
CA TYR B 606 7.25 30.98 14.88
C TYR B 606 6.98 32.03 15.97
N ALA B 607 7.41 33.25 15.73
CA ALA B 607 7.15 34.32 16.67
C ALA B 607 5.67 34.53 16.78
N HIS B 608 4.98 34.52 15.64
CA HIS B 608 3.48 34.61 15.63
C HIS B 608 2.81 33.45 16.36
N ASP B 609 3.25 32.23 16.05
CA ASP B 609 2.70 31.06 16.76
C ASP B 609 2.91 31.15 18.27
N ALA B 610 4.11 31.54 18.68
CA ALA B 610 4.42 31.67 20.08
C ALA B 610 3.60 32.76 20.73
N LEU B 611 3.43 33.86 20.02
CA LEU B 611 2.70 35.01 20.61
C LEU B 611 1.21 34.64 20.83
N ILE B 612 0.67 33.90 19.88
CA ILE B 612 -0.70 33.34 20.02
C ILE B 612 -0.82 32.39 21.21
N HIS B 613 0.09 31.43 21.31
CA HIS B 613 0.17 30.54 22.42
C HIS B 613 0.16 31.29 23.75
N PHE B 614 0.85 32.42 23.76
CA PHE B 614 0.86 33.26 24.95
C PHE B 614 -0.47 34.03 25.15
N ALA B 615 -0.81 34.88 24.20
CA ALA B 615 -1.80 35.95 24.39
C ALA B 615 -3.21 35.52 24.11
N SER B 616 -3.37 34.56 23.22
CA SER B 616 -4.68 34.10 22.79
C SER B 616 -4.66 32.59 22.67
N PRO B 617 -4.65 31.90 23.81
CA PRO B 617 -4.18 30.50 23.80
C PRO B 617 -5.15 29.53 23.16
N HIS B 618 -4.88 29.24 21.91
CA HIS B 618 -5.58 28.22 21.18
C HIS B 618 -4.78 27.88 19.93
N GLY B 619 -5.15 26.75 19.34
CA GLY B 619 -4.55 26.28 18.10
C GLY B 619 -5.54 25.96 16.99
N LEU B 620 -5.02 25.23 16.01
CA LEU B 620 -5.85 24.83 14.90
C LEU B 620 -6.70 23.64 15.39
N GLU B 621 -6.07 22.50 15.59
CA GLU B 621 -6.78 21.32 16.14
C GLU B 621 -7.25 21.63 17.58
N GLN B 622 -6.35 22.24 18.38
CA GLN B 622 -6.61 22.42 19.83
C GLN B 622 -7.29 23.76 20.04
N SER B 623 -8.55 23.81 19.59
CA SER B 623 -9.30 25.12 19.53
C SER B 623 -9.72 25.56 20.94
N GLY B 624 -9.83 24.55 21.83
CA GLY B 624 -10.23 24.73 23.22
C GLY B 624 -8.99 24.87 24.06
N GLY B 625 -8.74 26.11 24.45
CA GLY B 625 -7.60 26.51 25.30
C GLY B 625 -7.99 27.60 26.30
N ALA B 626 -7.76 28.84 25.95
CA ALA B 626 -8.18 30.03 26.70
C ALA B 626 -7.31 30.32 27.90
N ALA B 627 -7.08 29.25 28.68
CA ALA B 627 -6.20 29.27 29.82
C ALA B 627 -4.69 29.28 29.46
N TRP B 628 -3.87 29.62 30.46
CA TRP B 628 -2.47 29.28 30.45
C TRP B 628 -2.30 27.93 31.13
N GLY B 629 -1.61 27.04 30.48
CA GLY B 629 -0.99 25.86 31.17
C GLY B 629 0.18 26.37 31.97
N THR B 630 0.29 25.91 33.21
CA THR B 630 1.31 26.47 34.09
C THR B 630 2.71 26.15 33.55
N ARG B 631 2.96 24.90 33.22
CA ARG B 631 4.30 24.57 32.67
C ARG B 631 4.43 25.16 31.28
N ASP B 632 3.29 25.40 30.61
CA ASP B 632 3.32 25.90 29.23
C ASP B 632 3.81 27.35 29.17
N VAL B 633 3.21 28.21 29.99
CA VAL B 633 3.51 29.64 29.96
C VAL B 633 4.94 29.84 30.45
N CYS B 634 5.39 28.98 31.34
CA CYS B 634 6.74 29.01 31.83
C CYS B 634 7.82 28.61 30.83
N GLN B 635 7.44 27.96 29.75
CA GLN B 635 8.36 27.53 28.69
C GLN B 635 8.34 28.41 27.46
N GLY B 636 7.38 28.20 26.58
CA GLY B 636 7.34 28.91 25.33
C GLY B 636 7.36 30.43 25.50
N PRO B 637 6.38 30.97 26.19
CA PRO B 637 6.32 32.41 26.31
C PRO B 637 7.53 33.01 27.08
N ILE B 638 7.81 32.50 28.26
CA ILE B 638 8.85 33.11 29.06
C ILE B 638 10.24 32.96 28.37
N GLU B 639 10.52 31.81 27.79
CA GLU B 639 11.78 31.63 27.10
C GLU B 639 11.89 32.57 25.89
N PHE B 640 10.81 32.66 25.10
CA PHE B 640 10.76 33.56 23.98
C PHE B 640 11.02 35.03 24.41
N PHE B 641 10.27 35.47 25.41
CA PHE B 641 10.40 36.83 25.91
C PHE B 641 11.78 37.14 26.55
N LEU B 642 12.31 36.23 27.33
CA LEU B 642 13.68 36.41 27.84
C LEU B 642 14.78 36.54 26.75
N THR B 643 14.64 35.75 25.70
CA THR B 643 15.57 35.70 24.60
C THR B 643 15.61 37.04 23.85
N THR B 644 14.45 37.70 23.77
CA THR B 644 14.27 38.90 22.98
C THR B 644 14.28 40.18 23.84
N GLY B 645 14.61 40.08 25.13
CA GLY B 645 14.66 41.22 26.06
C GLY B 645 13.32 41.84 26.47
N HIS B 646 12.25 41.09 26.37
CA HIS B 646 10.94 41.63 26.81
C HIS B 646 10.74 41.37 28.31
N PHE B 647 11.59 42.01 29.10
CA PHE B 647 11.73 41.72 30.52
C PHE B 647 10.55 42.21 31.34
N ASP B 648 10.07 43.42 31.06
CA ASP B 648 8.90 43.97 31.76
C ASP B 648 7.73 43.00 31.61
N LEU B 649 7.54 42.50 30.41
CA LEU B 649 6.48 41.54 30.19
C LEU B 649 6.65 40.31 31.07
N VAL B 650 7.84 39.74 31.13
CA VAL B 650 8.06 38.52 31.89
C VAL B 650 7.77 38.81 33.35
N ARG B 651 8.19 39.98 33.83
CA ARG B 651 7.94 40.35 35.25
C ARG B 651 6.42 40.26 35.55
N HIS B 652 5.63 40.85 34.66
CA HIS B 652 4.17 40.86 34.81
C HIS B 652 3.58 39.45 34.73
N ILE B 653 4.08 38.64 33.78
CA ILE B 653 3.65 37.25 33.65
C ILE B 653 3.86 36.54 34.96
N LEU B 654 5.04 36.72 35.54
CA LEU B 654 5.41 36.03 36.78
C LEU B 654 4.52 36.45 37.94
N ILE B 655 4.24 37.74 38.06
CA ILE B 655 3.31 38.19 39.09
C ILE B 655 1.91 37.51 38.94
N THR B 656 1.38 37.56 37.73
CA THR B 656 0.13 36.94 37.47
C THR B 656 0.20 35.46 37.84
N LEU B 657 1.29 34.84 37.42
CA LEU B 657 1.47 33.39 37.62
C LEU B 657 1.46 33.04 39.11
N TYR B 658 2.24 33.77 39.88
CA TYR B 658 2.35 33.52 41.32
C TYR B 658 1.02 33.79 42.08
N SER B 659 0.21 34.70 41.53
CA SER B 659 -1.13 34.97 42.05
C SER B 659 -2.07 33.81 41.92
N HIS B 660 -1.68 32.87 41.08
CA HIS B 660 -2.49 31.69 40.81
C HIS B 660 -1.99 30.44 41.53
N GLN B 661 -0.98 30.62 42.40
CA GLN B 661 -0.58 29.50 43.30
C GLN B 661 -1.77 29.21 44.24
N ILE B 662 -2.05 27.93 44.49
CA ILE B 662 -3.23 27.49 45.22
C ILE B 662 -2.95 27.52 46.73
N GLU B 663 -3.85 28.17 47.46
CA GLU B 663 -3.80 28.21 48.93
C GLU B 663 -3.94 26.80 49.50
N GLY B 664 -3.18 26.54 50.55
CA GLY B 664 -3.27 25.27 51.29
C GLY B 664 -2.32 24.21 50.78
N GLY B 665 -2.57 23.71 49.57
CA GLY B 665 -1.63 22.77 48.91
C GLY B 665 -0.31 23.48 48.56
N PHE B 666 -0.42 24.74 48.21
CA PHE B 666 0.72 25.62 47.81
C PHE B 666 1.53 25.19 46.58
N GLU B 667 0.89 24.39 45.73
CA GLU B 667 1.38 24.09 44.39
C GLU B 667 0.54 24.98 43.40
N TRP B 668 0.80 24.80 42.11
CA TRP B 668 0.00 25.42 41.06
C TRP B 668 -1.02 24.49 40.48
N PRO B 669 -2.13 25.04 39.94
CA PRO B 669 -3.01 24.25 39.13
C PRO B 669 -2.30 23.82 37.84
N GLN B 670 -2.82 22.78 37.20
CA GLN B 670 -2.31 22.41 35.87
C GLN B 670 -2.41 23.59 34.87
N TRP B 671 -3.52 24.28 34.93
CA TRP B 671 -3.84 25.41 34.08
C TRP B 671 -4.80 26.32 34.78
N PHE B 672 -4.86 27.55 34.33
CA PHE B 672 -5.74 28.57 34.92
C PHE B 672 -6.06 29.64 33.88
N MET B 673 -7.27 30.17 33.93
CA MET B 673 -7.55 31.42 33.21
C MET B 673 -6.80 32.57 33.82
N PHE B 674 -6.27 33.42 32.95
CA PHE B 674 -5.50 34.61 33.34
C PHE B 674 -6.31 35.89 33.17
N ASP B 675 -7.61 35.77 32.92
CA ASP B 675 -8.47 36.93 32.75
C ASP B 675 -9.48 36.97 33.93
N HIS B 676 -10.69 37.54 33.77
CA HIS B 676 -11.64 37.64 34.88
C HIS B 676 -12.38 36.34 35.18
N TYR B 677 -12.24 35.32 34.34
CA TYR B 677 -12.89 34.05 34.64
C TYR B 677 -12.11 33.28 35.70
N PRO B 678 -12.73 33.02 36.85
CA PRO B 678 -12.12 32.16 37.88
C PRO B 678 -12.31 30.66 37.59
N ILE B 679 -11.38 30.13 36.79
CA ILE B 679 -11.44 28.73 36.40
C ILE B 679 -10.03 28.20 36.36
N HIS B 680 -9.81 27.09 37.05
CA HIS B 680 -8.55 26.40 36.96
C HIS B 680 -8.71 24.91 37.18
N GLN B 681 -7.64 24.17 36.90
CA GLN B 681 -7.59 22.73 37.19
C GLN B 681 -6.64 22.56 38.38
N GLU B 682 -7.22 22.45 39.56
CA GLU B 682 -6.43 22.38 40.82
C GLU B 682 -5.54 21.12 40.95
N ASP B 683 -5.94 20.04 40.33
CA ASP B 683 -5.11 18.81 40.25
C ASP B 683 -4.00 19.00 39.19
N CYS B 684 -2.78 18.77 39.61
CA CYS B 684 -1.63 19.01 38.77
C CYS B 684 -0.77 17.79 38.68
N HIS B 685 0.00 17.72 37.60
CA HIS B 685 1.06 16.71 37.53
C HIS B 685 2.21 17.13 38.45
N GLY B 686 3.08 16.16 38.71
CA GLY B 686 4.17 16.27 39.67
C GLY B 686 5.32 17.19 39.30
N ASP B 687 5.49 17.52 38.02
CA ASP B 687 6.55 18.45 37.63
C ASP B 687 6.14 19.92 37.64
N VAL B 688 4.84 20.20 37.73
CA VAL B 688 4.33 21.54 37.45
C VAL B 688 4.91 22.59 38.38
N VAL B 689 4.99 22.22 39.66
CA VAL B 689 5.54 23.11 40.70
C VAL B 689 6.94 23.69 40.41
N PHE B 690 7.77 22.94 39.70
CA PHE B 690 9.12 23.39 39.37
C PHE B 690 9.16 24.54 38.40
N TRP B 691 8.16 24.61 37.50
CA TRP B 691 8.27 25.52 36.41
C TRP B 691 8.20 27.00 36.79
N PRO B 692 7.24 27.41 37.67
CA PRO B 692 7.29 28.81 38.13
C PRO B 692 8.53 29.19 38.92
N LEU B 693 9.11 28.21 39.60
CA LEU B 693 10.37 28.41 40.35
C LEU B 693 11.58 28.61 39.44
N LYS B 694 11.67 27.74 38.43
CA LYS B 694 12.71 27.87 37.42
C LYS B 694 12.57 29.20 36.66
N ALA B 695 11.34 29.49 36.21
CA ALA B 695 11.11 30.72 35.43
C ALA B 695 11.44 32.04 36.18
N ILE B 696 11.06 32.13 37.45
CA ILE B 696 11.41 33.32 38.28
C ILE B 696 12.96 33.43 38.45
N SER B 697 13.60 32.27 38.60
CA SER B 697 15.07 32.26 38.73
C SER B 697 15.73 32.70 37.44
N ASP B 698 15.21 32.24 36.29
CA ASP B 698 15.79 32.66 34.98
C ASP B 698 15.60 34.16 34.78
N TYR B 699 14.40 34.64 35.15
CA TYR B 699 14.09 36.07 35.03
C TYR B 699 15.10 36.92 35.88
N ILE B 700 15.28 36.49 37.13
CA ILE B 700 16.17 37.16 38.08
C ILE B 700 17.63 37.14 37.57
N GLN B 701 18.08 36.02 37.03
CA GLN B 701 19.44 35.95 36.41
C GLN B 701 19.63 36.85 35.22
N ALA B 702 18.59 36.99 34.41
CA ALA B 702 18.66 37.76 33.19
C ALA B 702 18.67 39.26 33.47
N THR B 703 18.03 39.65 34.55
CA THR B 703 17.71 41.03 34.80
C THR B 703 18.35 41.61 36.08
N GLY B 704 18.69 40.77 37.03
CA GLY B 704 19.02 41.19 38.40
C GLY B 704 17.88 41.76 39.22
N ASP B 705 16.65 41.62 38.74
CA ASP B 705 15.52 42.25 39.41
C ASP B 705 14.98 41.38 40.55
N THR B 706 15.73 41.40 41.65
CA THR B 706 15.37 40.67 42.85
C THR B 706 14.18 41.30 43.55
N SER B 707 13.82 42.55 43.19
CA SER B 707 12.61 43.22 43.70
C SER B 707 11.37 42.39 43.54
N ILE B 708 11.28 41.61 42.46
CA ILE B 708 10.11 40.70 42.25
C ILE B 708 9.83 39.84 43.50
N LEU B 709 10.88 39.45 44.21
CA LEU B 709 10.72 38.59 45.37
C LEU B 709 9.91 39.24 46.51
N ASN B 710 9.93 40.56 46.57
CA ASN B 710 9.24 41.30 47.65
C ASN B 710 7.83 41.67 47.28
N GLU B 711 7.38 41.42 46.04
CA GLU B 711 6.01 41.75 45.66
C GLU B 711 5.03 40.98 46.51
N LEU B 712 3.95 41.65 46.90
CA LEU B 712 2.89 41.06 47.70
C LEU B 712 1.83 40.56 46.76
N VAL B 713 1.52 39.29 46.86
CA VAL B 713 0.78 38.61 45.83
C VAL B 713 -0.13 37.61 46.48
N ASP B 714 -1.36 37.57 45.99
CA ASP B 714 -2.40 36.72 46.60
C ASP B 714 -2.27 35.28 46.10
N TYR B 715 -3.10 34.40 46.64
CA TYR B 715 -3.31 33.05 46.17
C TYR B 715 -4.75 32.89 45.69
N ARG B 716 -5.04 31.70 45.17
CA ARG B 716 -6.36 31.28 44.73
C ARG B 716 -6.81 30.08 45.52
N THR B 717 -8.12 30.00 45.77
CA THR B 717 -8.67 28.86 46.50
C THR B 717 -8.77 27.70 45.53
N ALA B 718 -8.63 26.50 46.05
CA ALA B 718 -8.60 25.29 45.25
C ALA B 718 -9.91 25.08 44.47
N LYS B 719 -11.02 25.15 45.16
CA LYS B 719 -12.24 24.60 44.52
C LYS B 719 -12.99 25.63 43.67
N ASP B 720 -13.00 26.89 44.03
CA ASP B 720 -13.69 27.87 43.20
C ASP B 720 -12.75 28.86 42.50
N ALA B 721 -11.45 28.71 42.65
CA ALA B 721 -10.48 29.51 41.90
C ALA B 721 -10.61 31.01 42.14
N LEU B 722 -11.04 31.37 43.36
CA LEU B 722 -11.21 32.78 43.73
C LEU B 722 -10.05 33.26 44.55
N PRO B 723 -9.76 34.57 44.50
CA PRO B 723 -8.67 35.09 45.31
C PRO B 723 -8.91 34.82 46.78
N THR B 724 -7.86 34.48 47.53
CA THR B 724 -8.01 34.15 48.96
C THR B 724 -8.00 35.38 49.86
N ASN B 725 -7.63 36.52 49.30
CA ASN B 725 -7.32 37.76 50.04
C ASN B 725 -6.43 37.53 51.25
N GLN B 726 -5.30 36.90 51.01
CA GLN B 726 -4.28 36.68 52.03
C GLN B 726 -2.93 36.74 51.35
N PRO B 727 -2.56 37.92 50.88
CA PRO B 727 -1.33 38.00 50.10
C PRO B 727 -0.10 37.77 50.94
N GLU B 728 0.93 37.23 50.31
CA GLU B 728 2.27 37.10 50.90
C GLU B 728 3.29 37.50 49.85
N THR B 729 4.52 37.72 50.30
CA THR B 729 5.62 38.04 49.36
C THR B 729 5.85 36.81 48.46
N ILE B 730 6.29 37.12 47.25
CA ILE B 730 6.68 36.09 46.28
C ILE B 730 7.75 35.18 46.90
N LEU B 731 8.66 35.74 47.66
CA LEU B 731 9.61 34.92 48.40
C LEU B 731 8.98 33.85 49.28
N ILE B 732 7.93 34.21 49.99
CA ILE B 732 7.24 33.23 50.82
C ILE B 732 6.45 32.25 49.99
N HIS B 733 5.83 32.72 48.89
CA HIS B 733 5.21 31.82 47.88
C HIS B 733 6.24 30.73 47.56
N ILE B 734 7.43 31.15 47.19
CA ILE B 734 8.51 30.24 46.85
C ILE B 734 8.79 29.26 47.99
N LYS B 735 8.94 29.79 49.21
CA LYS B 735 9.27 28.93 50.38
C LYS B 735 8.21 27.84 50.57
N ARG B 736 6.96 28.22 50.42
CA ARG B 736 5.86 27.26 50.52
C ARG B 736 5.85 26.21 49.41
N ALA B 737 6.10 26.62 48.17
CA ALA B 737 6.23 25.65 47.08
C ALA B 737 7.41 24.68 47.36
N VAL B 738 8.53 25.24 47.82
CA VAL B 738 9.73 24.41 48.13
C VAL B 738 9.45 23.40 49.22
N THR B 739 8.61 23.75 50.21
CA THR B 739 8.21 22.78 51.27
C THR B 739 7.46 21.59 50.67
N THR B 740 6.61 21.85 49.67
CA THR B 740 5.89 20.74 48.99
C THR B 740 6.85 19.81 48.32
N ILE B 741 7.94 20.37 47.82
CA ILE B 741 8.96 19.56 47.13
C ILE B 741 9.69 18.71 48.16
N LYS B 742 10.19 19.37 49.21
CA LYS B 742 10.88 18.65 50.33
C LYS B 742 10.04 17.48 50.83
N ASN B 743 8.72 17.68 50.90
CA ASN B 743 7.78 16.64 51.42
C ASN B 743 7.51 15.50 50.49
N ARG B 744 8.00 15.64 49.26
CA ARG B 744 7.90 14.53 48.32
C ARG B 744 9.09 13.57 48.35
N TYR B 745 10.09 13.84 49.17
CA TYR B 745 11.25 12.93 49.25
C TYR B 745 10.79 11.55 49.66
N LEU B 746 11.20 10.51 48.92
CA LEU B 746 10.95 9.15 49.37
C LEU B 746 11.86 8.86 50.59
N SER B 747 11.34 8.06 51.51
CA SER B 747 11.91 8.05 52.84
C SER B 747 13.29 7.41 52.73
N GLY B 748 14.24 7.99 53.43
CA GLY B 748 15.64 7.59 53.38
C GLY B 748 16.47 8.28 52.29
N THR B 749 15.83 9.10 51.45
CA THR B 749 16.44 9.58 50.18
C THR B 749 16.02 11.02 49.86
N ALA B 750 16.63 11.58 48.85
CA ALA B 750 16.12 12.85 48.29
C ALA B 750 15.54 12.58 46.88
N LEU B 751 14.97 11.39 46.68
CA LEU B 751 14.26 11.04 45.46
C LEU B 751 12.87 11.69 45.53
N ILE B 752 12.56 12.48 44.52
CA ILE B 752 11.28 13.13 44.44
C ILE B 752 10.21 12.21 43.86
N SER B 753 9.15 11.98 44.63
CA SER B 753 8.05 11.13 44.19
C SER B 753 7.42 11.67 42.88
N TYR B 754 7.03 10.75 42.01
CA TYR B 754 6.39 11.07 40.70
C TYR B 754 5.14 11.92 40.86
N ALA B 755 4.35 11.56 41.85
CA ALA B 755 3.00 12.16 42.08
C ALA B 755 2.17 12.08 40.77
N GLY B 756 1.50 13.15 40.36
CA GLY B 756 0.55 13.06 39.21
C GLY B 756 1.17 12.93 37.83
N GLY B 757 2.48 12.68 37.76
CA GLY B 757 3.18 12.50 36.47
C GLY B 757 4.21 13.61 36.21
N ASP B 758 4.88 13.53 35.07
CA ASP B 758 5.88 14.54 34.70
C ASP B 758 5.46 15.25 33.42
N TRP B 759 6.44 15.87 32.72
CA TRP B 759 6.23 16.62 31.44
C TRP B 759 5.30 15.88 30.45
N ASP B 760 5.50 14.58 30.35
CA ASP B 760 4.73 13.75 29.38
C ASP B 760 3.36 13.43 29.98
N ASP B 761 2.35 14.19 29.54
CA ASP B 761 0.95 14.06 30.07
C ASP B 761 0.35 12.68 29.78
N THR B 762 0.89 11.94 28.82
CA THR B 762 0.38 10.54 28.55
C THR B 762 0.91 9.48 29.52
N LEU B 763 1.85 9.89 30.37
CA LEU B 763 2.50 8.99 31.39
C LEU B 763 1.97 9.12 32.87
N GLN B 764 0.74 9.62 33.03
CA GLN B 764 0.14 9.62 34.36
C GLN B 764 0.14 8.16 34.86
N PRO B 765 0.39 7.98 36.14
CA PRO B 765 0.46 6.65 36.71
C PRO B 765 -0.92 5.96 36.70
N ALA B 766 -0.95 4.67 36.38
CA ALA B 766 -2.25 3.91 36.30
C ALA B 766 -2.89 3.52 37.64
N ASN B 767 -2.15 3.64 38.73
CA ASN B 767 -2.66 3.35 40.11
C ASN B 767 -1.91 4.16 41.20
N SER B 768 -2.41 4.13 42.44
CA SER B 768 -1.85 4.94 43.55
C SER B 768 -0.43 4.47 44.02
N GLU B 769 -0.14 3.18 43.92
CA GLU B 769 1.21 2.66 44.27
C GLU B 769 2.25 3.25 43.31
N LEU B 770 1.93 3.22 42.01
CA LEU B 770 2.76 3.85 40.96
C LEU B 770 2.92 5.34 41.19
N LYS B 771 1.84 6.01 41.57
CA LYS B 771 1.90 7.45 41.97
C LYS B 771 2.83 7.79 43.19
N GLU B 772 2.76 6.92 44.20
CA GLU B 772 3.57 7.08 45.47
C GLU B 772 5.01 6.58 45.34
N ASN B 773 5.17 5.48 44.60
CA ASN B 773 6.47 4.80 44.54
C ASN B 773 7.31 4.98 43.28
N LEU B 774 6.74 5.57 42.21
CA LEU B 774 7.56 5.90 41.04
C LEU B 774 8.39 7.14 41.32
N VAL B 775 9.58 7.12 40.73
CA VAL B 775 10.44 8.30 40.62
C VAL B 775 10.76 8.46 39.14
N SER B 776 10.46 9.63 38.60
CA SER B 776 10.88 10.02 37.25
C SER B 776 12.28 10.63 37.32
N ALA B 777 13.21 10.02 36.58
CA ALA B 777 14.59 10.58 36.46
C ALA B 777 14.58 11.98 35.82
N TRP B 778 13.58 12.24 34.96
CA TRP B 778 13.43 13.52 34.36
C TRP B 778 13.07 14.51 35.41
N THR B 779 12.04 14.19 36.19
CA THR B 779 11.62 15.07 37.29
C THR B 779 12.76 15.29 38.28
N GLN B 780 13.51 14.23 38.58
CA GLN B 780 14.62 14.35 39.52
C GLN B 780 15.62 15.39 39.00
N ALA B 781 15.95 15.27 37.71
CA ALA B 781 16.92 16.20 37.10
C ALA B 781 16.42 17.65 37.06
N LEU B 782 15.13 17.82 36.67
CA LEU B 782 14.52 19.14 36.66
C LEU B 782 14.56 19.78 38.04
N ALA B 783 14.25 18.97 39.05
CA ALA B 783 14.25 19.44 40.46
C ALA B 783 15.64 19.93 40.86
N GLU B 784 16.64 19.11 40.59
CA GLU B 784 18.03 19.49 40.85
C GLU B 784 18.34 20.82 40.21
N GLN B 785 18.00 20.94 38.91
CA GLN B 785 18.34 22.15 38.14
C GLN B 785 17.65 23.39 38.69
N THR B 786 16.37 23.21 39.03
CA THR B 786 15.50 24.31 39.42
C THR B 786 15.96 24.82 40.78
N LEU B 787 16.17 23.89 41.70
CA LEU B 787 16.69 24.27 43.05
C LEU B 787 18.07 24.92 43.05
N GLU B 788 18.96 24.52 42.15
CA GLU B 788 20.26 25.21 41.95
C GLU B 788 20.05 26.64 41.41
N LEU B 789 19.17 26.76 40.44
CA LEU B 789 18.88 28.10 39.90
C LEU B 789 18.23 29.01 40.96
N LEU B 790 17.30 28.47 41.75
CA LEU B 790 16.67 29.25 42.81
C LEU B 790 17.72 29.71 43.84
N CYS B 791 18.61 28.80 44.20
CA CYS B 791 19.73 29.10 45.10
C CYS B 791 20.47 30.34 44.66
N SER B 792 20.91 30.40 43.40
CA SER B 792 21.62 31.61 42.92
C SER B 792 20.78 32.86 42.89
N ALA B 793 19.53 32.72 42.44
CA ALA B 793 18.65 33.90 42.30
C ALA B 793 18.33 34.59 43.64
N ILE B 794 18.25 33.78 44.69
CA ILE B 794 17.93 34.17 46.06
C ILE B 794 19.16 34.46 47.00
N LYS B 795 20.37 34.10 46.56
CA LYS B 795 21.63 34.28 47.35
C LYS B 795 21.73 35.64 48.02
N GLY B 796 21.54 36.70 47.23
CA GLY B 796 21.71 38.07 47.75
C GLY B 796 20.65 38.56 48.72
N ILE B 797 19.56 37.82 48.87
CA ILE B 797 18.37 38.28 49.54
C ILE B 797 18.05 37.53 50.80
N ASP B 798 18.25 36.24 50.77
CA ASP B 798 17.93 35.39 51.90
C ASP B 798 19.02 34.29 51.96
N HIS B 799 20.09 34.65 52.66
CA HIS B 799 21.31 33.84 52.71
C HIS B 799 20.98 32.46 53.20
N ASP B 800 20.17 32.39 54.26
CA ASP B 800 19.82 31.10 54.83
C ASP B 800 19.00 30.20 53.95
N PHE B 801 17.97 30.76 53.31
CA PHE B 801 17.11 29.96 52.43
C PHE B 801 17.96 29.45 51.28
N SER B 802 18.84 30.31 50.79
CA SER B 802 19.78 29.96 49.74
C SER B 802 20.67 28.75 50.10
N LYS B 803 21.18 28.71 51.34
CA LYS B 803 21.96 27.56 51.81
C LYS B 803 21.11 26.29 51.83
N GLU B 804 19.87 26.42 52.31
CA GLU B 804 18.96 25.24 52.33
C GLU B 804 18.66 24.76 50.89
N LEU B 805 18.42 25.71 49.99
CA LEU B 805 18.23 25.38 48.57
C LEU B 805 19.42 24.62 47.99
N SER B 806 20.62 25.09 48.30
CA SER B 806 21.86 24.36 47.89
C SER B 806 21.95 22.93 48.48
N HIS B 807 21.65 22.79 49.75
CA HIS B 807 21.56 21.45 50.35
C HIS B 807 20.56 20.57 49.59
N MET B 808 19.35 21.10 49.35
CA MET B 808 18.33 20.30 48.64
C MET B 808 18.82 19.90 47.24
N ALA B 809 19.34 20.85 46.50
CA ALA B 809 19.82 20.55 45.16
C ALA B 809 20.89 19.47 45.15
N ASN B 810 21.86 19.62 46.07
CA ASN B 810 22.95 18.65 46.23
C ASN B 810 22.45 17.29 46.67
N ASP B 811 21.48 17.24 47.58
CA ASP B 811 20.95 15.93 47.98
C ASP B 811 20.20 15.29 46.81
N ILE B 812 19.46 16.11 46.04
CA ILE B 812 18.70 15.57 44.90
C ILE B 812 19.67 15.02 43.87
N ARG B 813 20.73 15.76 43.66
CA ARG B 813 21.88 15.32 42.82
C ARG B 813 22.46 14.01 43.27
N THR B 814 22.74 13.94 44.57
CA THR B 814 23.27 12.68 45.17
C THR B 814 22.34 11.47 44.97
N SER B 815 21.06 11.65 45.25
CA SER B 815 20.10 10.57 44.99
C SER B 815 19.96 10.19 43.51
N PHE B 816 20.09 11.18 42.63
CA PHE B 816 20.04 10.95 41.18
C PHE B 816 21.12 9.92 40.85
N TYR B 817 22.35 10.20 41.25
CA TYR B 817 23.53 9.34 40.93
C TYR B 817 23.48 8.00 41.65
N GLN B 818 23.07 8.02 42.89
CA GLN B 818 22.95 6.79 43.69
C GLN B 818 21.85 5.81 43.30
N TYR B 819 20.71 6.29 42.84
CA TYR B 819 19.59 5.40 42.61
C TYR B 819 19.18 5.29 41.16
N LEU B 820 19.50 6.27 40.29
CA LEU B 820 18.82 6.32 38.99
C LEU B 820 19.67 5.94 37.83
N ILE B 821 20.91 5.57 38.11
CA ILE B 821 21.88 5.21 37.08
C ILE B 821 22.38 3.78 37.33
N LYS B 822 22.33 2.95 36.30
CA LYS B 822 22.86 1.59 36.43
C LYS B 822 23.55 1.23 35.13
N ASP B 823 24.78 0.69 35.24
CA ASP B 823 25.62 0.35 34.08
C ASP B 823 25.83 1.60 33.16
N GLY B 824 25.99 2.78 33.77
CA GLY B 824 26.14 4.01 33.02
C GLY B 824 24.86 4.56 32.33
N VAL B 825 23.73 3.83 32.43
CA VAL B 825 22.47 4.23 31.78
C VAL B 825 21.50 4.79 32.81
N ILE B 826 21.08 6.04 32.60
CA ILE B 826 20.00 6.63 33.41
C ILE B 826 18.69 5.93 33.11
N ALA B 827 18.09 5.37 34.15
CA ALA B 827 16.81 4.75 34.02
C ALA B 827 15.75 5.84 33.84
N GLY B 828 14.78 5.55 33.00
CA GLY B 828 13.62 6.46 32.84
C GLY B 828 12.88 6.63 34.15
N PHE B 829 12.64 5.54 34.84
CA PHE B 829 11.96 5.55 36.13
C PHE B 829 12.61 4.56 37.10
N LEU B 830 12.45 4.84 38.40
CA LEU B 830 12.70 3.88 39.44
C LEU B 830 11.41 3.69 40.19
N TYR B 831 11.05 2.43 40.37
CA TYR B 831 9.98 2.04 41.28
C TYR B 831 10.59 1.68 42.62
N ARG B 832 10.22 2.39 43.67
CA ARG B 832 10.81 2.12 45.00
C ARG B 832 9.72 2.03 46.02
N GLU B 833 9.33 0.81 46.34
CA GLU B 833 8.39 0.59 47.43
C GLU B 833 9.14 0.81 48.78
N SER B 834 10.39 0.38 48.82
CA SER B 834 11.30 0.64 49.96
C SER B 834 12.73 0.34 49.52
N GLU B 835 13.73 0.55 50.39
CA GLU B 835 15.13 0.17 50.08
C GLU B 835 15.28 -1.30 49.64
N GLU B 836 14.41 -2.14 50.18
CA GLU B 836 14.44 -3.61 49.93
C GLU B 836 13.70 -4.03 48.67
N HIS B 837 12.80 -3.19 48.16
CA HIS B 837 11.99 -3.51 46.92
C HIS B 837 12.02 -2.35 45.89
N MET B 838 13.02 -2.43 45.00
CA MET B 838 13.31 -1.43 43.95
C MET B 838 13.43 -2.09 42.60
N LYS B 839 13.05 -1.38 41.54
CA LYS B 839 13.06 -1.95 40.18
C LYS B 839 13.22 -0.79 39.19
N TYR B 840 14.20 -0.88 38.29
CA TYR B 840 14.35 0.12 37.26
C TYR B 840 13.26 -0.13 36.21
N MET B 841 12.76 0.93 35.62
CA MET B 841 11.91 0.83 34.42
C MET B 841 12.43 1.78 33.34
N LEU B 842 12.06 1.48 32.10
CA LEU B 842 12.57 2.19 30.91
C LEU B 842 14.13 2.27 31.05
N HIS B 843 14.69 1.07 31.22
CA HIS B 843 16.12 0.81 31.48
C HIS B 843 16.39 -0.63 30.96
N PRO B 844 17.63 -0.92 30.44
CA PRO B 844 17.89 -2.29 29.91
C PRO B 844 17.60 -3.48 30.88
N ASP B 845 17.73 -3.24 32.19
CA ASP B 845 17.45 -4.27 33.25
C ASP B 845 15.99 -4.66 33.31
N ASP B 846 15.10 -3.79 32.83
CA ASP B 846 13.67 -4.12 32.77
C ASP B 846 13.39 -5.07 31.55
N THR B 847 13.93 -6.30 31.65
CA THR B 847 13.94 -7.27 30.54
C THR B 847 12.53 -7.85 30.27
N GLU B 848 11.66 -7.83 31.28
CA GLU B 848 10.23 -8.23 31.13
C GLU B 848 9.48 -7.24 30.17
N SER B 849 9.88 -5.97 30.19
CA SER B 849 9.27 -4.90 29.37
C SER B 849 9.93 -4.83 27.99
N SER B 850 9.19 -4.25 27.07
CA SER B 850 9.69 -4.01 25.71
C SER B 850 10.36 -2.64 25.57
N ILE B 851 10.33 -1.83 26.64
CA ILE B 851 10.87 -0.45 26.62
C ILE B 851 12.08 -0.35 27.53
N HIS B 852 13.25 -0.04 26.95
CA HIS B 852 14.53 0.01 27.68
C HIS B 852 15.30 1.32 27.72
N TYR B 853 14.87 2.32 26.93
CA TYR B 853 15.51 3.67 26.96
C TYR B 853 14.46 4.82 26.85
N ARG B 854 14.72 5.88 27.61
CA ARG B 854 13.90 7.07 27.72
C ARG B 854 14.75 8.32 27.45
N LEU B 855 14.25 9.18 26.57
CA LEU B 855 15.00 10.38 26.13
C LEU B 855 15.10 11.47 27.16
N LEU B 856 13.96 11.75 27.79
CA LEU B 856 13.83 12.96 28.62
C LEU B 856 14.95 13.17 29.69
N PRO B 857 15.20 12.17 30.54
CA PRO B 857 16.30 12.31 31.51
C PRO B 857 17.67 12.54 30.87
N LEU B 858 17.90 11.97 29.70
CA LEU B 858 19.19 12.15 28.99
C LEU B 858 19.40 13.63 28.62
N THR B 859 18.35 14.27 28.09
CA THR B 859 18.46 15.66 27.66
C THR B 859 18.46 16.63 28.82
N ARG B 860 17.55 16.45 29.77
CA ARG B 860 17.47 17.36 30.94
C ARG B 860 18.73 17.30 31.79
N SER B 861 19.29 16.10 31.97
CA SER B 861 20.53 15.98 32.81
C SER B 861 21.71 16.75 32.18
N ILE B 862 21.72 16.83 30.85
CA ILE B 862 22.77 17.58 30.07
C ILE B 862 22.52 19.07 30.12
N ILE B 863 21.26 19.45 29.84
CA ILE B 863 20.86 20.87 29.90
C ILE B 863 21.24 21.48 31.24
N ALA B 864 20.98 20.74 32.31
CA ALA B 864 21.26 21.17 33.65
C ALA B 864 22.73 21.10 34.08
N GLN B 865 23.61 20.58 33.24
CA GLN B 865 24.97 20.27 33.61
C GLN B 865 24.99 19.40 34.87
N LEU B 866 24.06 18.49 34.98
CA LEU B 866 23.99 17.57 36.08
C LEU B 866 24.74 16.30 35.70
N ALA B 867 24.54 15.86 34.46
CA ALA B 867 25.26 14.72 33.90
C ALA B 867 26.73 15.07 33.81
N ASP B 868 27.58 14.25 34.43
CA ASP B 868 29.02 14.45 34.29
C ASP B 868 29.40 14.19 32.80
N PHE B 869 30.59 14.61 32.36
CA PHE B 869 31.02 14.44 30.96
C PHE B 869 30.90 13.00 30.49
N LYS B 870 31.32 12.05 31.31
CA LYS B 870 31.18 10.63 30.95
C LYS B 870 29.68 10.22 30.68
N LEU B 871 28.78 10.65 31.58
CA LEU B 871 27.38 10.29 31.48
C LEU B 871 26.68 10.99 30.30
N ALA B 872 26.98 12.27 30.12
CA ALA B 872 26.51 13.01 28.98
C ALA B 872 26.91 12.35 27.67
N THR B 873 28.16 11.89 27.61
CA THR B 873 28.72 11.28 26.40
C THR B 873 28.04 9.96 26.16
N ARG B 874 27.83 9.20 27.23
CA ARG B 874 27.04 7.98 27.11
C ARG B 874 25.59 8.31 26.66
N ASN B 875 24.98 9.33 27.25
CA ASN B 875 23.59 9.70 26.85
C ASN B 875 23.45 9.86 25.34
N LEU B 876 24.39 10.60 24.76
CA LEU B 876 24.39 10.83 23.33
C LEU B 876 24.54 9.53 22.52
N GLU B 877 25.34 8.58 23.01
CA GLU B 877 25.45 7.28 22.31
C GLU B 877 24.18 6.51 22.36
N ILE B 878 23.52 6.53 23.51
CA ILE B 878 22.21 5.85 23.70
C ILE B 878 21.16 6.44 22.74
N ILE B 879 21.17 7.76 22.62
CA ILE B 879 20.28 8.45 21.65
C ILE B 879 20.59 7.97 20.19
N ASP B 880 21.86 8.07 19.80
CA ASP B 880 22.32 7.66 18.47
C ASP B 880 21.89 6.24 18.15
N GLU B 881 22.04 5.36 19.12
CA GLU B 881 21.85 3.94 18.89
C GLU B 881 20.42 3.49 19.01
N HIS B 882 19.62 4.14 19.86
CA HIS B 882 18.27 3.65 20.20
C HIS B 882 17.06 4.61 19.96
N LEU B 883 17.32 5.89 19.79
CA LEU B 883 16.29 6.90 19.77
C LEU B 883 16.31 7.81 18.53
N ALA B 884 17.47 8.01 17.90
CA ALA B 884 17.62 8.90 16.73
C ALA B 884 16.96 8.33 15.47
N CYS B 885 16.08 9.14 14.86
CA CYS B 885 15.46 8.83 13.56
C CYS B 885 15.64 9.95 12.58
N PRO B 886 15.41 9.66 11.30
CA PRO B 886 15.48 10.74 10.31
C PRO B 886 14.56 11.92 10.58
N ASP B 887 13.42 11.66 11.26
CA ASP B 887 12.46 12.74 11.62
C ASP B 887 12.66 13.41 12.99
N GLY B 888 13.73 13.02 13.67
CA GLY B 888 14.11 13.56 14.97
C GLY B 888 14.37 12.42 15.98
N VAL B 889 14.68 12.82 17.19
CA VAL B 889 14.87 11.87 18.30
C VAL B 889 13.55 11.52 18.98
N ARG B 890 13.43 10.25 19.31
CA ARG B 890 12.25 9.69 19.92
C ARG B 890 12.28 9.61 21.45
N LEU B 891 11.08 9.63 22.03
CA LEU B 891 10.91 9.75 23.48
C LEU B 891 11.28 8.46 24.28
N MET B 892 11.09 7.33 23.63
CA MET B 892 11.47 6.01 24.13
C MET B 892 11.87 5.15 22.93
N ASP B 893 12.54 4.05 23.22
CA ASP B 893 13.01 3.11 22.17
C ASP B 893 11.95 2.05 21.73
N HIS B 894 10.74 2.13 22.27
CA HIS B 894 9.65 1.20 21.85
C HIS B 894 8.34 1.86 22.31
N PRO B 895 7.22 1.57 21.61
CA PRO B 895 5.94 2.14 22.05
C PRO B 895 5.51 1.69 23.43
N ALA B 896 4.69 2.52 24.06
CA ALA B 896 4.02 2.13 25.31
C ALA B 896 3.14 0.90 25.02
N SER B 897 2.76 0.16 26.06
CA SER B 897 1.93 -1.03 25.86
C SER B 897 0.60 -0.62 25.24
N TYR B 898 0.05 -1.49 24.42
CA TYR B 898 -1.33 -1.39 24.00
C TYR B 898 -1.90 -2.83 23.89
N SER B 899 -2.98 -3.09 24.63
CA SER B 899 -3.63 -4.42 24.64
C SER B 899 -5.16 -4.32 24.60
N GLY B 900 -5.64 -3.31 23.87
CA GLY B 900 -7.07 -3.13 23.66
C GLY B 900 -7.66 -1.97 24.43
N GLY B 901 -6.82 -1.25 25.18
CA GLY B 901 -7.23 0.03 25.77
C GLY B 901 -7.18 0.18 27.26
N ILE B 902 -7.03 -0.93 27.98
CA ILE B 902 -6.91 -0.89 29.43
C ILE B 902 -5.48 -0.55 29.80
N SER B 903 -5.30 0.37 30.75
CA SER B 903 -3.99 0.76 31.24
C SER B 903 -3.43 -0.21 32.31
N LYS B 904 -2.13 -0.52 32.22
CA LYS B 904 -1.40 -1.25 33.30
C LYS B 904 -0.44 -0.37 34.15
N ILE B 905 0.38 0.41 33.46
CA ILE B 905 1.39 1.25 34.10
C ILE B 905 1.09 2.77 33.87
N PHE B 906 0.99 3.14 32.60
CA PHE B 906 0.72 4.51 32.20
C PHE B 906 -0.72 4.69 31.69
N LEU B 907 -1.29 5.85 31.91
CA LEU B 907 -2.72 6.00 31.51
C LEU B 907 -2.87 6.22 30.01
N ARG B 908 -2.80 7.47 29.52
CA ARG B 908 -3.22 7.72 28.10
C ARG B 908 -2.29 7.10 27.08
N ALA B 909 -1.01 6.96 27.45
CA ALA B 909 -0.05 6.25 26.57
C ALA B 909 -0.50 4.83 26.22
N GLU B 910 -1.23 4.19 27.14
CA GLU B 910 -1.76 2.81 26.88
C GLU B 910 -3.21 2.75 26.43
N GLN B 911 -3.86 3.91 26.46
CA GLN B 911 -5.25 4.03 25.96
C GLN B 911 -5.39 4.53 24.50
N ALA B 912 -4.43 5.33 24.03
CA ALA B 912 -4.56 5.90 22.69
C ALA B 912 -4.52 4.79 21.62
N ALA B 913 -5.60 4.72 20.83
CA ALA B 913 -5.69 3.78 19.69
C ALA B 913 -4.93 4.32 18.48
N ASN B 914 -4.84 5.65 18.42
CA ASN B 914 -4.19 6.41 17.33
C ASN B 914 -2.66 6.59 17.56
N VAL B 915 -1.88 6.29 16.54
CA VAL B 915 -0.46 6.57 16.60
C VAL B 915 -0.28 8.08 16.32
N GLY B 916 -0.21 8.86 17.38
CA GLY B 916 -0.12 10.33 17.23
C GLY B 916 0.20 11.04 18.54
N ARG B 917 0.31 12.39 18.47
CA ARG B 917 0.60 13.19 19.62
C ARG B 917 1.85 12.61 20.32
N GLU B 918 1.86 12.53 21.66
CA GLU B 918 3.04 11.99 22.40
C GLU B 918 3.30 10.50 22.09
N ILE B 919 2.21 9.78 21.73
CA ILE B 919 2.23 8.32 21.40
C ILE B 919 3.08 8.05 20.13
N SER B 920 3.17 9.07 19.24
CA SER B 920 4.07 9.06 18.07
C SER B 920 5.57 8.80 18.43
N LEU B 921 5.89 9.12 19.69
CA LEU B 921 7.28 9.10 20.27
C LEU B 921 8.17 10.12 19.65
N GLN B 922 7.67 10.96 18.72
CA GLN B 922 8.48 12.16 18.32
C GLN B 922 7.65 13.37 18.57
N TYR B 923 7.70 13.81 19.84
CA TYR B 923 6.96 14.99 20.30
C TYR B 923 7.98 16.15 20.22
N VAL B 924 7.72 17.09 19.34
CA VAL B 924 8.80 17.97 18.78
C VAL B 924 9.44 18.80 19.87
N HIS B 925 8.64 19.22 20.83
CA HIS B 925 9.16 19.89 22.00
C HIS B 925 10.34 19.16 22.64
N ALA B 926 10.23 17.84 22.79
CA ALA B 926 11.33 17.08 23.36
C ALA B 926 12.56 17.03 22.45
N HIS B 927 12.32 16.97 21.14
CA HIS B 927 13.40 17.09 20.13
C HIS B 927 14.09 18.45 20.22
N ILE B 928 13.32 19.50 20.48
CA ILE B 928 13.92 20.84 20.70
C ILE B 928 14.83 20.87 21.95
N ARG B 929 14.43 20.19 23.01
CA ARG B 929 15.28 20.04 24.19
C ARG B 929 16.58 19.28 23.88
N TYR B 930 16.46 18.28 22.99
CA TYR B 930 17.66 17.57 22.49
C TYR B 930 18.62 18.52 21.79
N ILE B 931 18.07 19.44 20.99
CA ILE B 931 18.88 20.48 20.35
C ILE B 931 19.60 21.33 21.41
N GLU B 932 18.86 21.71 22.44
CA GLU B 932 19.41 22.47 23.56
C GLU B 932 20.58 21.72 24.27
N ALA B 933 20.40 20.41 24.45
CA ALA B 933 21.43 19.55 25.02
C ALA B 933 22.66 19.47 24.14
N LEU B 934 22.47 19.31 22.84
CA LEU B 934 23.56 19.35 21.89
C LEU B 934 24.33 20.67 21.91
N ALA B 935 23.61 21.76 22.02
CA ALA B 935 24.20 23.09 22.04
C ALA B 935 25.03 23.25 23.30
N THR B 936 24.49 22.78 24.45
CA THR B 936 25.19 22.80 25.72
C THR B 936 26.56 22.08 25.59
N MET B 937 26.57 20.97 24.88
CA MET B 937 27.77 20.22 24.63
C MET B 937 28.66 20.72 23.49
N GLY B 938 28.17 21.68 22.73
CA GLY B 938 28.89 22.31 21.63
C GLY B 938 28.94 21.50 20.38
N LEU B 939 27.99 20.59 20.20
CA LEU B 939 27.99 19.69 19.05
C LEU B 939 27.24 20.34 17.87
N SER B 940 27.93 21.22 17.15
CA SER B 940 27.24 22.12 16.22
C SER B 940 26.66 21.38 15.04
N LYS B 941 27.33 20.37 14.54
CA LYS B 941 26.85 19.62 13.38
C LYS B 941 25.55 18.89 13.68
N LYS B 942 25.56 18.12 14.75
CA LYS B 942 24.35 17.45 15.21
C LYS B 942 23.23 18.43 15.56
N ALA B 943 23.58 19.56 16.21
CA ALA B 943 22.59 20.52 16.68
C ALA B 943 21.85 21.16 15.45
N TRP B 944 22.64 21.59 14.44
CA TRP B 944 22.09 22.25 13.25
C TRP B 944 21.37 21.25 12.35
N ASP B 945 21.88 20.02 12.27
CA ASP B 945 21.15 18.98 11.60
C ASP B 945 19.76 18.75 12.28
N ALA B 946 19.76 18.67 13.61
CA ALA B 946 18.52 18.47 14.38
C ALA B 946 17.54 19.63 14.26
N LEU B 947 18.05 20.84 14.19
CA LEU B 947 17.24 22.03 13.94
C LEU B 947 16.45 21.96 12.63
N MET B 948 17.10 21.42 11.60
CA MET B 948 16.55 21.30 10.29
C MET B 948 15.55 20.15 10.15
N ARG B 949 15.75 19.09 10.89
CA ARG B 949 14.88 17.91 10.78
C ARG B 949 13.43 18.16 11.19
N ILE B 950 13.22 19.20 12.00
CA ILE B 950 11.88 19.59 12.47
C ILE B 950 11.52 21.00 11.91
N ASN B 951 12.26 21.49 10.92
CA ASN B 951 11.89 22.78 10.30
C ASN B 951 10.95 22.46 9.16
N PRO B 952 9.71 23.00 9.20
CA PRO B 952 8.73 22.56 8.19
C PRO B 952 8.98 23.11 6.76
N ILE B 953 9.85 24.11 6.66
CA ILE B 953 10.22 24.64 5.34
C ILE B 953 11.09 23.62 4.58
N LEU B 954 10.60 23.21 3.42
CA LEU B 954 11.26 22.23 2.54
C LEU B 954 11.67 21.00 3.31
N LEU B 955 10.80 20.61 4.23
CA LEU B 955 11.05 19.45 5.08
C LEU B 955 11.22 18.15 4.29
N THR B 956 10.40 17.96 3.27
CA THR B 956 10.49 16.74 2.48
C THR B 956 11.81 16.61 1.73
N ASP B 957 12.46 17.70 1.37
CA ASP B 957 13.82 17.61 0.81
C ASP B 957 14.83 17.20 1.90
N TYR B 958 14.65 17.68 3.13
CA TYR B 958 15.61 17.35 4.21
C TYR B 958 15.42 15.93 4.77
N VAL B 959 14.18 15.52 4.95
CA VAL B 959 13.82 14.22 5.61
C VAL B 959 12.99 13.45 4.58
N PRO B 960 13.64 12.60 3.76
CA PRO B 960 12.93 12.03 2.54
C PRO B 960 11.67 11.23 2.86
N ASN B 961 11.59 10.68 4.06
CA ASN B 961 10.38 9.88 4.45
C ASN B 961 9.27 10.75 5.14
N ALA B 962 9.49 12.06 5.25
CA ALA B 962 8.48 12.96 5.82
C ALA B 962 7.46 13.31 4.72
N LEU B 963 6.19 13.20 5.07
CA LEU B 963 5.13 13.68 4.18
C LEU B 963 5.00 15.22 4.34
N THR B 964 4.67 15.91 3.24
CA THR B 964 4.60 17.34 3.31
C THR B 964 3.40 17.78 4.22
N ARG B 965 3.53 18.99 4.76
CA ARG B 965 2.53 19.60 5.65
C ARG B 965 2.72 21.11 5.53
N GLN B 966 1.84 21.83 6.18
CA GLN B 966 1.86 23.26 6.15
C GLN B 966 3.24 23.78 6.52
N SER B 967 3.82 24.62 5.66
CA SER B 967 5.26 24.98 5.80
C SER B 967 5.49 26.19 6.66
N ASN B 968 4.43 26.93 7.01
CA ASN B 968 4.60 28.16 7.79
C ASN B 968 3.98 28.14 9.17
N VAL B 969 3.80 26.94 9.69
CA VAL B 969 3.23 26.75 11.00
C VAL B 969 3.98 25.63 11.73
N TYR B 970 4.06 25.73 13.05
CA TYR B 970 4.73 24.72 13.86
C TYR B 970 3.90 23.41 13.94
N PHE B 971 4.55 22.27 13.82
CA PHE B 971 3.92 20.95 13.99
C PHE B 971 4.46 20.30 15.30
N SER B 972 3.53 19.77 16.09
CA SER B 972 3.84 19.38 17.45
C SER B 972 4.38 17.97 17.62
N SER B 973 4.15 17.12 16.62
CA SER B 973 4.60 15.73 16.63
C SER B 973 4.85 15.21 15.23
N SER B 974 5.62 14.11 15.18
CA SER B 974 5.89 13.39 13.94
C SER B 974 5.59 11.92 14.18
N GLU B 975 4.61 11.39 13.42
CA GLU B 975 4.13 10.01 13.61
C GLU B 975 4.24 9.15 12.37
N GLY B 976 4.68 7.92 12.60
CA GLY B 976 4.77 6.97 11.52
C GLY B 976 3.35 6.69 11.01
N CYS B 977 3.23 6.39 9.72
CA CYS B 977 1.96 6.06 9.07
C CYS B 977 1.57 4.61 9.41
N PHE B 978 1.29 4.39 10.70
CA PHE B 978 0.84 3.07 11.21
C PHE B 978 -0.67 3.22 11.52
N ASP B 979 -1.46 2.30 10.97
CA ASP B 979 -2.89 2.33 11.08
C ASP B 979 -3.42 2.02 12.50
N ASP B 980 -2.64 1.26 13.27
CA ASP B 980 -3.01 0.90 14.62
C ASP B 980 -1.79 0.66 15.48
N ARG B 981 -2.03 0.51 16.77
CA ARG B 981 -0.97 0.28 17.78
C ARG B 981 -0.20 -1.04 17.65
N TYR B 982 -0.88 -2.08 17.13
CA TYR B 982 -0.29 -3.40 16.96
C TYR B 982 0.77 -3.40 15.84
N GLU B 983 0.41 -2.83 14.70
CA GLU B 983 1.35 -2.63 13.61
C GLU B 983 2.53 -1.71 14.02
N TYR B 984 2.21 -0.68 14.82
CA TYR B 984 3.24 0.27 15.33
C TYR B 984 4.29 -0.47 16.13
N ALA B 985 3.83 -1.34 17.05
CA ALA B 985 4.75 -2.08 17.94
C ALA B 985 5.61 -3.04 17.12
N LYS B 986 4.92 -3.78 16.24
CA LYS B 986 5.56 -4.75 15.38
C LYS B 986 6.63 -4.16 14.46
N ASN B 987 6.32 -3.05 13.81
CA ASN B 987 7.23 -2.51 12.78
C ASN B 987 7.85 -1.19 13.16
N PHE B 988 7.95 -0.99 14.47
CA PHE B 988 8.53 0.20 15.09
C PHE B 988 9.89 0.58 14.47
N ASP B 989 10.73 -0.44 14.23
CA ASP B 989 12.12 -0.19 13.76
C ASP B 989 12.21 0.54 12.38
N LYS B 990 11.13 0.47 11.58
CA LYS B 990 11.04 1.24 10.34
C LYS B 990 11.27 2.77 10.54
N LEU B 991 10.89 3.29 11.72
CA LEU B 991 11.08 4.69 12.05
C LEU B 991 12.57 5.03 12.07
N ARG B 992 13.34 4.18 12.72
CA ARG B 992 14.82 4.37 12.85
C ARG B 992 15.51 4.44 11.45
N THR B 993 15.08 3.60 10.54
CA THR B 993 15.73 3.43 9.22
C THR B 993 15.02 4.19 8.09
N GLY B 994 13.93 4.92 8.40
CA GLY B 994 13.23 5.71 7.33
C GLY B 994 12.45 4.86 6.31
N ASP B 995 12.01 3.69 6.74
CA ASP B 995 11.26 2.76 5.86
C ASP B 995 9.75 2.79 6.03
N ILE B 996 9.28 3.77 6.79
CA ILE B 996 7.90 4.12 6.86
C ILE B 996 7.84 5.65 6.69
N ASN B 997 6.77 6.12 6.06
CA ASN B 997 6.52 7.54 5.99
C ASN B 997 6.08 8.06 7.37
N VAL B 998 6.38 9.34 7.62
CA VAL B 998 5.96 10.04 8.81
C VAL B 998 5.21 11.33 8.44
N LYS B 999 4.21 11.69 9.22
CA LYS B 999 3.35 12.81 8.92
C LYS B 999 3.25 13.69 10.18
N GLY B 1000 2.83 14.93 9.98
CA GLY B 1000 2.81 15.96 11.05
C GLY B 1000 1.56 15.88 11.95
N GLY B 1001 1.76 16.25 13.20
CA GLY B 1001 0.68 16.36 14.15
C GLY B 1001 0.05 17.74 14.24
N TRP B 1002 -0.58 17.99 15.39
CA TRP B 1002 -1.35 19.19 15.66
C TRP B 1002 -0.48 20.43 15.49
N ARG B 1003 -1.10 21.47 14.96
CA ARG B 1003 -0.38 22.66 14.54
C ARG B 1003 -0.52 23.80 15.55
N LEU B 1004 0.54 24.61 15.60
CA LEU B 1004 0.48 26.00 16.07
C LEU B 1004 0.59 26.15 17.57
N TYR B 1005 -0.38 25.59 18.30
CA TYR B 1005 -0.45 25.77 19.76
C TYR B 1005 0.52 24.80 20.47
N SER B 1006 1.61 25.35 20.95
CA SER B 1006 2.69 24.61 21.57
C SER B 1006 3.73 25.61 22.16
N SER B 1007 4.50 25.14 23.14
CA SER B 1007 5.70 25.91 23.59
C SER B 1007 6.81 25.84 22.54
N GLY B 1008 6.70 24.89 21.61
CA GLY B 1008 7.75 24.66 20.63
C GLY B 1008 8.24 25.86 19.90
N PRO B 1009 7.32 26.67 19.34
CA PRO B 1009 7.78 27.83 18.58
C PRO B 1009 8.67 28.71 19.39
N GLY B 1010 8.25 29.02 20.62
CA GLY B 1010 9.04 29.92 21.48
C GLY B 1010 10.36 29.29 21.94
N ILE B 1011 10.35 27.99 22.24
CA ILE B 1011 11.62 27.34 22.69
C ILE B 1011 12.55 27.09 21.53
N TYR B 1012 11.99 26.92 20.32
CA TYR B 1012 12.77 26.79 19.07
C TYR B 1012 13.49 28.10 18.80
N ILE B 1013 12.77 29.22 18.97
CA ILE B 1013 13.35 30.52 18.78
C ILE B 1013 14.50 30.71 19.74
N ARG B 1014 14.32 30.32 20.98
CA ARG B 1014 15.41 30.41 21.97
C ARG B 1014 16.63 29.55 21.58
N ARG B 1015 16.41 28.33 21.09
CA ARG B 1015 17.50 27.55 20.56
C ARG B 1015 18.30 28.25 19.44
N ILE B 1016 17.58 28.82 18.48
CA ILE B 1016 18.19 29.52 17.39
C ILE B 1016 19.05 30.66 17.88
N ILE B 1017 18.44 31.52 18.67
CA ILE B 1017 19.06 32.84 18.98
C ILE B 1017 20.07 32.66 20.14
N ALA B 1018 19.62 32.02 21.21
CA ALA B 1018 20.41 31.97 22.46
C ALA B 1018 21.52 30.86 22.46
N ASP B 1019 21.16 29.67 21.98
CA ASP B 1019 21.98 28.48 22.13
C ASP B 1019 22.89 28.18 20.93
N LEU B 1020 22.44 28.54 19.72
CA LEU B 1020 23.16 28.23 18.49
C LEU B 1020 23.86 29.48 17.94
N LEU B 1021 23.09 30.50 17.59
CA LEU B 1021 23.67 31.79 17.24
C LEU B 1021 24.40 32.39 18.46
N GLY B 1022 24.01 31.95 19.64
CA GLY B 1022 24.76 32.21 20.85
C GLY B 1022 24.67 33.58 21.47
N ILE B 1023 23.54 34.29 21.25
CA ILE B 1023 23.36 35.63 21.79
C ILE B 1023 22.39 35.58 22.96
N ARG B 1024 22.90 35.76 24.17
CA ARG B 1024 22.11 35.70 25.42
C ARG B 1024 22.36 36.88 26.31
N PHE B 1025 21.38 37.17 27.14
CA PHE B 1025 21.40 38.36 28.01
C PHE B 1025 21.43 37.97 29.47
N GLY B 1026 22.22 38.73 30.23
CA GLY B 1026 22.30 38.64 31.70
C GLY B 1026 22.23 40.04 32.36
N HIS B 1027 22.28 40.10 33.69
CA HIS B 1027 22.25 41.39 34.40
C HIS B 1027 23.43 42.29 33.94
N ASN B 1028 23.15 43.32 33.15
CA ASN B 1028 24.17 44.28 32.62
C ASN B 1028 25.37 43.61 31.93
N VAL B 1029 25.08 42.51 31.26
CA VAL B 1029 26.06 41.78 30.52
C VAL B 1029 25.39 41.20 29.26
N ILE B 1030 26.23 40.88 28.30
CA ILE B 1030 25.85 40.05 27.17
C ILE B 1030 26.75 38.84 27.22
N HIS B 1031 26.16 37.69 26.93
CA HIS B 1031 26.83 36.41 26.81
C HIS B 1031 26.81 36.03 25.33
N ILE B 1032 27.97 35.76 24.80
CA ILE B 1032 28.18 35.38 23.44
C ILE B 1032 28.77 33.99 23.44
N ASP B 1033 28.06 33.02 22.89
CA ASP B 1033 28.43 31.59 23.01
C ASP B 1033 27.91 30.71 21.90
N PRO B 1034 28.41 30.92 20.69
CA PRO B 1034 27.76 30.31 19.55
C PRO B 1034 28.13 28.89 19.48
N VAL B 1035 27.25 28.14 18.86
CA VAL B 1035 27.48 26.75 18.51
C VAL B 1035 27.01 26.66 17.08
N VAL B 1036 27.93 26.96 16.18
CA VAL B 1036 27.67 27.08 14.75
C VAL B 1036 28.56 26.16 13.93
N THR B 1037 28.06 25.79 12.76
CA THR B 1037 28.85 25.02 11.78
C THR B 1037 29.62 25.96 10.85
N LYS B 1038 30.54 25.34 10.11
CA LYS B 1038 31.44 26.03 9.15
C LYS B 1038 30.67 26.80 8.11
N GLU B 1039 29.53 26.28 7.70
CA GLU B 1039 28.74 26.97 6.70
C GLU B 1039 28.20 28.34 7.19
N LEU B 1040 28.14 28.56 8.51
CA LEU B 1040 27.84 29.90 9.02
C LEU B 1040 29.04 30.86 9.04
N ASP B 1041 30.23 30.35 8.69
CA ASP B 1041 31.37 31.18 8.46
C ASP B 1041 31.04 32.26 7.41
N GLY B 1042 31.18 33.51 7.85
CA GLY B 1042 30.94 34.65 6.94
C GLY B 1042 29.50 35.14 6.90
N VAL B 1043 28.63 34.46 7.67
CA VAL B 1043 27.23 34.86 7.78
C VAL B 1043 27.16 35.89 8.90
N THR B 1044 26.27 36.87 8.72
CA THR B 1044 26.02 37.88 9.69
C THR B 1044 24.59 37.81 10.25
N LEU B 1045 24.50 38.01 11.55
CA LEU B 1045 23.24 38.22 12.25
C LEU B 1045 23.04 39.65 12.66
N GLN B 1046 21.98 40.23 12.11
CA GLN B 1046 21.45 41.49 12.65
C GLN B 1046 20.60 41.20 13.86
N PHE B 1047 20.85 41.91 14.94
CA PHE B 1047 20.06 41.75 16.13
C PHE B 1047 20.16 42.98 16.99
N THR B 1048 19.03 43.38 17.55
CA THR B 1048 18.95 44.54 18.46
C THR B 1048 19.24 44.12 19.91
N CYS B 1049 20.31 44.69 20.47
CA CYS B 1049 20.85 44.34 21.78
C CYS B 1049 20.82 45.56 22.70
N PHE B 1050 20.15 45.45 23.85
CA PHE B 1050 19.94 46.61 24.76
C PHE B 1050 19.49 47.84 23.97
N GLY B 1051 18.63 47.64 22.96
CA GLY B 1051 18.07 48.74 22.21
C GLY B 1051 18.95 49.28 21.11
N LYS B 1052 20.10 48.66 20.88
CA LYS B 1052 21.03 49.02 19.81
C LYS B 1052 21.15 47.92 18.74
N THR B 1053 20.91 48.27 17.48
CA THR B 1053 21.11 47.31 16.39
C THR B 1053 22.58 47.08 16.14
N VAL B 1054 22.95 45.81 16.17
CA VAL B 1054 24.33 45.38 15.90
C VAL B 1054 24.31 44.28 14.87
N PHE B 1055 25.48 44.02 14.33
CA PHE B 1055 25.67 43.02 13.28
C PHE B 1055 26.78 42.11 13.76
N PHE B 1056 26.40 40.86 14.06
CA PHE B 1056 27.35 39.84 14.51
C PHE B 1056 27.76 39.00 13.30
N THR B 1057 29.02 39.08 12.90
CA THR B 1057 29.54 38.25 11.82
C THR B 1057 30.36 37.08 12.36
N TYR B 1058 30.02 35.85 11.94
CA TYR B 1058 30.63 34.65 12.46
C TYR B 1058 31.84 34.22 11.62
N HIS B 1059 32.90 33.85 12.33
CA HIS B 1059 34.07 33.17 11.72
C HIS B 1059 34.36 31.90 12.50
N VAL B 1060 34.32 30.77 11.82
CA VAL B 1060 34.68 29.50 12.39
C VAL B 1060 36.12 29.18 12.08
N ASP B 1061 36.97 29.15 13.07
CA ASP B 1061 38.42 29.00 12.87
C ASP B 1061 38.97 27.91 13.81
N ASP B 1062 39.17 26.72 13.24
CA ASP B 1062 39.78 25.55 13.95
C ASP B 1062 41.27 25.70 14.40
N THR B 1063 41.97 26.73 13.91
CA THR B 1063 43.40 26.98 14.25
C THR B 1063 43.62 28.01 15.38
N MET B 1064 42.56 28.59 15.94
CA MET B 1064 42.72 29.56 17.04
C MET B 1064 43.23 28.87 18.27
N ASP B 1065 43.83 29.65 19.15
CA ASP B 1065 44.31 29.18 20.44
C ASP B 1065 43.14 29.20 21.45
N LYS B 1066 42.47 30.32 21.59
CA LYS B 1066 41.31 30.45 22.51
C LYS B 1066 40.08 29.80 21.85
N HIS B 1067 39.04 29.51 22.64
CA HIS B 1067 37.76 29.08 22.08
C HIS B 1067 37.02 30.18 21.32
N ILE B 1068 37.05 31.36 21.88
CA ILE B 1068 36.28 32.48 21.35
C ILE B 1068 36.98 33.83 21.53
N CYS B 1069 36.72 34.69 20.58
CA CYS B 1069 37.23 36.02 20.62
C CYS B 1069 36.19 36.92 19.94
N VAL B 1070 35.86 38.07 20.51
CA VAL B 1070 34.97 39.00 19.81
C VAL B 1070 35.63 40.37 19.60
N LYS B 1071 35.55 40.85 18.37
CA LYS B 1071 36.21 42.11 17.96
C LYS B 1071 35.24 43.10 17.35
N SER B 1072 35.45 44.37 17.68
CA SER B 1072 34.81 45.49 17.02
C SER B 1072 35.91 46.50 16.68
N ASN B 1073 35.87 47.03 15.47
CA ASN B 1073 36.92 47.96 15.00
C ASN B 1073 38.32 47.37 15.31
N ASN B 1074 38.46 46.08 15.05
CA ASN B 1074 39.64 45.28 15.38
C ASN B 1074 40.06 45.17 16.88
N ASN B 1075 39.39 45.84 17.81
CA ASN B 1075 39.68 45.69 19.24
C ASN B 1075 38.97 44.49 19.83
N ILE B 1076 39.72 43.69 20.57
CA ILE B 1076 39.22 42.53 21.24
C ILE B 1076 38.43 43.01 22.46
N LEU B 1077 37.21 42.51 22.61
CA LEU B 1077 36.39 42.96 23.70
C LEU B 1077 36.78 42.17 24.93
N PRO B 1078 37.00 42.85 26.08
CA PRO B 1078 37.34 42.15 27.29
C PRO B 1078 36.09 41.55 27.94
N GLY B 1079 36.30 40.46 28.65
CA GLY B 1079 35.26 39.86 29.45
C GLY B 1079 35.73 38.56 30.09
N ASP B 1080 34.79 37.81 30.64
CA ASP B 1080 35.08 36.59 31.41
C ASP B 1080 34.54 35.36 30.69
N ASN B 1081 35.12 34.22 30.94
CA ASN B 1081 34.63 32.99 30.30
C ASN B 1081 33.44 32.39 31.02
N LEU B 1082 32.50 31.86 30.26
CA LEU B 1082 31.31 31.21 30.85
C LEU B 1082 31.68 29.83 31.38
N ASN B 1083 30.85 29.29 32.23
CA ASN B 1083 31.07 28.02 32.85
C ASN B 1083 30.36 26.96 32.06
N ASN B 1084 31.10 25.94 31.66
CA ASN B 1084 30.48 24.84 30.92
C ASN B 1084 31.35 23.62 31.14
N ILE B 1085 30.77 22.56 31.69
CA ILE B 1085 31.58 21.40 32.09
C ILE B 1085 31.94 20.52 30.91
N TYR B 1086 31.27 20.72 29.77
CA TYR B 1086 31.43 19.83 28.63
C TYR B 1086 32.42 20.28 27.56
N ARG B 1087 32.81 21.54 27.59
CA ARG B 1087 33.55 22.16 26.49
C ARG B 1087 34.06 23.50 26.96
N ASP B 1088 34.81 24.20 26.13
CA ASP B 1088 35.15 25.62 26.45
C ASP B 1088 33.93 26.51 26.41
N GLY B 1089 33.84 27.42 27.36
CA GLY B 1089 32.69 28.28 27.50
C GLY B 1089 32.76 29.49 26.57
N GLY B 1090 31.62 30.16 26.42
CA GLY B 1090 31.57 31.42 25.70
C GLY B 1090 32.18 32.55 26.47
N ILE B 1091 31.84 33.78 26.11
CA ILE B 1091 32.33 34.98 26.76
C ILE B 1091 31.21 35.89 27.30
N GLN B 1092 31.43 36.42 28.50
CA GLN B 1092 30.58 37.39 29.12
C GLN B 1092 31.22 38.77 28.98
N ILE B 1093 30.50 39.70 28.39
CA ILE B 1093 31.02 41.07 28.14
C ILE B 1093 30.08 42.07 28.78
N ALA B 1094 30.64 43.02 29.50
CA ALA B 1094 29.81 43.99 30.18
C ALA B 1094 29.05 44.82 29.16
N LYS B 1095 27.85 45.20 29.58
CA LYS B 1095 26.96 45.96 28.75
C LYS B 1095 27.56 47.32 28.38
N ASP B 1096 28.12 48.04 29.36
CA ASP B 1096 28.69 49.40 29.05
C ASP B 1096 29.82 49.28 28.01
N VAL B 1097 30.66 48.27 28.19
CA VAL B 1097 31.75 47.96 27.25
C VAL B 1097 31.22 47.61 25.88
N PHE B 1098 30.22 46.75 25.85
CA PHE B 1098 29.63 46.32 24.58
C PHE B 1098 29.03 47.51 23.84
N LEU B 1099 28.23 48.28 24.56
CA LEU B 1099 27.55 49.45 23.95
C LEU B 1099 28.51 50.54 23.48
N SER B 1100 29.56 50.74 24.27
CA SER B 1100 30.61 51.68 23.90
C SER B 1100 31.29 51.28 22.58
N ALA B 1101 31.68 50.02 22.46
CA ALA B 1101 32.26 49.55 21.17
C ALA B 1101 31.23 49.72 20.05
N ALA B 1102 29.96 49.45 20.37
CA ALA B 1102 28.88 49.51 19.36
C ALA B 1102 28.70 50.90 18.78
N MET B 1103 28.84 51.92 19.61
CA MET B 1103 28.83 53.34 19.12
C MET B 1103 29.90 53.65 18.06
N SER B 1104 31.14 53.16 18.23
CA SER B 1104 32.19 53.35 17.22
C SER B 1104 31.98 52.49 15.97
N ASP B 1105 31.63 51.23 16.21
CA ASP B 1105 31.48 50.25 15.12
C ASP B 1105 30.53 49.13 15.57
N ASN B 1106 29.36 49.08 14.93
CA ASN B 1106 28.35 48.15 15.34
C ASN B 1106 28.41 46.80 14.58
N ASN B 1107 29.49 46.57 13.82
CA ASN B 1107 29.75 45.25 13.17
C ASN B 1107 30.72 44.51 14.13
N PHE B 1108 30.18 43.59 14.94
CA PHE B 1108 30.98 42.70 15.83
C PHE B 1108 31.36 41.43 15.09
N HIS B 1109 32.63 41.07 15.18
CA HIS B 1109 33.13 39.87 14.56
C HIS B 1109 33.38 38.83 15.63
N ILE B 1110 32.78 37.65 15.48
CA ILE B 1110 32.88 36.55 16.47
C ILE B 1110 33.69 35.42 15.80
N TYR B 1111 34.82 35.13 16.41
CA TYR B 1111 35.74 34.09 16.00
C TYR B 1111 35.54 32.95 17.01
N VAL B 1112 35.19 31.76 16.53
CA VAL B 1112 34.87 30.66 17.43
C VAL B 1112 35.49 29.40 16.86
N LYS B 1113 35.98 28.55 17.76
CA LYS B 1113 36.56 27.28 17.40
C LYS B 1113 35.66 26.15 17.86
N ASN B 1114 35.27 25.25 16.95
CA ASN B 1114 34.46 24.06 17.31
C ASN B 1114 35.21 22.91 17.96
#